data_2B3M
# 
_entry.id   2B3M 
# 
_audit_conform.dict_name       mmcif_pdbx.dic 
_audit_conform.dict_version    5.387 
_audit_conform.dict_location   http://mmcif.pdb.org/dictionaries/ascii/mmcif_pdbx.dic 
# 
loop_
_database_2.database_id 
_database_2.database_code 
_database_2.pdbx_database_accession 
_database_2.pdbx_DOI 
PDB   2B3M         pdb_00002b3m 10.2210/pdb2b3m/pdb 
RCSB  RCSB034632   ?            ?                   
WWPDB D_1000034632 ?            ?                   
# 
loop_
_pdbx_audit_revision_history.ordinal 
_pdbx_audit_revision_history.data_content_type 
_pdbx_audit_revision_history.major_revision 
_pdbx_audit_revision_history.minor_revision 
_pdbx_audit_revision_history.revision_date 
1 'Structure model' 1 0 2005-11-01 
2 'Structure model' 1 1 2008-05-01 
3 'Structure model' 1 2 2011-07-13 
4 'Structure model' 1 3 2024-02-14 
# 
_pdbx_audit_revision_details.ordinal             1 
_pdbx_audit_revision_details.revision_ordinal    1 
_pdbx_audit_revision_details.data_content_type   'Structure model' 
_pdbx_audit_revision_details.provider            repository 
_pdbx_audit_revision_details.type                'Initial release' 
_pdbx_audit_revision_details.description         ? 
_pdbx_audit_revision_details.details             ? 
# 
loop_
_pdbx_audit_revision_group.ordinal 
_pdbx_audit_revision_group.revision_ordinal 
_pdbx_audit_revision_group.data_content_type 
_pdbx_audit_revision_group.group 
1 2 'Structure model' 'Version format compliance' 
2 3 'Structure model' 'Derived calculations'      
3 3 'Structure model' 'Version format compliance' 
4 4 'Structure model' 'Data collection'           
5 4 'Structure model' 'Database references'       
# 
loop_
_pdbx_audit_revision_category.ordinal 
_pdbx_audit_revision_category.revision_ordinal 
_pdbx_audit_revision_category.data_content_type 
_pdbx_audit_revision_category.category 
1 4 'Structure model' chem_comp_atom 
2 4 'Structure model' chem_comp_bond 
3 4 'Structure model' database_2     
# 
loop_
_pdbx_audit_revision_item.ordinal 
_pdbx_audit_revision_item.revision_ordinal 
_pdbx_audit_revision_item.data_content_type 
_pdbx_audit_revision_item.item 
1 4 'Structure model' '_database_2.pdbx_DOI'                
2 4 'Structure model' '_database_2.pdbx_database_accession' 
# 
_pdbx_database_status.status_code                     REL 
_pdbx_database_status.entry_id                        2B3M 
_pdbx_database_status.recvd_initial_deposition_date   2005-09-20 
_pdbx_database_status.deposit_site                    RCSB 
_pdbx_database_status.process_site                    RCSB 
_pdbx_database_status.status_code_sf                  REL 
_pdbx_database_status.status_code_mr                  ? 
_pdbx_database_status.SG_entry                        Y 
_pdbx_database_status.pdb_format_compatible           Y 
_pdbx_database_status.status_code_cs                  ? 
_pdbx_database_status.status_code_nmr_data            ? 
_pdbx_database_status.methods_development_category    ? 
# 
_pdbx_database_related.db_name        TargetDB 
_pdbx_database_related.db_id          APC5830 
_pdbx_database_related.details        . 
_pdbx_database_related.content_type   unspecified 
# 
loop_
_audit_author.name 
_audit_author.pdbx_ordinal 
'Chang, C.'                                     1 
'Skarina, T.'                                   2 
'Savchenko, A.'                                 3 
'Edwards, A.'                                   4 
'Joachimiak, A.'                                5 
'Midwest Center for Structural Genomics (MCSG)' 6 
# 
_citation.id                        primary 
_citation.title                     'Crystal structure of protein AF1124 from Archaeoglobus fulgidus' 
_citation.journal_abbrev            'To be Published' 
_citation.journal_volume            ? 
_citation.page_first                ? 
_citation.page_last                 ? 
_citation.year                      ? 
_citation.journal_id_ASTM           ? 
_citation.country                   ? 
_citation.journal_id_ISSN           ? 
_citation.journal_id_CSD            0353 
_citation.book_publisher            ? 
_citation.pdbx_database_id_PubMed   ? 
_citation.pdbx_database_id_DOI      ? 
# 
loop_
_citation_author.citation_id 
_citation_author.name 
_citation_author.ordinal 
_citation_author.identifier_ORCID 
primary 'Chang, C.'      1 ? 
primary 'Skarina, T.'    2 ? 
primary 'Savchenko, A.'  3 ? 
primary 'Edwards, A.'    4 ? 
primary 'Joachimiak, A.' 5 ? 
# 
loop_
_entity.id 
_entity.type 
_entity.src_method 
_entity.pdbx_description 
_entity.formula_weight 
_entity.pdbx_number_of_molecules 
_entity.pdbx_ec 
_entity.pdbx_mutation 
_entity.pdbx_fragment 
_entity.details 
1 polymer man 'hypothetical protein AF1124' 17631.512 1   ? ? ? ? 
2 water   nat water                         18.015    117 ? ? ? ? 
# 
_entity_poly.entity_id                      1 
_entity_poly.type                           'polypeptide(L)' 
_entity_poly.nstd_linkage                   no 
_entity_poly.nstd_monomer                   no 
_entity_poly.pdbx_seq_one_letter_code       
;MGGGEVKMMSLLEEMKGIYSKKGGKVKPFEKFEGELKEGYRFEYEKKLCEIDVAMFGLISGDLNPVHFDEDFASKTRFGG
RVVHGMLTTSLVSAAVARLPGTVVLLEQSFRYTSPVRIGDVVRVEGVVSGVEKNRYTIDVKCYTGDKVVAEGVVKVLIW
;
_entity_poly.pdbx_seq_one_letter_code_can   
;MGGGEVKMMSLLEEMKGIYSKKGGKVKPFEKFEGELKEGYRFEYEKKLCEIDVAMFGLISGDLNPVHFDEDFASKTRFGG
RVVHGMLTTSLVSAAVARLPGTVVLLEQSFRYTSPVRIGDVVRVEGVVSGVEKNRYTIDVKCYTGDKVVAEGVVKVLIW
;
_entity_poly.pdbx_strand_id                 A 
_entity_poly.pdbx_target_identifier         APC5830 
# 
_pdbx_entity_nonpoly.entity_id   2 
_pdbx_entity_nonpoly.name        water 
_pdbx_entity_nonpoly.comp_id     HOH 
# 
loop_
_entity_poly_seq.entity_id 
_entity_poly_seq.num 
_entity_poly_seq.mon_id 
_entity_poly_seq.hetero 
1 1   MET n 
1 2   GLY n 
1 3   GLY n 
1 4   GLY n 
1 5   GLU n 
1 6   VAL n 
1 7   LYS n 
1 8   MET n 
1 9   MET n 
1 10  SER n 
1 11  LEU n 
1 12  LEU n 
1 13  GLU n 
1 14  GLU n 
1 15  MET n 
1 16  LYS n 
1 17  GLY n 
1 18  ILE n 
1 19  TYR n 
1 20  SER n 
1 21  LYS n 
1 22  LYS n 
1 23  GLY n 
1 24  GLY n 
1 25  LYS n 
1 26  VAL n 
1 27  LYS n 
1 28  PRO n 
1 29  PHE n 
1 30  GLU n 
1 31  LYS n 
1 32  PHE n 
1 33  GLU n 
1 34  GLY n 
1 35  GLU n 
1 36  LEU n 
1 37  LYS n 
1 38  GLU n 
1 39  GLY n 
1 40  TYR n 
1 41  ARG n 
1 42  PHE n 
1 43  GLU n 
1 44  TYR n 
1 45  GLU n 
1 46  LYS n 
1 47  LYS n 
1 48  LEU n 
1 49  CYS n 
1 50  GLU n 
1 51  ILE n 
1 52  ASP n 
1 53  VAL n 
1 54  ALA n 
1 55  MET n 
1 56  PHE n 
1 57  GLY n 
1 58  LEU n 
1 59  ILE n 
1 60  SER n 
1 61  GLY n 
1 62  ASP n 
1 63  LEU n 
1 64  ASN n 
1 65  PRO n 
1 66  VAL n 
1 67  HIS n 
1 68  PHE n 
1 69  ASP n 
1 70  GLU n 
1 71  ASP n 
1 72  PHE n 
1 73  ALA n 
1 74  SER n 
1 75  LYS n 
1 76  THR n 
1 77  ARG n 
1 78  PHE n 
1 79  GLY n 
1 80  GLY n 
1 81  ARG n 
1 82  VAL n 
1 83  VAL n 
1 84  HIS n 
1 85  GLY n 
1 86  MET n 
1 87  LEU n 
1 88  THR n 
1 89  THR n 
1 90  SER n 
1 91  LEU n 
1 92  VAL n 
1 93  SER n 
1 94  ALA n 
1 95  ALA n 
1 96  VAL n 
1 97  ALA n 
1 98  ARG n 
1 99  LEU n 
1 100 PRO n 
1 101 GLY n 
1 102 THR n 
1 103 VAL n 
1 104 VAL n 
1 105 LEU n 
1 106 LEU n 
1 107 GLU n 
1 108 GLN n 
1 109 SER n 
1 110 PHE n 
1 111 ARG n 
1 112 TYR n 
1 113 THR n 
1 114 SER n 
1 115 PRO n 
1 116 VAL n 
1 117 ARG n 
1 118 ILE n 
1 119 GLY n 
1 120 ASP n 
1 121 VAL n 
1 122 VAL n 
1 123 ARG n 
1 124 VAL n 
1 125 GLU n 
1 126 GLY n 
1 127 VAL n 
1 128 VAL n 
1 129 SER n 
1 130 GLY n 
1 131 VAL n 
1 132 GLU n 
1 133 LYS n 
1 134 ASN n 
1 135 ARG n 
1 136 TYR n 
1 137 THR n 
1 138 ILE n 
1 139 ASP n 
1 140 VAL n 
1 141 LYS n 
1 142 CYS n 
1 143 TYR n 
1 144 THR n 
1 145 GLY n 
1 146 ASP n 
1 147 LYS n 
1 148 VAL n 
1 149 VAL n 
1 150 ALA n 
1 151 GLU n 
1 152 GLY n 
1 153 VAL n 
1 154 VAL n 
1 155 LYS n 
1 156 VAL n 
1 157 LEU n 
1 158 ILE n 
1 159 TRP n 
# 
_entity_src_gen.entity_id                          1 
_entity_src_gen.pdbx_src_id                        1 
_entity_src_gen.pdbx_alt_source_flag               sample 
_entity_src_gen.pdbx_seq_type                      ? 
_entity_src_gen.pdbx_beg_seq_num                   ? 
_entity_src_gen.pdbx_end_seq_num                   ? 
_entity_src_gen.gene_src_common_name               ? 
_entity_src_gen.gene_src_genus                     Archaeoglobus 
_entity_src_gen.pdbx_gene_src_gene                 ? 
_entity_src_gen.gene_src_species                   ? 
_entity_src_gen.gene_src_strain                    ? 
_entity_src_gen.gene_src_tissue                    ? 
_entity_src_gen.gene_src_tissue_fraction           ? 
_entity_src_gen.gene_src_details                   ? 
_entity_src_gen.pdbx_gene_src_fragment             ? 
_entity_src_gen.pdbx_gene_src_scientific_name      'Archaeoglobus fulgidus' 
_entity_src_gen.pdbx_gene_src_ncbi_taxonomy_id     2234 
_entity_src_gen.pdbx_gene_src_variant              ? 
_entity_src_gen.pdbx_gene_src_cell_line            ? 
_entity_src_gen.pdbx_gene_src_atcc                 ? 
_entity_src_gen.pdbx_gene_src_organ                ? 
_entity_src_gen.pdbx_gene_src_organelle            ? 
_entity_src_gen.pdbx_gene_src_cell                 ? 
_entity_src_gen.pdbx_gene_src_cellular_location    ? 
_entity_src_gen.host_org_common_name               ? 
_entity_src_gen.pdbx_host_org_scientific_name      'Escherichia coli BL21(DE3)' 
_entity_src_gen.pdbx_host_org_ncbi_taxonomy_id     469008 
_entity_src_gen.host_org_genus                     Escherichia 
_entity_src_gen.pdbx_host_org_gene                 ? 
_entity_src_gen.pdbx_host_org_organ                ? 
_entity_src_gen.host_org_species                   'Escherichia coli' 
_entity_src_gen.pdbx_host_org_tissue               ? 
_entity_src_gen.pdbx_host_org_tissue_fraction      ? 
_entity_src_gen.pdbx_host_org_strain               'BL21(DE3)' 
_entity_src_gen.pdbx_host_org_variant              ? 
_entity_src_gen.pdbx_host_org_cell_line            ? 
_entity_src_gen.pdbx_host_org_atcc                 ? 
_entity_src_gen.pdbx_host_org_culture_collection   ? 
_entity_src_gen.pdbx_host_org_cell                 ? 
_entity_src_gen.pdbx_host_org_organelle            ? 
_entity_src_gen.pdbx_host_org_cellular_location    ? 
_entity_src_gen.pdbx_host_org_vector_type          ? 
_entity_src_gen.pdbx_host_org_vector               ? 
_entity_src_gen.host_org_details                   ? 
_entity_src_gen.expression_system_id               ? 
_entity_src_gen.plasmid_name                       ? 
_entity_src_gen.plasmid_details                    ? 
_entity_src_gen.pdbx_description                   ? 
# 
loop_
_chem_comp.id 
_chem_comp.type 
_chem_comp.mon_nstd_flag 
_chem_comp.name 
_chem_comp.pdbx_synonyms 
_chem_comp.formula 
_chem_comp.formula_weight 
ALA 'L-peptide linking' y ALANINE         ? 'C3 H7 N O2'     89.093  
ARG 'L-peptide linking' y ARGININE        ? 'C6 H15 N4 O2 1' 175.209 
ASN 'L-peptide linking' y ASPARAGINE      ? 'C4 H8 N2 O3'    132.118 
ASP 'L-peptide linking' y 'ASPARTIC ACID' ? 'C4 H7 N O4'     133.103 
CYS 'L-peptide linking' y CYSTEINE        ? 'C3 H7 N O2 S'   121.158 
GLN 'L-peptide linking' y GLUTAMINE       ? 'C5 H10 N2 O3'   146.144 
GLU 'L-peptide linking' y 'GLUTAMIC ACID' ? 'C5 H9 N O4'     147.129 
GLY 'peptide linking'   y GLYCINE         ? 'C2 H5 N O2'     75.067  
HIS 'L-peptide linking' y HISTIDINE       ? 'C6 H10 N3 O2 1' 156.162 
HOH non-polymer         . WATER           ? 'H2 O'           18.015  
ILE 'L-peptide linking' y ISOLEUCINE      ? 'C6 H13 N O2'    131.173 
LEU 'L-peptide linking' y LEUCINE         ? 'C6 H13 N O2'    131.173 
LYS 'L-peptide linking' y LYSINE          ? 'C6 H15 N2 O2 1' 147.195 
MET 'L-peptide linking' y METHIONINE      ? 'C5 H11 N O2 S'  149.211 
PHE 'L-peptide linking' y PHENYLALANINE   ? 'C9 H11 N O2'    165.189 
PRO 'L-peptide linking' y PROLINE         ? 'C5 H9 N O2'     115.130 
SER 'L-peptide linking' y SERINE          ? 'C3 H7 N O3'     105.093 
THR 'L-peptide linking' y THREONINE       ? 'C4 H9 N O3'     119.119 
TRP 'L-peptide linking' y TRYPTOPHAN      ? 'C11 H12 N2 O2'  204.225 
TYR 'L-peptide linking' y TYROSINE        ? 'C9 H11 N O3'    181.189 
VAL 'L-peptide linking' y VALINE          ? 'C5 H11 N O2'    117.146 
# 
loop_
_pdbx_poly_seq_scheme.asym_id 
_pdbx_poly_seq_scheme.entity_id 
_pdbx_poly_seq_scheme.seq_id 
_pdbx_poly_seq_scheme.mon_id 
_pdbx_poly_seq_scheme.ndb_seq_num 
_pdbx_poly_seq_scheme.pdb_seq_num 
_pdbx_poly_seq_scheme.auth_seq_num 
_pdbx_poly_seq_scheme.pdb_mon_id 
_pdbx_poly_seq_scheme.auth_mon_id 
_pdbx_poly_seq_scheme.pdb_strand_id 
_pdbx_poly_seq_scheme.pdb_ins_code 
_pdbx_poly_seq_scheme.hetero 
A 1 1   MET 1   1   ?   ?   ?   A . n 
A 1 2   GLY 2   2   ?   ?   ?   A . n 
A 1 3   GLY 3   3   ?   ?   ?   A . n 
A 1 4   GLY 4   4   ?   ?   ?   A . n 
A 1 5   GLU 5   5   ?   ?   ?   A . n 
A 1 6   VAL 6   6   6   VAL VAL A . n 
A 1 7   LYS 7   7   7   LYS LYS A . n 
A 1 8   MET 8   8   8   MET MET A . n 
A 1 9   MET 9   9   9   MET MET A . n 
A 1 10  SER 10  10  10  SER SER A . n 
A 1 11  LEU 11  11  11  LEU LEU A . n 
A 1 12  LEU 12  12  12  LEU LEU A . n 
A 1 13  GLU 13  13  13  GLU GLU A . n 
A 1 14  GLU 14  14  14  GLU GLU A . n 
A 1 15  MET 15  15  15  MET MET A . n 
A 1 16  LYS 16  16  16  LYS LYS A . n 
A 1 17  GLY 17  17  17  GLY GLY A . n 
A 1 18  ILE 18  18  18  ILE ILE A . n 
A 1 19  TYR 19  19  19  TYR TYR A . n 
A 1 20  SER 20  20  20  SER SER A . n 
A 1 21  LYS 21  21  21  LYS LYS A . n 
A 1 22  LYS 22  22  22  LYS LYS A . n 
A 1 23  GLY 23  23  23  GLY GLY A . n 
A 1 24  GLY 24  24  24  GLY GLY A . n 
A 1 25  LYS 25  25  25  LYS LYS A . n 
A 1 26  VAL 26  26  26  VAL VAL A . n 
A 1 27  LYS 27  27  27  LYS LYS A . n 
A 1 28  PRO 28  28  28  PRO PRO A . n 
A 1 29  PHE 29  29  29  PHE PHE A . n 
A 1 30  GLU 30  30  30  GLU GLU A . n 
A 1 31  LYS 31  31  31  LYS LYS A . n 
A 1 32  PHE 32  32  32  PHE PHE A . n 
A 1 33  GLU 33  33  33  GLU GLU A . n 
A 1 34  GLY 34  34  34  GLY GLY A . n 
A 1 35  GLU 35  35  35  GLU GLU A . n 
A 1 36  LEU 36  36  36  LEU LEU A . n 
A 1 37  LYS 37  37  37  LYS LYS A . n 
A 1 38  GLU 38  38  38  GLU GLU A . n 
A 1 39  GLY 39  39  39  GLY GLY A . n 
A 1 40  TYR 40  40  40  TYR TYR A . n 
A 1 41  ARG 41  41  41  ARG ARG A . n 
A 1 42  PHE 42  42  42  PHE PHE A . n 
A 1 43  GLU 43  43  43  GLU GLU A . n 
A 1 44  TYR 44  44  44  TYR TYR A . n 
A 1 45  GLU 45  45  45  GLU GLU A . n 
A 1 46  LYS 46  46  46  LYS LYS A . n 
A 1 47  LYS 47  47  47  LYS LYS A . n 
A 1 48  LEU 48  48  48  LEU LEU A . n 
A 1 49  CYS 49  49  49  CYS CYS A . n 
A 1 50  GLU 50  50  50  GLU GLU A . n 
A 1 51  ILE 51  51  51  ILE ILE A . n 
A 1 52  ASP 52  52  52  ASP ASP A . n 
A 1 53  VAL 53  53  53  VAL VAL A . n 
A 1 54  ALA 54  54  54  ALA ALA A . n 
A 1 55  MET 55  55  55  MET MET A . n 
A 1 56  PHE 56  56  56  PHE PHE A . n 
A 1 57  GLY 57  57  57  GLY GLY A . n 
A 1 58  LEU 58  58  58  LEU LEU A . n 
A 1 59  ILE 59  59  59  ILE ILE A . n 
A 1 60  SER 60  60  60  SER SER A . n 
A 1 61  GLY 61  61  61  GLY GLY A . n 
A 1 62  ASP 62  62  62  ASP ASP A . n 
A 1 63  LEU 63  63  63  LEU LEU A . n 
A 1 64  ASN 64  64  64  ASN ASN A . n 
A 1 65  PRO 65  65  65  PRO PRO A . n 
A 1 66  VAL 66  66  66  VAL VAL A . n 
A 1 67  HIS 67  67  67  HIS HIS A . n 
A 1 68  PHE 68  68  68  PHE PHE A . n 
A 1 69  ASP 69  69  69  ASP ASP A . n 
A 1 70  GLU 70  70  70  GLU GLU A . n 
A 1 71  ASP 71  71  71  ASP ASP A . n 
A 1 72  PHE 72  72  72  PHE PHE A . n 
A 1 73  ALA 73  73  73  ALA ALA A . n 
A 1 74  SER 74  74  74  SER SER A . n 
A 1 75  LYS 75  75  75  LYS LYS A . n 
A 1 76  THR 76  76  76  THR THR A . n 
A 1 77  ARG 77  77  77  ARG ARG A . n 
A 1 78  PHE 78  78  78  PHE PHE A . n 
A 1 79  GLY 79  79  79  GLY GLY A . n 
A 1 80  GLY 80  80  80  GLY GLY A . n 
A 1 81  ARG 81  81  81  ARG ARG A . n 
A 1 82  VAL 82  82  82  VAL VAL A . n 
A 1 83  VAL 83  83  83  VAL VAL A . n 
A 1 84  HIS 84  84  84  HIS HIS A . n 
A 1 85  GLY 85  85  85  GLY GLY A . n 
A 1 86  MET 86  86  86  MET MET A . n 
A 1 87  LEU 87  87  87  LEU LEU A . n 
A 1 88  THR 88  88  88  THR THR A . n 
A 1 89  THR 89  89  89  THR THR A . n 
A 1 90  SER 90  90  90  SER SER A . n 
A 1 91  LEU 91  91  91  LEU LEU A . n 
A 1 92  VAL 92  92  92  VAL VAL A . n 
A 1 93  SER 93  93  93  SER SER A . n 
A 1 94  ALA 94  94  94  ALA ALA A . n 
A 1 95  ALA 95  95  95  ALA ALA A . n 
A 1 96  VAL 96  96  96  VAL VAL A . n 
A 1 97  ALA 97  97  97  ALA ALA A . n 
A 1 98  ARG 98  98  98  ARG ARG A . n 
A 1 99  LEU 99  99  99  LEU LEU A . n 
A 1 100 PRO 100 100 100 PRO PRO A . n 
A 1 101 GLY 101 101 101 GLY GLY A . n 
A 1 102 THR 102 102 102 THR THR A . n 
A 1 103 VAL 103 103 103 VAL VAL A . n 
A 1 104 VAL 104 104 104 VAL VAL A . n 
A 1 105 LEU 105 105 105 LEU LEU A . n 
A 1 106 LEU 106 106 106 LEU LEU A . n 
A 1 107 GLU 107 107 107 GLU GLU A . n 
A 1 108 GLN 108 108 108 GLN GLN A . n 
A 1 109 SER 109 109 109 SER SER A . n 
A 1 110 PHE 110 110 110 PHE PHE A . n 
A 1 111 ARG 111 111 111 ARG ARG A . n 
A 1 112 TYR 112 112 112 TYR TYR A . n 
A 1 113 THR 113 113 113 THR THR A . n 
A 1 114 SER 114 114 114 SER SER A . n 
A 1 115 PRO 115 115 115 PRO PRO A . n 
A 1 116 VAL 116 116 116 VAL VAL A . n 
A 1 117 ARG 117 117 117 ARG ARG A . n 
A 1 118 ILE 118 118 118 ILE ILE A . n 
A 1 119 GLY 119 119 119 GLY GLY A . n 
A 1 120 ASP 120 120 120 ASP ASP A . n 
A 1 121 VAL 121 121 121 VAL VAL A . n 
A 1 122 VAL 122 122 122 VAL VAL A . n 
A 1 123 ARG 123 123 123 ARG ARG A . n 
A 1 124 VAL 124 124 124 VAL VAL A . n 
A 1 125 GLU 125 125 125 GLU GLU A . n 
A 1 126 GLY 126 126 126 GLY GLY A . n 
A 1 127 VAL 127 127 127 VAL VAL A . n 
A 1 128 VAL 128 128 128 VAL VAL A . n 
A 1 129 SER 129 129 129 SER SER A . n 
A 1 130 GLY 130 130 130 GLY GLY A . n 
A 1 131 VAL 131 131 131 VAL VAL A . n 
A 1 132 GLU 132 132 132 GLU GLU A . n 
A 1 133 LYS 133 133 133 LYS LYS A . n 
A 1 134 ASN 134 134 134 ASN ASN A . n 
A 1 135 ARG 135 135 135 ARG ARG A . n 
A 1 136 TYR 136 136 136 TYR TYR A . n 
A 1 137 THR 137 137 137 THR THR A . n 
A 1 138 ILE 138 138 138 ILE ILE A . n 
A 1 139 ASP 139 139 139 ASP ASP A . n 
A 1 140 VAL 140 140 140 VAL VAL A . n 
A 1 141 LYS 141 141 141 LYS LYS A . n 
A 1 142 CYS 142 142 142 CYS CYS A . n 
A 1 143 TYR 143 143 143 TYR TYR A . n 
A 1 144 THR 144 144 144 THR THR A . n 
A 1 145 GLY 145 145 145 GLY GLY A . n 
A 1 146 ASP 146 146 146 ASP ASP A . n 
A 1 147 LYS 147 147 147 LYS LYS A . n 
A 1 148 VAL 148 148 148 VAL VAL A . n 
A 1 149 VAL 149 149 149 VAL VAL A . n 
A 1 150 ALA 150 150 150 ALA ALA A . n 
A 1 151 GLU 151 151 151 GLU GLU A . n 
A 1 152 GLY 152 152 152 GLY GLY A . n 
A 1 153 VAL 153 153 153 VAL VAL A . n 
A 1 154 VAL 154 154 154 VAL VAL A . n 
A 1 155 LYS 155 155 155 LYS LYS A . n 
A 1 156 VAL 156 156 156 VAL VAL A . n 
A 1 157 LEU 157 157 157 LEU LEU A . n 
A 1 158 ILE 158 158 158 ILE ILE A . n 
A 1 159 TRP 159 159 159 TRP TRP A . n 
# 
loop_
_pdbx_nonpoly_scheme.asym_id 
_pdbx_nonpoly_scheme.entity_id 
_pdbx_nonpoly_scheme.mon_id 
_pdbx_nonpoly_scheme.ndb_seq_num 
_pdbx_nonpoly_scheme.pdb_seq_num 
_pdbx_nonpoly_scheme.auth_seq_num 
_pdbx_nonpoly_scheme.pdb_mon_id 
_pdbx_nonpoly_scheme.auth_mon_id 
_pdbx_nonpoly_scheme.pdb_strand_id 
_pdbx_nonpoly_scheme.pdb_ins_code 
B 2 HOH 1   160 1   HOH HOH A . 
B 2 HOH 2   161 2   HOH HOH A . 
B 2 HOH 3   162 3   HOH HOH A . 
B 2 HOH 4   163 4   HOH HOH A . 
B 2 HOH 5   164 5   HOH HOH A . 
B 2 HOH 6   165 6   HOH HOH A . 
B 2 HOH 7   166 7   HOH HOH A . 
B 2 HOH 8   167 8   HOH HOH A . 
B 2 HOH 9   168 9   HOH HOH A . 
B 2 HOH 10  169 10  HOH HOH A . 
B 2 HOH 11  170 11  HOH HOH A . 
B 2 HOH 12  171 12  HOH HOH A . 
B 2 HOH 13  172 13  HOH HOH A . 
B 2 HOH 14  173 14  HOH HOH A . 
B 2 HOH 15  174 16  HOH HOH A . 
B 2 HOH 16  175 17  HOH HOH A . 
B 2 HOH 17  176 18  HOH HOH A . 
B 2 HOH 18  177 19  HOH HOH A . 
B 2 HOH 19  178 20  HOH HOH A . 
B 2 HOH 20  179 21  HOH HOH A . 
B 2 HOH 21  180 22  HOH HOH A . 
B 2 HOH 22  181 23  HOH HOH A . 
B 2 HOH 23  182 24  HOH HOH A . 
B 2 HOH 24  183 25  HOH HOH A . 
B 2 HOH 25  184 26  HOH HOH A . 
B 2 HOH 26  185 27  HOH HOH A . 
B 2 HOH 27  186 28  HOH HOH A . 
B 2 HOH 28  187 29  HOH HOH A . 
B 2 HOH 29  188 30  HOH HOH A . 
B 2 HOH 30  189 31  HOH HOH A . 
B 2 HOH 31  190 32  HOH HOH A . 
B 2 HOH 32  191 33  HOH HOH A . 
B 2 HOH 33  192 34  HOH HOH A . 
B 2 HOH 34  193 35  HOH HOH A . 
B 2 HOH 35  194 36  HOH HOH A . 
B 2 HOH 36  195 37  HOH HOH A . 
B 2 HOH 37  196 38  HOH HOH A . 
B 2 HOH 38  197 39  HOH HOH A . 
B 2 HOH 39  198 40  HOH HOH A . 
B 2 HOH 40  199 41  HOH HOH A . 
B 2 HOH 41  200 42  HOH HOH A . 
B 2 HOH 42  201 43  HOH HOH A . 
B 2 HOH 43  202 44  HOH HOH A . 
B 2 HOH 44  203 45  HOH HOH A . 
B 2 HOH 45  204 46  HOH HOH A . 
B 2 HOH 46  205 47  HOH HOH A . 
B 2 HOH 47  206 48  HOH HOH A . 
B 2 HOH 48  207 49  HOH HOH A . 
B 2 HOH 49  208 50  HOH HOH A . 
B 2 HOH 50  209 51  HOH HOH A . 
B 2 HOH 51  210 52  HOH HOH A . 
B 2 HOH 52  211 53  HOH HOH A . 
B 2 HOH 53  212 54  HOH HOH A . 
B 2 HOH 54  213 55  HOH HOH A . 
B 2 HOH 55  214 56  HOH HOH A . 
B 2 HOH 56  215 57  HOH HOH A . 
B 2 HOH 57  216 58  HOH HOH A . 
B 2 HOH 58  217 59  HOH HOH A . 
B 2 HOH 59  218 61  HOH HOH A . 
B 2 HOH 60  219 62  HOH HOH A . 
B 2 HOH 61  220 63  HOH HOH A . 
B 2 HOH 62  221 64  HOH HOH A . 
B 2 HOH 63  222 66  HOH HOH A . 
B 2 HOH 64  223 67  HOH HOH A . 
B 2 HOH 65  224 68  HOH HOH A . 
B 2 HOH 66  225 69  HOH HOH A . 
B 2 HOH 67  226 70  HOH HOH A . 
B 2 HOH 68  227 71  HOH HOH A . 
B 2 HOH 69  228 72  HOH HOH A . 
B 2 HOH 70  229 73  HOH HOH A . 
B 2 HOH 71  230 74  HOH HOH A . 
B 2 HOH 72  231 75  HOH HOH A . 
B 2 HOH 73  232 76  HOH HOH A . 
B 2 HOH 74  233 77  HOH HOH A . 
B 2 HOH 75  234 78  HOH HOH A . 
B 2 HOH 76  235 79  HOH HOH A . 
B 2 HOH 77  236 80  HOH HOH A . 
B 2 HOH 78  237 81  HOH HOH A . 
B 2 HOH 79  238 82  HOH HOH A . 
B 2 HOH 80  239 84  HOH HOH A . 
B 2 HOH 81  240 85  HOH HOH A . 
B 2 HOH 82  241 86  HOH HOH A . 
B 2 HOH 83  242 87  HOH HOH A . 
B 2 HOH 84  243 88  HOH HOH A . 
B 2 HOH 85  244 89  HOH HOH A . 
B 2 HOH 86  245 90  HOH HOH A . 
B 2 HOH 87  246 91  HOH HOH A . 
B 2 HOH 88  247 92  HOH HOH A . 
B 2 HOH 89  248 93  HOH HOH A . 
B 2 HOH 90  249 94  HOH HOH A . 
B 2 HOH 91  250 96  HOH HOH A . 
B 2 HOH 92  251 97  HOH HOH A . 
B 2 HOH 93  252 99  HOH HOH A . 
B 2 HOH 94  253 100 HOH HOH A . 
B 2 HOH 95  254 101 HOH HOH A . 
B 2 HOH 96  255 102 HOH HOH A . 
B 2 HOH 97  256 103 HOH HOH A . 
B 2 HOH 98  257 104 HOH HOH A . 
B 2 HOH 99  258 105 HOH HOH A . 
B 2 HOH 100 259 106 HOH HOH A . 
B 2 HOH 101 260 107 HOH HOH A . 
B 2 HOH 102 261 108 HOH HOH A . 
B 2 HOH 103 262 109 HOH HOH A . 
B 2 HOH 104 263 110 HOH HOH A . 
B 2 HOH 105 264 111 HOH HOH A . 
B 2 HOH 106 265 112 HOH HOH A . 
B 2 HOH 107 266 113 HOH HOH A . 
B 2 HOH 108 267 114 HOH HOH A . 
B 2 HOH 109 268 115 HOH HOH A . 
B 2 HOH 110 269 116 HOH HOH A . 
B 2 HOH 111 270 117 HOH HOH A . 
B 2 HOH 112 271 118 HOH HOH A . 
B 2 HOH 113 272 119 HOH HOH A . 
B 2 HOH 114 273 120 HOH HOH A . 
B 2 HOH 115 274 121 HOH HOH A . 
B 2 HOH 116 275 122 HOH HOH A . 
B 2 HOH 117 276 123 HOH HOH A . 
# 
loop_
_software.name 
_software.classification 
_software.version 
_software.citation_id 
_software.pdbx_ordinal 
REFMAC    refinement       5.2.0005 ? 1 
HKL-2000  'data reduction' .        ? 2 
SCALEPACK 'data scaling'   .        ? 3 
HKL-3000  phasing          .        ? 4 
# 
_cell.entry_id           2B3M 
_cell.length_a           57.596 
_cell.length_b           57.596 
_cell.length_c           142.993 
_cell.angle_alpha        90.00 
_cell.angle_beta         90.00 
_cell.angle_gamma        90.00 
_cell.Z_PDB              8 
_cell.pdbx_unique_axis   ? 
_cell.length_a_esd       ? 
_cell.length_b_esd       ? 
_cell.length_c_esd       ? 
_cell.angle_alpha_esd    ? 
_cell.angle_beta_esd     ? 
_cell.angle_gamma_esd    ? 
# 
_symmetry.entry_id                         2B3M 
_symmetry.space_group_name_H-M             'P 43 21 2' 
_symmetry.pdbx_full_space_group_name_H-M   ? 
_symmetry.cell_setting                     ? 
_symmetry.Int_Tables_number                96 
_symmetry.space_group_name_Hall            ? 
# 
_exptl.entry_id          2B3M 
_exptl.method            'X-RAY DIFFRACTION' 
_exptl.crystals_number   1 
# 
_exptl_crystal.id                    1 
_exptl_crystal.density_meas          ? 
_exptl_crystal.density_Matthews      3.4 
_exptl_crystal.density_percent_sol   63.2 
_exptl_crystal.description           'The data includes Friedel pairs' 
_exptl_crystal.F_000                 ? 
_exptl_crystal.preparation           ? 
# 
_exptl_crystal_grow.crystal_id      1 
_exptl_crystal_grow.method          'VAPOR DIFFUSION, SITTING DROP' 
_exptl_crystal_grow.temp            291 
_exptl_crystal_grow.temp_details    ? 
_exptl_crystal_grow.pH              7.0 
_exptl_crystal_grow.pdbx_details    'Ammonium Citrate, Bis-Tris propane, pH 7.0, VAPOR DIFFUSION, SITTING DROP, temperature 291K' 
_exptl_crystal_grow.pdbx_pH_range   . 
# 
_diffrn.id                     1 
_diffrn.ambient_temp           100 
_diffrn.ambient_temp_details   ? 
_diffrn.crystal_id             1 
# 
_diffrn_detector.diffrn_id              1 
_diffrn_detector.detector               CCD 
_diffrn_detector.type                   'ADSC QUANTUM 4' 
_diffrn_detector.pdbx_collection_date   2005-06-21 
_diffrn_detector.details                ? 
# 
_diffrn_radiation.diffrn_id                        1 
_diffrn_radiation.wavelength_id                    1 
_diffrn_radiation.pdbx_monochromatic_or_laue_m_l   M 
_diffrn_radiation.monochromator                    'double crystal' 
_diffrn_radiation.pdbx_diffrn_protocol             'SINGLE WAVELENGTH' 
_diffrn_radiation.pdbx_scattering_type             x-ray 
# 
_diffrn_radiation_wavelength.id           1 
_diffrn_radiation_wavelength.wavelength   0.97942 
_diffrn_radiation_wavelength.wt           1.0 
# 
_diffrn_source.diffrn_id                   1 
_diffrn_source.source                      SYNCHROTRON 
_diffrn_source.type                        'APS BEAMLINE 19-ID' 
_diffrn_source.pdbx_synchrotron_site       APS 
_diffrn_source.pdbx_synchrotron_beamline   19-ID 
_diffrn_source.pdbx_wavelength             ? 
_diffrn_source.pdbx_wavelength_list        0.97942 
# 
_reflns.entry_id                     2B3M 
_reflns.observed_criterion_sigma_F   ? 
_reflns.observed_criterion_sigma_I   -3 
_reflns.d_resolution_high            1.85 
_reflns.d_resolution_low             50 
_reflns.number_all                   39206 
_reflns.number_obs                   39149 
_reflns.percent_possible_obs         99.6 
_reflns.pdbx_Rmerge_I_obs            0.104 
_reflns.pdbx_Rsym_value              ? 
_reflns.pdbx_netI_over_sigmaI        47.8 
_reflns.B_iso_Wilson_estimate        ? 
_reflns.pdbx_redundancy              14.1 
_reflns.R_free_details               ? 
_reflns.limit_h_max                  ? 
_reflns.limit_h_min                  ? 
_reflns.limit_k_max                  ? 
_reflns.limit_k_min                  ? 
_reflns.limit_l_max                  ? 
_reflns.limit_l_min                  ? 
_reflns.observed_criterion_F_max     ? 
_reflns.observed_criterion_F_min     ? 
_reflns.pdbx_chi_squared             ? 
_reflns.pdbx_scaling_rejects         ? 
_reflns.pdbx_ordinal                 1 
_reflns.pdbx_diffrn_id               1 
# 
_reflns_shell.d_res_high             1.85 
_reflns_shell.d_res_low              1.92 
_reflns_shell.percent_possible_all   96.7 
_reflns_shell.Rmerge_I_obs           0.489 
_reflns_shell.pdbx_Rsym_value        ? 
_reflns_shell.meanI_over_sigI_obs    3.9 
_reflns_shell.pdbx_redundancy        6.4 
_reflns_shell.percent_possible_obs   ? 
_reflns_shell.number_unique_all      3795 
_reflns_shell.number_measured_all    ? 
_reflns_shell.number_measured_obs    ? 
_reflns_shell.number_unique_obs      ? 
_reflns_shell.pdbx_chi_squared       ? 
_reflns_shell.pdbx_ordinal           1 
_reflns_shell.pdbx_diffrn_id         1 
# 
_refine.entry_id                                 2B3M 
_refine.ls_number_reflns_obs                     21324 
_refine.ls_number_reflns_all                     21377 
_refine.pdbx_ls_sigma_I                          ? 
_refine.pdbx_ls_sigma_F                          0 
_refine.pdbx_data_cutoff_high_absF               ? 
_refine.pdbx_data_cutoff_low_absF                ? 
_refine.pdbx_data_cutoff_high_rms_absF           ? 
_refine.ls_d_res_low                             50.00 
_refine.ls_d_res_high                            1.85 
_refine.ls_percent_reflns_obs                    99.75 
_refine.ls_R_factor_obs                          0.17891 
_refine.ls_R_factor_all                          0.17891 
_refine.ls_R_factor_R_work                       0.17749 
_refine.ls_R_factor_R_free                       0.20534 
_refine.ls_R_factor_R_free_error                 ? 
_refine.ls_R_factor_R_free_error_details         ? 
_refine.ls_percent_reflns_R_free                 5.1 
_refine.ls_number_reflns_R_free                  1096 
_refine.ls_number_parameters                     ? 
_refine.ls_number_restraints                     ? 
_refine.occupancy_min                            ? 
_refine.occupancy_max                            ? 
_refine.correlation_coeff_Fo_to_Fc               0.964 
_refine.correlation_coeff_Fo_to_Fc_free          0.954 
_refine.B_iso_mean                               32.739 
_refine.aniso_B[1][1]                            -0.12 
_refine.aniso_B[2][2]                            -0.12 
_refine.aniso_B[3][3]                            0.24 
_refine.aniso_B[1][2]                            0.00 
_refine.aniso_B[1][3]                            0.00 
_refine.aniso_B[2][3]                            0.00 
_refine.solvent_model_details                    MASK 
_refine.solvent_model_param_ksol                 ? 
_refine.solvent_model_param_bsol                 ? 
_refine.pdbx_solvent_vdw_probe_radii             1.20 
_refine.pdbx_solvent_ion_probe_radii             0.80 
_refine.pdbx_solvent_shrinkage_radii             0.80 
_refine.pdbx_ls_cross_valid_method               THROUGHOUT 
_refine.details                                  'HYDROGENS HAVE BEEN ADDED IN THE RIDING POSITIONS' 
_refine.pdbx_starting_model                      ? 
_refine.pdbx_method_to_determine_struct          SAD 
_refine.pdbx_isotropic_thermal_model             ? 
_refine.pdbx_stereochemistry_target_values       'MAXIMUM LIKELIHOOD' 
_refine.pdbx_stereochem_target_val_spec_case     ? 
_refine.pdbx_R_Free_selection_details            RANDOM 
_refine.pdbx_overall_ESU_R                       0.101 
_refine.pdbx_overall_ESU_R_Free                  0.100 
_refine.overall_SU_ML                            0.063 
_refine.overall_SU_B                             4.107 
_refine.ls_redundancy_reflns_obs                 ? 
_refine.B_iso_min                                ? 
_refine.B_iso_max                                ? 
_refine.overall_SU_R_Cruickshank_DPI             ? 
_refine.overall_SU_R_free                        ? 
_refine.ls_wR_factor_R_free                      ? 
_refine.ls_wR_factor_R_work                      ? 
_refine.overall_FOM_free_R_set                   ? 
_refine.overall_FOM_work_R_set                   ? 
_refine.pdbx_refine_id                           'X-RAY DIFFRACTION' 
_refine.pdbx_diffrn_id                           1 
_refine.pdbx_TLS_residual_ADP_flag               ? 
_refine.pdbx_overall_phase_error                 ? 
_refine.pdbx_overall_SU_R_free_Cruickshank_DPI   ? 
_refine.pdbx_overall_SU_R_Blow_DPI               ? 
_refine.pdbx_overall_SU_R_free_Blow_DPI          ? 
# 
_refine_hist.pdbx_refine_id                   'X-RAY DIFFRACTION' 
_refine_hist.cycle_id                         LAST 
_refine_hist.pdbx_number_atoms_protein        1207 
_refine_hist.pdbx_number_atoms_nucleic_acid   0 
_refine_hist.pdbx_number_atoms_ligand         0 
_refine_hist.number_atoms_solvent             117 
_refine_hist.number_atoms_total               1324 
_refine_hist.d_res_high                       1.85 
_refine_hist.d_res_low                        50.00 
# 
loop_
_refine_ls_restr.type 
_refine_ls_restr.dev_ideal 
_refine_ls_restr.dev_ideal_target 
_refine_ls_restr.weight 
_refine_ls_restr.number 
_refine_ls_restr.pdbx_refine_id 
_refine_ls_restr.pdbx_restraint_function 
r_bond_refined_d             0.014  0.022  ? 1258 'X-RAY DIFFRACTION' ? 
r_bond_other_d               ?      ?      ? ?    'X-RAY DIFFRACTION' ? 
r_angle_refined_deg          1.401  1.980  ? 1703 'X-RAY DIFFRACTION' ? 
r_angle_other_deg            ?      ?      ? ?    'X-RAY DIFFRACTION' ? 
r_dihedral_angle_1_deg       5.519  5.000  ? 167  'X-RAY DIFFRACTION' ? 
r_dihedral_angle_2_deg       31.664 23.265 ? 49   'X-RAY DIFFRACTION' ? 
r_dihedral_angle_3_deg       13.603 15.000 ? 239  'X-RAY DIFFRACTION' ? 
r_dihedral_angle_4_deg       10.313 15.000 ? 8    'X-RAY DIFFRACTION' ? 
r_chiral_restr               0.100  0.200  ? 195  'X-RAY DIFFRACTION' ? 
r_gen_planes_refined         0.006  0.020  ? 922  'X-RAY DIFFRACTION' ? 
r_gen_planes_other           ?      ?      ? ?    'X-RAY DIFFRACTION' ? 
r_nbd_refined                0.198  0.200  ? 514  'X-RAY DIFFRACTION' ? 
r_nbd_other                  ?      ?      ? ?    'X-RAY DIFFRACTION' ? 
r_nbtor_refined              0.305  0.200  ? 881  'X-RAY DIFFRACTION' ? 
r_nbtor_other                ?      ?      ? ?    'X-RAY DIFFRACTION' ? 
r_xyhbond_nbd_refined        0.207  0.200  ? 86   'X-RAY DIFFRACTION' ? 
r_xyhbond_nbd_other          ?      ?      ? ?    'X-RAY DIFFRACTION' ? 
r_metal_ion_refined          ?      ?      ? ?    'X-RAY DIFFRACTION' ? 
r_metal_ion_other            ?      ?      ? ?    'X-RAY DIFFRACTION' ? 
r_symmetry_vdw_refined       0.146  0.200  ? 65   'X-RAY DIFFRACTION' ? 
r_symmetry_vdw_other         ?      ?      ? ?    'X-RAY DIFFRACTION' ? 
r_symmetry_hbond_refined     0.162  0.200  ? 25   'X-RAY DIFFRACTION' ? 
r_symmetry_hbond_other       ?      ?      ? ?    'X-RAY DIFFRACTION' ? 
r_symmetry_metal_ion_refined ?      ?      ? ?    'X-RAY DIFFRACTION' ? 
r_symmetry_metal_ion_other   ?      ?      ? ?    'X-RAY DIFFRACTION' ? 
r_mcbond_it                  0.921  1.500  ? 804  'X-RAY DIFFRACTION' ? 
r_mcbond_other               ?      ?      ? ?    'X-RAY DIFFRACTION' ? 
r_mcangle_it                 1.431  2.000  ? 1269 'X-RAY DIFFRACTION' ? 
r_scbond_it                  2.746  3.000  ? 516  'X-RAY DIFFRACTION' ? 
r_scangle_it                 4.117  4.500  ? 427  'X-RAY DIFFRACTION' ? 
r_rigid_bond_restr           ?      ?      ? ?    'X-RAY DIFFRACTION' ? 
r_sphericity_free            ?      ?      ? ?    'X-RAY DIFFRACTION' ? 
r_sphericity_bonded          ?      ?      ? ?    'X-RAY DIFFRACTION' ? 
# 
_refine_ls_shell.pdbx_total_number_of_bins_used   20 
_refine_ls_shell.d_res_high                       1.850 
_refine_ls_shell.d_res_low                        1.898 
_refine_ls_shell.number_reflns_R_work             1426 
_refine_ls_shell.R_factor_R_work                  0.199 
_refine_ls_shell.percent_reflns_obs               97.20 
_refine_ls_shell.R_factor_R_free                  0.275 
_refine_ls_shell.R_factor_R_free_error            ? 
_refine_ls_shell.percent_reflns_R_free            ? 
_refine_ls_shell.number_reflns_R_free             66 
_refine_ls_shell.number_reflns_obs                ? 
_refine_ls_shell.redundancy_reflns_obs            ? 
_refine_ls_shell.number_reflns_all                ? 
_refine_ls_shell.R_factor_all                     ? 
_refine_ls_shell.pdbx_refine_id                   'X-RAY DIFFRACTION' 
# 
_struct.entry_id                  2B3M 
_struct.title                     'Crystal structure of protein AF1124 from Archaeoglobus fulgidus' 
_struct.pdbx_model_details        ? 
_struct.pdbx_CASP_flag            ? 
_struct.pdbx_model_type_details   ? 
# 
_struct_keywords.entry_id        2B3M 
_struct_keywords.pdbx_keywords   'Structural Genomics, Unknown Function' 
_struct_keywords.text            
;structural gemonics, Hypothetical protein, Structural Genomics, PSI, Protein Structure Initiative, Midwest Center for Structural Genomics, MCSG, Unknown Function
;
# 
loop_
_struct_asym.id 
_struct_asym.pdbx_blank_PDB_chainid_flag 
_struct_asym.pdbx_modified 
_struct_asym.entity_id 
_struct_asym.details 
A N N 1 ? 
B N N 2 ? 
# 
_struct_ref.id                         1 
_struct_ref.db_name                    UNP 
_struct_ref.db_code                    O29141_ARCFU 
_struct_ref.pdbx_db_accession          O29141 
_struct_ref.entity_id                  1 
_struct_ref.pdbx_seq_one_letter_code   
;MGGGEVKMMSLLEEMKGIYSKKGGKVKPFEKFEGELKEGYRFEYEKKLCEIDVAMFGLISGDLNPVHFDEDFASKTRFGG
RVVHGMLTTSLVSAAVARLPGTVVLLEQSFRYTSPVRIGDVVRVEGVVSGVEKNRYTIDVKCYTGDKVVAEGVVKVLIW
;
_struct_ref.pdbx_align_begin           1 
_struct_ref.pdbx_db_isoform            ? 
# 
_struct_ref_seq.align_id                      1 
_struct_ref_seq.ref_id                        1 
_struct_ref_seq.pdbx_PDB_id_code              2B3M 
_struct_ref_seq.pdbx_strand_id                A 
_struct_ref_seq.seq_align_beg                 1 
_struct_ref_seq.pdbx_seq_align_beg_ins_code   ? 
_struct_ref_seq.seq_align_end                 159 
_struct_ref_seq.pdbx_seq_align_end_ins_code   ? 
_struct_ref_seq.pdbx_db_accession             O29141 
_struct_ref_seq.db_align_beg                  1 
_struct_ref_seq.pdbx_db_align_beg_ins_code    ? 
_struct_ref_seq.db_align_end                  159 
_struct_ref_seq.pdbx_db_align_end_ins_code    ? 
_struct_ref_seq.pdbx_auth_seq_align_beg       1 
_struct_ref_seq.pdbx_auth_seq_align_end       159 
# 
_pdbx_struct_assembly.id                   1 
_pdbx_struct_assembly.details              author_and_software_defined_assembly 
_pdbx_struct_assembly.method_details       PISA,PQS 
_pdbx_struct_assembly.oligomeric_details   dimeric 
_pdbx_struct_assembly.oligomeric_count     2 
# 
loop_
_pdbx_struct_assembly_prop.biol_id 
_pdbx_struct_assembly_prop.type 
_pdbx_struct_assembly_prop.value 
_pdbx_struct_assembly_prop.details 
1 'ABSA (A^2)' 5610  ? 
1 MORE         -54   ? 
1 'SSA (A^2)'  13010 ? 
# 
_pdbx_struct_assembly_gen.assembly_id       1 
_pdbx_struct_assembly_gen.oper_expression   1,2 
_pdbx_struct_assembly_gen.asym_id_list      A,B 
# 
loop_
_pdbx_struct_oper_list.id 
_pdbx_struct_oper_list.type 
_pdbx_struct_oper_list.name 
_pdbx_struct_oper_list.symmetry_operation 
_pdbx_struct_oper_list.matrix[1][1] 
_pdbx_struct_oper_list.matrix[1][2] 
_pdbx_struct_oper_list.matrix[1][3] 
_pdbx_struct_oper_list.vector[1] 
_pdbx_struct_oper_list.matrix[2][1] 
_pdbx_struct_oper_list.matrix[2][2] 
_pdbx_struct_oper_list.matrix[2][3] 
_pdbx_struct_oper_list.vector[2] 
_pdbx_struct_oper_list.matrix[3][1] 
_pdbx_struct_oper_list.matrix[3][2] 
_pdbx_struct_oper_list.matrix[3][3] 
_pdbx_struct_oper_list.vector[3] 
1 'identity operation'         1_555 x,y,z            1.0000000000  0.0000000000  0.0000000000  0.0000000000 0.0000000000  1.0000000000 0.0000000000 0.0000000000 0.0000000000  0.0000000000 1.0000000000  0.0000000000  
2 'crystal symmetry operation' 8_665 -y+1,-x+1,-z+1/2 -0.3095272934 -0.9454649677 -0.1014339661 6.0091049868 -0.9454649677 0.2946261259 0.1388936312 3.0158981388 -0.1014339661 0.1388936312 -0.9850988325 12.7935148156 
# 
_struct_biol.id   1 
# 
loop_
_struct_conf.conf_type_id 
_struct_conf.id 
_struct_conf.pdbx_PDB_helix_id 
_struct_conf.beg_label_comp_id 
_struct_conf.beg_label_asym_id 
_struct_conf.beg_label_seq_id 
_struct_conf.pdbx_beg_PDB_ins_code 
_struct_conf.end_label_comp_id 
_struct_conf.end_label_asym_id 
_struct_conf.end_label_seq_id 
_struct_conf.pdbx_end_PDB_ins_code 
_struct_conf.beg_auth_comp_id 
_struct_conf.beg_auth_asym_id 
_struct_conf.beg_auth_seq_id 
_struct_conf.end_auth_comp_id 
_struct_conf.end_auth_asym_id 
_struct_conf.end_auth_seq_id 
_struct_conf.pdbx_PDB_helix_class 
_struct_conf.details 
_struct_conf.pdbx_PDB_helix_length 
HELX_P HELX_P1 1 LYS A 7  ? LYS A 22 ? LYS A 7  LYS A 22 1 ? 16 
HELX_P HELX_P2 2 CYS A 49 ? GLY A 61 ? CYS A 49 GLY A 61 1 ? 13 
HELX_P HELX_P3 3 ASN A 64 ? ASP A 69 ? ASN A 64 ASP A 69 1 ? 6  
HELX_P HELX_P4 4 ASP A 69 ? LYS A 75 ? ASP A 69 LYS A 75 1 ? 7  
HELX_P HELX_P5 5 HIS A 84 ? ARG A 98 ? HIS A 84 ARG A 98 1 ? 15 
# 
_struct_conf_type.id          HELX_P 
_struct_conf_type.criteria    ? 
_struct_conf_type.reference   ? 
# 
_struct_sheet.id               A 
_struct_sheet.type             ? 
_struct_sheet.number_strands   5 
_struct_sheet.details          ? 
# 
loop_
_struct_sheet_order.sheet_id 
_struct_sheet_order.range_id_1 
_struct_sheet_order.range_id_2 
_struct_sheet_order.offset 
_struct_sheet_order.sense 
A 1 2 ? anti-parallel 
A 2 3 ? anti-parallel 
A 3 4 ? anti-parallel 
A 4 5 ? anti-parallel 
# 
loop_
_struct_sheet_range.sheet_id 
_struct_sheet_range.id 
_struct_sheet_range.beg_label_comp_id 
_struct_sheet_range.beg_label_asym_id 
_struct_sheet_range.beg_label_seq_id 
_struct_sheet_range.pdbx_beg_PDB_ins_code 
_struct_sheet_range.end_label_comp_id 
_struct_sheet_range.end_label_asym_id 
_struct_sheet_range.end_label_seq_id 
_struct_sheet_range.pdbx_end_PDB_ins_code 
_struct_sheet_range.beg_auth_comp_id 
_struct_sheet_range.beg_auth_asym_id 
_struct_sheet_range.beg_auth_seq_id 
_struct_sheet_range.end_auth_comp_id 
_struct_sheet_range.end_auth_asym_id 
_struct_sheet_range.end_auth_seq_id 
A 1 ARG A 41  ? LYS A 47  ? ARG A 41  LYS A 47  
A 2 VAL A 121 ? GLU A 132 ? VAL A 121 GLU A 132 
A 3 ARG A 135 ? THR A 144 ? ARG A 135 THR A 144 
A 4 LYS A 147 ? TRP A 159 ? LYS A 147 TRP A 159 
A 5 THR A 102 ? TYR A 112 ? THR A 102 TYR A 112 
# 
loop_
_pdbx_struct_sheet_hbond.sheet_id 
_pdbx_struct_sheet_hbond.range_id_1 
_pdbx_struct_sheet_hbond.range_id_2 
_pdbx_struct_sheet_hbond.range_1_label_atom_id 
_pdbx_struct_sheet_hbond.range_1_label_comp_id 
_pdbx_struct_sheet_hbond.range_1_label_asym_id 
_pdbx_struct_sheet_hbond.range_1_label_seq_id 
_pdbx_struct_sheet_hbond.range_1_PDB_ins_code 
_pdbx_struct_sheet_hbond.range_1_auth_atom_id 
_pdbx_struct_sheet_hbond.range_1_auth_comp_id 
_pdbx_struct_sheet_hbond.range_1_auth_asym_id 
_pdbx_struct_sheet_hbond.range_1_auth_seq_id 
_pdbx_struct_sheet_hbond.range_2_label_atom_id 
_pdbx_struct_sheet_hbond.range_2_label_comp_id 
_pdbx_struct_sheet_hbond.range_2_label_asym_id 
_pdbx_struct_sheet_hbond.range_2_label_seq_id 
_pdbx_struct_sheet_hbond.range_2_PDB_ins_code 
_pdbx_struct_sheet_hbond.range_2_auth_atom_id 
_pdbx_struct_sheet_hbond.range_2_auth_comp_id 
_pdbx_struct_sheet_hbond.range_2_auth_asym_id 
_pdbx_struct_sheet_hbond.range_2_auth_seq_id 
A 1 2 N TYR A 44  ? N TYR A 44  O VAL A 124 ? O VAL A 124 
A 2 3 N GLU A 125 ? N GLU A 125 O LYS A 141 ? O LYS A 141 
A 3 4 N ILE A 138 ? N ILE A 138 O VAL A 154 ? O VAL A 154 
A 4 5 O LYS A 155 ? O LYS A 155 N LEU A 106 ? N LEU A 106 
# 
loop_
_pdbx_validate_close_contact.id 
_pdbx_validate_close_contact.PDB_model_num 
_pdbx_validate_close_contact.auth_atom_id_1 
_pdbx_validate_close_contact.auth_asym_id_1 
_pdbx_validate_close_contact.auth_comp_id_1 
_pdbx_validate_close_contact.auth_seq_id_1 
_pdbx_validate_close_contact.PDB_ins_code_1 
_pdbx_validate_close_contact.label_alt_id_1 
_pdbx_validate_close_contact.auth_atom_id_2 
_pdbx_validate_close_contact.auth_asym_id_2 
_pdbx_validate_close_contact.auth_comp_id_2 
_pdbx_validate_close_contact.auth_seq_id_2 
_pdbx_validate_close_contact.PDB_ins_code_2 
_pdbx_validate_close_contact.label_alt_id_2 
_pdbx_validate_close_contact.dist 
1 1 O A HOH 275 ? ? O A HOH 276 ? ? 1.81 
2 1 O A HOH 214 ? ? O A HOH 220 ? ? 1.99 
# 
_pdbx_validate_torsion.id              1 
_pdbx_validate_torsion.PDB_model_num   1 
_pdbx_validate_torsion.auth_comp_id    LYS 
_pdbx_validate_torsion.auth_asym_id    A 
_pdbx_validate_torsion.auth_seq_id     133 
_pdbx_validate_torsion.PDB_ins_code    ? 
_pdbx_validate_torsion.label_alt_id    ? 
_pdbx_validate_torsion.phi             55.53 
_pdbx_validate_torsion.psi             -122.68 
# 
_pdbx_SG_project.id                    1 
_pdbx_SG_project.project_name          'PSI, Protein Structure Initiative' 
_pdbx_SG_project.full_name_of_center   'Midwest Center for Structural Genomics' 
_pdbx_SG_project.initial_of_center     MCSG 
# 
loop_
_pdbx_unobs_or_zero_occ_residues.id 
_pdbx_unobs_or_zero_occ_residues.PDB_model_num 
_pdbx_unobs_or_zero_occ_residues.polymer_flag 
_pdbx_unobs_or_zero_occ_residues.occupancy_flag 
_pdbx_unobs_or_zero_occ_residues.auth_asym_id 
_pdbx_unobs_or_zero_occ_residues.auth_comp_id 
_pdbx_unobs_or_zero_occ_residues.auth_seq_id 
_pdbx_unobs_or_zero_occ_residues.PDB_ins_code 
_pdbx_unobs_or_zero_occ_residues.label_asym_id 
_pdbx_unobs_or_zero_occ_residues.label_comp_id 
_pdbx_unobs_or_zero_occ_residues.label_seq_id 
1 1 Y 1 A MET 1 ? A MET 1 
2 1 Y 1 A GLY 2 ? A GLY 2 
3 1 Y 1 A GLY 3 ? A GLY 3 
4 1 Y 1 A GLY 4 ? A GLY 4 
5 1 Y 1 A GLU 5 ? A GLU 5 
# 
loop_
_chem_comp_atom.comp_id 
_chem_comp_atom.atom_id 
_chem_comp_atom.type_symbol 
_chem_comp_atom.pdbx_aromatic_flag 
_chem_comp_atom.pdbx_stereo_config 
_chem_comp_atom.pdbx_ordinal 
ALA N    N N N 1   
ALA CA   C N S 2   
ALA C    C N N 3   
ALA O    O N N 4   
ALA CB   C N N 5   
ALA OXT  O N N 6   
ALA H    H N N 7   
ALA H2   H N N 8   
ALA HA   H N N 9   
ALA HB1  H N N 10  
ALA HB2  H N N 11  
ALA HB3  H N N 12  
ALA HXT  H N N 13  
ARG N    N N N 14  
ARG CA   C N S 15  
ARG C    C N N 16  
ARG O    O N N 17  
ARG CB   C N N 18  
ARG CG   C N N 19  
ARG CD   C N N 20  
ARG NE   N N N 21  
ARG CZ   C N N 22  
ARG NH1  N N N 23  
ARG NH2  N N N 24  
ARG OXT  O N N 25  
ARG H    H N N 26  
ARG H2   H N N 27  
ARG HA   H N N 28  
ARG HB2  H N N 29  
ARG HB3  H N N 30  
ARG HG2  H N N 31  
ARG HG3  H N N 32  
ARG HD2  H N N 33  
ARG HD3  H N N 34  
ARG HE   H N N 35  
ARG HH11 H N N 36  
ARG HH12 H N N 37  
ARG HH21 H N N 38  
ARG HH22 H N N 39  
ARG HXT  H N N 40  
ASN N    N N N 41  
ASN CA   C N S 42  
ASN C    C N N 43  
ASN O    O N N 44  
ASN CB   C N N 45  
ASN CG   C N N 46  
ASN OD1  O N N 47  
ASN ND2  N N N 48  
ASN OXT  O N N 49  
ASN H    H N N 50  
ASN H2   H N N 51  
ASN HA   H N N 52  
ASN HB2  H N N 53  
ASN HB3  H N N 54  
ASN HD21 H N N 55  
ASN HD22 H N N 56  
ASN HXT  H N N 57  
ASP N    N N N 58  
ASP CA   C N S 59  
ASP C    C N N 60  
ASP O    O N N 61  
ASP CB   C N N 62  
ASP CG   C N N 63  
ASP OD1  O N N 64  
ASP OD2  O N N 65  
ASP OXT  O N N 66  
ASP H    H N N 67  
ASP H2   H N N 68  
ASP HA   H N N 69  
ASP HB2  H N N 70  
ASP HB3  H N N 71  
ASP HD2  H N N 72  
ASP HXT  H N N 73  
CYS N    N N N 74  
CYS CA   C N R 75  
CYS C    C N N 76  
CYS O    O N N 77  
CYS CB   C N N 78  
CYS SG   S N N 79  
CYS OXT  O N N 80  
CYS H    H N N 81  
CYS H2   H N N 82  
CYS HA   H N N 83  
CYS HB2  H N N 84  
CYS HB3  H N N 85  
CYS HG   H N N 86  
CYS HXT  H N N 87  
GLN N    N N N 88  
GLN CA   C N S 89  
GLN C    C N N 90  
GLN O    O N N 91  
GLN CB   C N N 92  
GLN CG   C N N 93  
GLN CD   C N N 94  
GLN OE1  O N N 95  
GLN NE2  N N N 96  
GLN OXT  O N N 97  
GLN H    H N N 98  
GLN H2   H N N 99  
GLN HA   H N N 100 
GLN HB2  H N N 101 
GLN HB3  H N N 102 
GLN HG2  H N N 103 
GLN HG3  H N N 104 
GLN HE21 H N N 105 
GLN HE22 H N N 106 
GLN HXT  H N N 107 
GLU N    N N N 108 
GLU CA   C N S 109 
GLU C    C N N 110 
GLU O    O N N 111 
GLU CB   C N N 112 
GLU CG   C N N 113 
GLU CD   C N N 114 
GLU OE1  O N N 115 
GLU OE2  O N N 116 
GLU OXT  O N N 117 
GLU H    H N N 118 
GLU H2   H N N 119 
GLU HA   H N N 120 
GLU HB2  H N N 121 
GLU HB3  H N N 122 
GLU HG2  H N N 123 
GLU HG3  H N N 124 
GLU HE2  H N N 125 
GLU HXT  H N N 126 
GLY N    N N N 127 
GLY CA   C N N 128 
GLY C    C N N 129 
GLY O    O N N 130 
GLY OXT  O N N 131 
GLY H    H N N 132 
GLY H2   H N N 133 
GLY HA2  H N N 134 
GLY HA3  H N N 135 
GLY HXT  H N N 136 
HIS N    N N N 137 
HIS CA   C N S 138 
HIS C    C N N 139 
HIS O    O N N 140 
HIS CB   C N N 141 
HIS CG   C Y N 142 
HIS ND1  N Y N 143 
HIS CD2  C Y N 144 
HIS CE1  C Y N 145 
HIS NE2  N Y N 146 
HIS OXT  O N N 147 
HIS H    H N N 148 
HIS H2   H N N 149 
HIS HA   H N N 150 
HIS HB2  H N N 151 
HIS HB3  H N N 152 
HIS HD1  H N N 153 
HIS HD2  H N N 154 
HIS HE1  H N N 155 
HIS HE2  H N N 156 
HIS HXT  H N N 157 
HOH O    O N N 158 
HOH H1   H N N 159 
HOH H2   H N N 160 
ILE N    N N N 161 
ILE CA   C N S 162 
ILE C    C N N 163 
ILE O    O N N 164 
ILE CB   C N S 165 
ILE CG1  C N N 166 
ILE CG2  C N N 167 
ILE CD1  C N N 168 
ILE OXT  O N N 169 
ILE H    H N N 170 
ILE H2   H N N 171 
ILE HA   H N N 172 
ILE HB   H N N 173 
ILE HG12 H N N 174 
ILE HG13 H N N 175 
ILE HG21 H N N 176 
ILE HG22 H N N 177 
ILE HG23 H N N 178 
ILE HD11 H N N 179 
ILE HD12 H N N 180 
ILE HD13 H N N 181 
ILE HXT  H N N 182 
LEU N    N N N 183 
LEU CA   C N S 184 
LEU C    C N N 185 
LEU O    O N N 186 
LEU CB   C N N 187 
LEU CG   C N N 188 
LEU CD1  C N N 189 
LEU CD2  C N N 190 
LEU OXT  O N N 191 
LEU H    H N N 192 
LEU H2   H N N 193 
LEU HA   H N N 194 
LEU HB2  H N N 195 
LEU HB3  H N N 196 
LEU HG   H N N 197 
LEU HD11 H N N 198 
LEU HD12 H N N 199 
LEU HD13 H N N 200 
LEU HD21 H N N 201 
LEU HD22 H N N 202 
LEU HD23 H N N 203 
LEU HXT  H N N 204 
LYS N    N N N 205 
LYS CA   C N S 206 
LYS C    C N N 207 
LYS O    O N N 208 
LYS CB   C N N 209 
LYS CG   C N N 210 
LYS CD   C N N 211 
LYS CE   C N N 212 
LYS NZ   N N N 213 
LYS OXT  O N N 214 
LYS H    H N N 215 
LYS H2   H N N 216 
LYS HA   H N N 217 
LYS HB2  H N N 218 
LYS HB3  H N N 219 
LYS HG2  H N N 220 
LYS HG3  H N N 221 
LYS HD2  H N N 222 
LYS HD3  H N N 223 
LYS HE2  H N N 224 
LYS HE3  H N N 225 
LYS HZ1  H N N 226 
LYS HZ2  H N N 227 
LYS HZ3  H N N 228 
LYS HXT  H N N 229 
MET N    N N N 230 
MET CA   C N S 231 
MET C    C N N 232 
MET O    O N N 233 
MET CB   C N N 234 
MET CG   C N N 235 
MET SD   S N N 236 
MET CE   C N N 237 
MET OXT  O N N 238 
MET H    H N N 239 
MET H2   H N N 240 
MET HA   H N N 241 
MET HB2  H N N 242 
MET HB3  H N N 243 
MET HG2  H N N 244 
MET HG3  H N N 245 
MET HE1  H N N 246 
MET HE2  H N N 247 
MET HE3  H N N 248 
MET HXT  H N N 249 
PHE N    N N N 250 
PHE CA   C N S 251 
PHE C    C N N 252 
PHE O    O N N 253 
PHE CB   C N N 254 
PHE CG   C Y N 255 
PHE CD1  C Y N 256 
PHE CD2  C Y N 257 
PHE CE1  C Y N 258 
PHE CE2  C Y N 259 
PHE CZ   C Y N 260 
PHE OXT  O N N 261 
PHE H    H N N 262 
PHE H2   H N N 263 
PHE HA   H N N 264 
PHE HB2  H N N 265 
PHE HB3  H N N 266 
PHE HD1  H N N 267 
PHE HD2  H N N 268 
PHE HE1  H N N 269 
PHE HE2  H N N 270 
PHE HZ   H N N 271 
PHE HXT  H N N 272 
PRO N    N N N 273 
PRO CA   C N S 274 
PRO C    C N N 275 
PRO O    O N N 276 
PRO CB   C N N 277 
PRO CG   C N N 278 
PRO CD   C N N 279 
PRO OXT  O N N 280 
PRO H    H N N 281 
PRO HA   H N N 282 
PRO HB2  H N N 283 
PRO HB3  H N N 284 
PRO HG2  H N N 285 
PRO HG3  H N N 286 
PRO HD2  H N N 287 
PRO HD3  H N N 288 
PRO HXT  H N N 289 
SER N    N N N 290 
SER CA   C N S 291 
SER C    C N N 292 
SER O    O N N 293 
SER CB   C N N 294 
SER OG   O N N 295 
SER OXT  O N N 296 
SER H    H N N 297 
SER H2   H N N 298 
SER HA   H N N 299 
SER HB2  H N N 300 
SER HB3  H N N 301 
SER HG   H N N 302 
SER HXT  H N N 303 
THR N    N N N 304 
THR CA   C N S 305 
THR C    C N N 306 
THR O    O N N 307 
THR CB   C N R 308 
THR OG1  O N N 309 
THR CG2  C N N 310 
THR OXT  O N N 311 
THR H    H N N 312 
THR H2   H N N 313 
THR HA   H N N 314 
THR HB   H N N 315 
THR HG1  H N N 316 
THR HG21 H N N 317 
THR HG22 H N N 318 
THR HG23 H N N 319 
THR HXT  H N N 320 
TRP N    N N N 321 
TRP CA   C N S 322 
TRP C    C N N 323 
TRP O    O N N 324 
TRP CB   C N N 325 
TRP CG   C Y N 326 
TRP CD1  C Y N 327 
TRP CD2  C Y N 328 
TRP NE1  N Y N 329 
TRP CE2  C Y N 330 
TRP CE3  C Y N 331 
TRP CZ2  C Y N 332 
TRP CZ3  C Y N 333 
TRP CH2  C Y N 334 
TRP OXT  O N N 335 
TRP H    H N N 336 
TRP H2   H N N 337 
TRP HA   H N N 338 
TRP HB2  H N N 339 
TRP HB3  H N N 340 
TRP HD1  H N N 341 
TRP HE1  H N N 342 
TRP HE3  H N N 343 
TRP HZ2  H N N 344 
TRP HZ3  H N N 345 
TRP HH2  H N N 346 
TRP HXT  H N N 347 
TYR N    N N N 348 
TYR CA   C N S 349 
TYR C    C N N 350 
TYR O    O N N 351 
TYR CB   C N N 352 
TYR CG   C Y N 353 
TYR CD1  C Y N 354 
TYR CD2  C Y N 355 
TYR CE1  C Y N 356 
TYR CE2  C Y N 357 
TYR CZ   C Y N 358 
TYR OH   O N N 359 
TYR OXT  O N N 360 
TYR H    H N N 361 
TYR H2   H N N 362 
TYR HA   H N N 363 
TYR HB2  H N N 364 
TYR HB3  H N N 365 
TYR HD1  H N N 366 
TYR HD2  H N N 367 
TYR HE1  H N N 368 
TYR HE2  H N N 369 
TYR HH   H N N 370 
TYR HXT  H N N 371 
VAL N    N N N 372 
VAL CA   C N S 373 
VAL C    C N N 374 
VAL O    O N N 375 
VAL CB   C N N 376 
VAL CG1  C N N 377 
VAL CG2  C N N 378 
VAL OXT  O N N 379 
VAL H    H N N 380 
VAL H2   H N N 381 
VAL HA   H N N 382 
VAL HB   H N N 383 
VAL HG11 H N N 384 
VAL HG12 H N N 385 
VAL HG13 H N N 386 
VAL HG21 H N N 387 
VAL HG22 H N N 388 
VAL HG23 H N N 389 
VAL HXT  H N N 390 
# 
loop_
_chem_comp_bond.comp_id 
_chem_comp_bond.atom_id_1 
_chem_comp_bond.atom_id_2 
_chem_comp_bond.value_order 
_chem_comp_bond.pdbx_aromatic_flag 
_chem_comp_bond.pdbx_stereo_config 
_chem_comp_bond.pdbx_ordinal 
ALA N   CA   sing N N 1   
ALA N   H    sing N N 2   
ALA N   H2   sing N N 3   
ALA CA  C    sing N N 4   
ALA CA  CB   sing N N 5   
ALA CA  HA   sing N N 6   
ALA C   O    doub N N 7   
ALA C   OXT  sing N N 8   
ALA CB  HB1  sing N N 9   
ALA CB  HB2  sing N N 10  
ALA CB  HB3  sing N N 11  
ALA OXT HXT  sing N N 12  
ARG N   CA   sing N N 13  
ARG N   H    sing N N 14  
ARG N   H2   sing N N 15  
ARG CA  C    sing N N 16  
ARG CA  CB   sing N N 17  
ARG CA  HA   sing N N 18  
ARG C   O    doub N N 19  
ARG C   OXT  sing N N 20  
ARG CB  CG   sing N N 21  
ARG CB  HB2  sing N N 22  
ARG CB  HB3  sing N N 23  
ARG CG  CD   sing N N 24  
ARG CG  HG2  sing N N 25  
ARG CG  HG3  sing N N 26  
ARG CD  NE   sing N N 27  
ARG CD  HD2  sing N N 28  
ARG CD  HD3  sing N N 29  
ARG NE  CZ   sing N N 30  
ARG NE  HE   sing N N 31  
ARG CZ  NH1  sing N N 32  
ARG CZ  NH2  doub N N 33  
ARG NH1 HH11 sing N N 34  
ARG NH1 HH12 sing N N 35  
ARG NH2 HH21 sing N N 36  
ARG NH2 HH22 sing N N 37  
ARG OXT HXT  sing N N 38  
ASN N   CA   sing N N 39  
ASN N   H    sing N N 40  
ASN N   H2   sing N N 41  
ASN CA  C    sing N N 42  
ASN CA  CB   sing N N 43  
ASN CA  HA   sing N N 44  
ASN C   O    doub N N 45  
ASN C   OXT  sing N N 46  
ASN CB  CG   sing N N 47  
ASN CB  HB2  sing N N 48  
ASN CB  HB3  sing N N 49  
ASN CG  OD1  doub N N 50  
ASN CG  ND2  sing N N 51  
ASN ND2 HD21 sing N N 52  
ASN ND2 HD22 sing N N 53  
ASN OXT HXT  sing N N 54  
ASP N   CA   sing N N 55  
ASP N   H    sing N N 56  
ASP N   H2   sing N N 57  
ASP CA  C    sing N N 58  
ASP CA  CB   sing N N 59  
ASP CA  HA   sing N N 60  
ASP C   O    doub N N 61  
ASP C   OXT  sing N N 62  
ASP CB  CG   sing N N 63  
ASP CB  HB2  sing N N 64  
ASP CB  HB3  sing N N 65  
ASP CG  OD1  doub N N 66  
ASP CG  OD2  sing N N 67  
ASP OD2 HD2  sing N N 68  
ASP OXT HXT  sing N N 69  
CYS N   CA   sing N N 70  
CYS N   H    sing N N 71  
CYS N   H2   sing N N 72  
CYS CA  C    sing N N 73  
CYS CA  CB   sing N N 74  
CYS CA  HA   sing N N 75  
CYS C   O    doub N N 76  
CYS C   OXT  sing N N 77  
CYS CB  SG   sing N N 78  
CYS CB  HB2  sing N N 79  
CYS CB  HB3  sing N N 80  
CYS SG  HG   sing N N 81  
CYS OXT HXT  sing N N 82  
GLN N   CA   sing N N 83  
GLN N   H    sing N N 84  
GLN N   H2   sing N N 85  
GLN CA  C    sing N N 86  
GLN CA  CB   sing N N 87  
GLN CA  HA   sing N N 88  
GLN C   O    doub N N 89  
GLN C   OXT  sing N N 90  
GLN CB  CG   sing N N 91  
GLN CB  HB2  sing N N 92  
GLN CB  HB3  sing N N 93  
GLN CG  CD   sing N N 94  
GLN CG  HG2  sing N N 95  
GLN CG  HG3  sing N N 96  
GLN CD  OE1  doub N N 97  
GLN CD  NE2  sing N N 98  
GLN NE2 HE21 sing N N 99  
GLN NE2 HE22 sing N N 100 
GLN OXT HXT  sing N N 101 
GLU N   CA   sing N N 102 
GLU N   H    sing N N 103 
GLU N   H2   sing N N 104 
GLU CA  C    sing N N 105 
GLU CA  CB   sing N N 106 
GLU CA  HA   sing N N 107 
GLU C   O    doub N N 108 
GLU C   OXT  sing N N 109 
GLU CB  CG   sing N N 110 
GLU CB  HB2  sing N N 111 
GLU CB  HB3  sing N N 112 
GLU CG  CD   sing N N 113 
GLU CG  HG2  sing N N 114 
GLU CG  HG3  sing N N 115 
GLU CD  OE1  doub N N 116 
GLU CD  OE2  sing N N 117 
GLU OE2 HE2  sing N N 118 
GLU OXT HXT  sing N N 119 
GLY N   CA   sing N N 120 
GLY N   H    sing N N 121 
GLY N   H2   sing N N 122 
GLY CA  C    sing N N 123 
GLY CA  HA2  sing N N 124 
GLY CA  HA3  sing N N 125 
GLY C   O    doub N N 126 
GLY C   OXT  sing N N 127 
GLY OXT HXT  sing N N 128 
HIS N   CA   sing N N 129 
HIS N   H    sing N N 130 
HIS N   H2   sing N N 131 
HIS CA  C    sing N N 132 
HIS CA  CB   sing N N 133 
HIS CA  HA   sing N N 134 
HIS C   O    doub N N 135 
HIS C   OXT  sing N N 136 
HIS CB  CG   sing N N 137 
HIS CB  HB2  sing N N 138 
HIS CB  HB3  sing N N 139 
HIS CG  ND1  sing Y N 140 
HIS CG  CD2  doub Y N 141 
HIS ND1 CE1  doub Y N 142 
HIS ND1 HD1  sing N N 143 
HIS CD2 NE2  sing Y N 144 
HIS CD2 HD2  sing N N 145 
HIS CE1 NE2  sing Y N 146 
HIS CE1 HE1  sing N N 147 
HIS NE2 HE2  sing N N 148 
HIS OXT HXT  sing N N 149 
HOH O   H1   sing N N 150 
HOH O   H2   sing N N 151 
ILE N   CA   sing N N 152 
ILE N   H    sing N N 153 
ILE N   H2   sing N N 154 
ILE CA  C    sing N N 155 
ILE CA  CB   sing N N 156 
ILE CA  HA   sing N N 157 
ILE C   O    doub N N 158 
ILE C   OXT  sing N N 159 
ILE CB  CG1  sing N N 160 
ILE CB  CG2  sing N N 161 
ILE CB  HB   sing N N 162 
ILE CG1 CD1  sing N N 163 
ILE CG1 HG12 sing N N 164 
ILE CG1 HG13 sing N N 165 
ILE CG2 HG21 sing N N 166 
ILE CG2 HG22 sing N N 167 
ILE CG2 HG23 sing N N 168 
ILE CD1 HD11 sing N N 169 
ILE CD1 HD12 sing N N 170 
ILE CD1 HD13 sing N N 171 
ILE OXT HXT  sing N N 172 
LEU N   CA   sing N N 173 
LEU N   H    sing N N 174 
LEU N   H2   sing N N 175 
LEU CA  C    sing N N 176 
LEU CA  CB   sing N N 177 
LEU CA  HA   sing N N 178 
LEU C   O    doub N N 179 
LEU C   OXT  sing N N 180 
LEU CB  CG   sing N N 181 
LEU CB  HB2  sing N N 182 
LEU CB  HB3  sing N N 183 
LEU CG  CD1  sing N N 184 
LEU CG  CD2  sing N N 185 
LEU CG  HG   sing N N 186 
LEU CD1 HD11 sing N N 187 
LEU CD1 HD12 sing N N 188 
LEU CD1 HD13 sing N N 189 
LEU CD2 HD21 sing N N 190 
LEU CD2 HD22 sing N N 191 
LEU CD2 HD23 sing N N 192 
LEU OXT HXT  sing N N 193 
LYS N   CA   sing N N 194 
LYS N   H    sing N N 195 
LYS N   H2   sing N N 196 
LYS CA  C    sing N N 197 
LYS CA  CB   sing N N 198 
LYS CA  HA   sing N N 199 
LYS C   O    doub N N 200 
LYS C   OXT  sing N N 201 
LYS CB  CG   sing N N 202 
LYS CB  HB2  sing N N 203 
LYS CB  HB3  sing N N 204 
LYS CG  CD   sing N N 205 
LYS CG  HG2  sing N N 206 
LYS CG  HG3  sing N N 207 
LYS CD  CE   sing N N 208 
LYS CD  HD2  sing N N 209 
LYS CD  HD3  sing N N 210 
LYS CE  NZ   sing N N 211 
LYS CE  HE2  sing N N 212 
LYS CE  HE3  sing N N 213 
LYS NZ  HZ1  sing N N 214 
LYS NZ  HZ2  sing N N 215 
LYS NZ  HZ3  sing N N 216 
LYS OXT HXT  sing N N 217 
MET N   CA   sing N N 218 
MET N   H    sing N N 219 
MET N   H2   sing N N 220 
MET CA  C    sing N N 221 
MET CA  CB   sing N N 222 
MET CA  HA   sing N N 223 
MET C   O    doub N N 224 
MET C   OXT  sing N N 225 
MET CB  CG   sing N N 226 
MET CB  HB2  sing N N 227 
MET CB  HB3  sing N N 228 
MET CG  SD   sing N N 229 
MET CG  HG2  sing N N 230 
MET CG  HG3  sing N N 231 
MET SD  CE   sing N N 232 
MET CE  HE1  sing N N 233 
MET CE  HE2  sing N N 234 
MET CE  HE3  sing N N 235 
MET OXT HXT  sing N N 236 
PHE N   CA   sing N N 237 
PHE N   H    sing N N 238 
PHE N   H2   sing N N 239 
PHE CA  C    sing N N 240 
PHE CA  CB   sing N N 241 
PHE CA  HA   sing N N 242 
PHE C   O    doub N N 243 
PHE C   OXT  sing N N 244 
PHE CB  CG   sing N N 245 
PHE CB  HB2  sing N N 246 
PHE CB  HB3  sing N N 247 
PHE CG  CD1  doub Y N 248 
PHE CG  CD2  sing Y N 249 
PHE CD1 CE1  sing Y N 250 
PHE CD1 HD1  sing N N 251 
PHE CD2 CE2  doub Y N 252 
PHE CD2 HD2  sing N N 253 
PHE CE1 CZ   doub Y N 254 
PHE CE1 HE1  sing N N 255 
PHE CE2 CZ   sing Y N 256 
PHE CE2 HE2  sing N N 257 
PHE CZ  HZ   sing N N 258 
PHE OXT HXT  sing N N 259 
PRO N   CA   sing N N 260 
PRO N   CD   sing N N 261 
PRO N   H    sing N N 262 
PRO CA  C    sing N N 263 
PRO CA  CB   sing N N 264 
PRO CA  HA   sing N N 265 
PRO C   O    doub N N 266 
PRO C   OXT  sing N N 267 
PRO CB  CG   sing N N 268 
PRO CB  HB2  sing N N 269 
PRO CB  HB3  sing N N 270 
PRO CG  CD   sing N N 271 
PRO CG  HG2  sing N N 272 
PRO CG  HG3  sing N N 273 
PRO CD  HD2  sing N N 274 
PRO CD  HD3  sing N N 275 
PRO OXT HXT  sing N N 276 
SER N   CA   sing N N 277 
SER N   H    sing N N 278 
SER N   H2   sing N N 279 
SER CA  C    sing N N 280 
SER CA  CB   sing N N 281 
SER CA  HA   sing N N 282 
SER C   O    doub N N 283 
SER C   OXT  sing N N 284 
SER CB  OG   sing N N 285 
SER CB  HB2  sing N N 286 
SER CB  HB3  sing N N 287 
SER OG  HG   sing N N 288 
SER OXT HXT  sing N N 289 
THR N   CA   sing N N 290 
THR N   H    sing N N 291 
THR N   H2   sing N N 292 
THR CA  C    sing N N 293 
THR CA  CB   sing N N 294 
THR CA  HA   sing N N 295 
THR C   O    doub N N 296 
THR C   OXT  sing N N 297 
THR CB  OG1  sing N N 298 
THR CB  CG2  sing N N 299 
THR CB  HB   sing N N 300 
THR OG1 HG1  sing N N 301 
THR CG2 HG21 sing N N 302 
THR CG2 HG22 sing N N 303 
THR CG2 HG23 sing N N 304 
THR OXT HXT  sing N N 305 
TRP N   CA   sing N N 306 
TRP N   H    sing N N 307 
TRP N   H2   sing N N 308 
TRP CA  C    sing N N 309 
TRP CA  CB   sing N N 310 
TRP CA  HA   sing N N 311 
TRP C   O    doub N N 312 
TRP C   OXT  sing N N 313 
TRP CB  CG   sing N N 314 
TRP CB  HB2  sing N N 315 
TRP CB  HB3  sing N N 316 
TRP CG  CD1  doub Y N 317 
TRP CG  CD2  sing Y N 318 
TRP CD1 NE1  sing Y N 319 
TRP CD1 HD1  sing N N 320 
TRP CD2 CE2  doub Y N 321 
TRP CD2 CE3  sing Y N 322 
TRP NE1 CE2  sing Y N 323 
TRP NE1 HE1  sing N N 324 
TRP CE2 CZ2  sing Y N 325 
TRP CE3 CZ3  doub Y N 326 
TRP CE3 HE3  sing N N 327 
TRP CZ2 CH2  doub Y N 328 
TRP CZ2 HZ2  sing N N 329 
TRP CZ3 CH2  sing Y N 330 
TRP CZ3 HZ3  sing N N 331 
TRP CH2 HH2  sing N N 332 
TRP OXT HXT  sing N N 333 
TYR N   CA   sing N N 334 
TYR N   H    sing N N 335 
TYR N   H2   sing N N 336 
TYR CA  C    sing N N 337 
TYR CA  CB   sing N N 338 
TYR CA  HA   sing N N 339 
TYR C   O    doub N N 340 
TYR C   OXT  sing N N 341 
TYR CB  CG   sing N N 342 
TYR CB  HB2  sing N N 343 
TYR CB  HB3  sing N N 344 
TYR CG  CD1  doub Y N 345 
TYR CG  CD2  sing Y N 346 
TYR CD1 CE1  sing Y N 347 
TYR CD1 HD1  sing N N 348 
TYR CD2 CE2  doub Y N 349 
TYR CD2 HD2  sing N N 350 
TYR CE1 CZ   doub Y N 351 
TYR CE1 HE1  sing N N 352 
TYR CE2 CZ   sing Y N 353 
TYR CE2 HE2  sing N N 354 
TYR CZ  OH   sing N N 355 
TYR OH  HH   sing N N 356 
TYR OXT HXT  sing N N 357 
VAL N   CA   sing N N 358 
VAL N   H    sing N N 359 
VAL N   H2   sing N N 360 
VAL CA  C    sing N N 361 
VAL CA  CB   sing N N 362 
VAL CA  HA   sing N N 363 
VAL C   O    doub N N 364 
VAL C   OXT  sing N N 365 
VAL CB  CG1  sing N N 366 
VAL CB  CG2  sing N N 367 
VAL CB  HB   sing N N 368 
VAL CG1 HG11 sing N N 369 
VAL CG1 HG12 sing N N 370 
VAL CG1 HG13 sing N N 371 
VAL CG2 HG21 sing N N 372 
VAL CG2 HG22 sing N N 373 
VAL CG2 HG23 sing N N 374 
VAL OXT HXT  sing N N 375 
# 
_atom_sites.entry_id                    2B3M 
_atom_sites.fract_transf_matrix[1][1]   0.01139170 
_atom_sites.fract_transf_matrix[1][2]   -0.00804886 
_atom_sites.fract_transf_matrix[1][3]   0.01033847 
_atom_sites.fract_transf_matrix[2][1]   -0.00303520 
_atom_sites.fract_transf_matrix[2][2]   0.01170591 
_atom_sites.fract_transf_matrix[2][3]   0.01245786 
_atom_sites.fract_transf_matrix[3][1]   -0.00513371 
_atom_sites.fract_transf_matrix[3][2]   -0.00402023 
_atom_sites.fract_transf_matrix[3][3]   0.00252681 
_atom_sites.fract_transf_vector[1]      0.053558 
_atom_sites.fract_transf_vector[2]      0.769979 
_atom_sites.fract_transf_vector[3]      0.255311 
# 
loop_
_atom_type.symbol 
C 
N 
O 
S 
# 
loop_
_atom_site.group_PDB 
_atom_site.id 
_atom_site.type_symbol 
_atom_site.label_atom_id 
_atom_site.label_alt_id 
_atom_site.label_comp_id 
_atom_site.label_asym_id 
_atom_site.label_entity_id 
_atom_site.label_seq_id 
_atom_site.pdbx_PDB_ins_code 
_atom_site.Cartn_x 
_atom_site.Cartn_y 
_atom_site.Cartn_z 
_atom_site.occupancy 
_atom_site.B_iso_or_equiv 
_atom_site.pdbx_formal_charge 
_atom_site.auth_seq_id 
_atom_site.auth_comp_id 
_atom_site.auth_asym_id 
_atom_site.auth_atom_id 
_atom_site.pdbx_PDB_model_num 
ATOM   1    N N   . VAL A 1 6   ? -14.010 8.049   21.893  1.00 38.48 ? 6   VAL A N   1 
ATOM   2    C CA  . VAL A 1 6   ? -13.985 8.426   20.452  1.00 37.33 ? 6   VAL A CA  1 
ATOM   3    C C   . VAL A 1 6   ? -14.905 7.536   19.619  1.00 36.13 ? 6   VAL A C   1 
ATOM   4    O O   . VAL A 1 6   ? -14.801 6.294   19.663  1.00 36.51 ? 6   VAL A O   1 
ATOM   5    C CB  . VAL A 1 6   ? -12.520 8.365   19.866  1.00 37.78 ? 6   VAL A CB  1 
ATOM   6    C CG1 . VAL A 1 6   ? -12.528 8.651   18.378  1.00 37.99 ? 6   VAL A CG1 1 
ATOM   7    C CG2 . VAL A 1 6   ? -11.624 9.346   20.583  1.00 39.29 ? 6   VAL A CG2 1 
ATOM   8    N N   . LYS A 1 7   ? -15.777 8.167   18.837  1.00 33.18 ? 7   LYS A N   1 
ATOM   9    C CA  . LYS A 1 7   ? -16.635 7.435   17.916  1.00 31.45 ? 7   LYS A CA  1 
ATOM   10   C C   . LYS A 1 7   ? -15.900 7.281   16.596  1.00 30.37 ? 7   LYS A C   1 
ATOM   11   O O   . LYS A 1 7   ? -15.859 8.224   15.803  1.00 29.35 ? 7   LYS A O   1 
ATOM   12   C CB  . LYS A 1 7   ? -17.961 8.174   17.694  1.00 31.57 ? 7   LYS A CB  1 
ATOM   13   C CG  . LYS A 1 7   ? -18.839 8.281   18.930  1.00 32.32 ? 7   LYS A CG  1 
ATOM   14   C CD  . LYS A 1 7   ? -20.056 9.158   18.638  1.00 33.91 ? 7   LYS A CD  1 
ATOM   15   C CE  . LYS A 1 7   ? -20.987 9.266   19.839  1.00 35.02 ? 7   LYS A CE  1 
ATOM   16   N NZ  . LYS A 1 7   ? -20.477 10.245  20.840  1.00 35.96 ? 7   LYS A NZ  1 
ATOM   17   N N   . MET A 1 8   ? -15.324 6.100   16.364  1.00 28.84 ? 8   MET A N   1 
ATOM   18   C CA  . MET A 1 8   ? -14.473 5.881   15.180  1.00 28.64 ? 8   MET A CA  1 
ATOM   19   C C   . MET A 1 8   ? -15.217 6.089   13.855  1.00 29.34 ? 8   MET A C   1 
ATOM   20   O O   . MET A 1 8   ? -14.682 6.682   12.930  1.00 28.76 ? 8   MET A O   1 
ATOM   21   C CB  . MET A 1 8   ? -13.818 4.492   15.223  1.00 27.82 ? 8   MET A CB  1 
ATOM   22   C CG  . MET A 1 8   ? -12.999 4.152   13.975  1.00 24.49 ? 8   MET A CG  1 
ATOM   23   S SD  . MET A 1 8   ? -11.538 5.257   13.731  1.00 17.70 ? 8   MET A SD  1 
ATOM   24   C CE  . MET A 1 8   ? -10.280 4.179   14.413  1.00 22.39 ? 8   MET A CE  1 
ATOM   25   N N   . MET A 1 9   ? -16.451 5.598   13.753  1.00 30.40 ? 9   MET A N   1 
ATOM   26   C CA  . MET A 1 9   ? -17.173 5.721   12.485  1.00 32.01 ? 9   MET A CA  1 
ATOM   27   C C   . MET A 1 9   ? -17.438 7.185   12.091  1.00 31.48 ? 9   MET A C   1 
ATOM   28   O O   . MET A 1 9   ? -17.303 7.537   10.917  1.00 32.55 ? 9   MET A O   1 
ATOM   29   C CB  . MET A 1 9   ? -18.428 4.829   12.451  1.00 33.41 ? 9   MET A CB  1 
ATOM   30   C CG  . MET A 1 9   ? -18.205 3.473   11.709  1.00 38.01 ? 9   MET A CG  1 
ATOM   31   S SD  . MET A 1 9   ? -16.505 2.808   11.561  1.00 48.41 ? 9   MET A SD  1 
ATOM   32   C CE  . MET A 1 9   ? -16.286 2.103   13.189  1.00 45.93 ? 9   MET A CE  1 
ATOM   33   N N   . SER A 1 10  ? -17.737 8.037   13.071  1.00 30.89 ? 10  SER A N   1 
ATOM   34   C CA  . SER A 1 10  ? -17.873 9.486   12.840  1.00 30.83 ? 10  SER A CA  1 
ATOM   35   C C   . SER A 1 10  ? -16.557 10.161  12.473  1.00 30.72 ? 10  SER A C   1 
ATOM   36   O O   . SER A 1 10  ? -16.530 11.043  11.604  1.00 30.56 ? 10  SER A O   1 
ATOM   37   C CB  . SER A 1 10  ? -18.453 10.186  14.059  1.00 30.74 ? 10  SER A CB  1 
ATOM   38   O OG  . SER A 1 10  ? -19.783 9.774   14.264  1.00 32.76 ? 10  SER A OG  1 
ATOM   39   N N   . LEU A 1 11  ? -15.474 9.763   13.144  1.00 29.96 ? 11  LEU A N   1 
ATOM   40   C CA  . LEU A 1 11  ? -14.156 10.336  12.857  1.00 30.10 ? 11  LEU A CA  1 
ATOM   41   C C   . LEU A 1 11  ? -13.746 9.993   11.436  1.00 30.71 ? 11  LEU A C   1 
ATOM   42   O O   . LEU A 1 11  ? -13.295 10.862  10.677  1.00 30.69 ? 11  LEU A O   1 
ATOM   43   C CB  . LEU A 1 11  ? -13.100 9.845   13.857  1.00 30.07 ? 11  LEU A CB  1 
ATOM   44   C CG  . LEU A 1 11  ? -11.636 10.272  13.638  1.00 29.40 ? 11  LEU A CG  1 
ATOM   45   C CD1 . LEU A 1 11  ? -11.496 11.790  13.645  1.00 27.06 ? 11  LEU A CD1 1 
ATOM   46   C CD2 . LEU A 1 11  ? -10.730 9.647   14.683  1.00 29.24 ? 11  LEU A CD2 1 
ATOM   47   N N   . LEU A 1 12  ? -13.914 8.726   11.077  1.00 31.25 ? 12  LEU A N   1 
ATOM   48   C CA  . LEU A 1 12  ? -13.547 8.249   9.745   1.00 32.87 ? 12  LEU A CA  1 
ATOM   49   C C   . LEU A 1 12  ? -14.312 8.999   8.652   1.00 33.26 ? 12  LEU A C   1 
ATOM   50   O O   . LEU A 1 12  ? -13.746 9.390   7.625   1.00 32.78 ? 12  LEU A O   1 
ATOM   51   C CB  . LEU A 1 12  ? -13.774 6.733   9.650   1.00 32.87 ? 12  LEU A CB  1 
ATOM   52   C CG  . LEU A 1 12  ? -13.339 6.036   8.358   1.00 33.76 ? 12  LEU A CG  1 
ATOM   53   C CD1 . LEU A 1 12  ? -11.852 6.281   8.006   1.00 35.79 ? 12  LEU A CD1 1 
ATOM   54   C CD2 . LEU A 1 12  ? -13.641 4.561   8.482   1.00 35.09 ? 12  LEU A CD2 1 
ATOM   55   N N   . GLU A 1 13  ? -15.594 9.206   8.894   1.00 33.63 ? 13  GLU A N   1 
ATOM   56   C CA  . GLU A 1 13  ? -16.462 9.905   7.969   1.00 35.06 ? 13  GLU A CA  1 
ATOM   57   C C   . GLU A 1 13  ? -16.024 11.365  7.795   1.00 34.51 ? 13  GLU A C   1 
ATOM   58   O O   . GLU A 1 13  ? -15.943 11.866  6.665   1.00 34.67 ? 13  GLU A O   1 
ATOM   59   C CB  . GLU A 1 13  ? -17.913 9.797   8.454   1.00 35.66 ? 13  GLU A CB  1 
ATOM   60   C CG  . GLU A 1 13  ? -18.977 10.208  7.430   1.00 40.59 ? 13  GLU A CG  1 
ATOM   61   C CD  . GLU A 1 13  ? -18.903 9.425   6.111   1.00 46.18 ? 13  GLU A CD  1 
ATOM   62   O OE1 . GLU A 1 13  ? -18.445 8.255   6.103   1.00 47.80 ? 13  GLU A OE1 1 
ATOM   63   O OE2 . GLU A 1 13  ? -19.321 9.997   5.077   1.00 49.98 ? 13  GLU A OE2 1 
ATOM   64   N N   . GLU A 1 14  ? -15.713 12.032  8.904   1.00 33.75 ? 14  GLU A N   1 
ATOM   65   C CA  . GLU A 1 14  ? -15.225 13.398  8.844   1.00 34.16 ? 14  GLU A CA  1 
ATOM   66   C C   . GLU A 1 14  ? -13.904 13.472  8.069   1.00 33.58 ? 14  GLU A C   1 
ATOM   67   O O   . GLU A 1 14  ? -13.724 14.321  7.195   1.00 33.30 ? 14  GLU A O   1 
ATOM   68   C CB  . GLU A 1 14  ? -15.059 13.979  10.246  1.00 34.17 ? 14  GLU A CB  1 
ATOM   69   C CG  . GLU A 1 14  ? -14.578 15.417  10.232  1.00 36.14 ? 14  GLU A CG  1 
ATOM   70   C CD  . GLU A 1 14  ? -14.416 16.010  11.614  1.00 38.84 ? 14  GLU A CD  1 
ATOM   71   O OE1 . GLU A 1 14  ? -14.705 15.310  12.616  1.00 39.11 ? 14  GLU A OE1 1 
ATOM   72   O OE2 . GLU A 1 14  ? -13.995 17.189  11.694  1.00 39.71 ? 14  GLU A OE2 1 
ATOM   73   N N   . MET A 1 15  ? -12.996 12.562  8.388   1.00 33.38 ? 15  MET A N   1 
ATOM   74   C CA  . MET A 1 15  ? -11.673 12.562  7.773   1.00 33.54 ? 15  MET A CA  1 
ATOM   75   C C   . MET A 1 15  ? -11.727 12.208  6.281   1.00 34.50 ? 15  MET A C   1 
ATOM   76   O O   . MET A 1 15  ? -10.922 12.712  5.484   1.00 34.33 ? 15  MET A O   1 
ATOM   77   C CB  . MET A 1 15  ? -10.718 11.657  8.561   1.00 33.19 ? 15  MET A CB  1 
ATOM   78   C CG  . MET A 1 15  ? -10.325 12.223  9.947   1.00 31.74 ? 15  MET A CG  1 
ATOM   79   S SD  . MET A 1 15  ? -9.782  13.967  10.030  1.00 26.96 ? 15  MET A SD  1 
ATOM   80   C CE  . MET A 1 15  ? -8.507  13.933  8.776   1.00 30.49 ? 15  MET A CE  1 
ATOM   81   N N   . LYS A 1 16  ? -12.673 11.346  5.912   1.00 35.22 ? 16  LYS A N   1 
ATOM   82   C CA  . LYS A 1 16  ? -12.919 10.982  4.517   1.00 37.02 ? 16  LYS A CA  1 
ATOM   83   C C   . LYS A 1 16  ? -13.241 12.229  3.685   1.00 36.79 ? 16  LYS A C   1 
ATOM   84   O O   . LYS A 1 16  ? -12.681 12.405  2.599   1.00 36.76 ? 16  LYS A O   1 
ATOM   85   C CB  . LYS A 1 16  ? -14.074 9.993   4.432   1.00 37.19 ? 16  LYS A CB  1 
ATOM   86   C CG  . LYS A 1 16  ? -14.080 9.067   3.221   1.00 39.93 ? 16  LYS A CG  1 
ATOM   87   C CD  . LYS A 1 16  ? -15.129 7.928   3.387   1.00 40.07 ? 16  LYS A CD  1 
ATOM   88   C CE  . LYS A 1 16  ? -14.716 6.923   4.479   1.00 42.78 ? 16  LYS A CE  1 
ATOM   89   N NZ  . LYS A 1 16  ? -15.622 5.718   4.613   1.00 45.27 ? 16  LYS A NZ  1 
ATOM   90   N N   . GLY A 1 17  ? -14.121 13.083  4.213   1.00 35.95 ? 17  GLY A N   1 
ATOM   91   C CA  . GLY A 1 17  ? -14.488 14.359  3.588   1.00 36.50 ? 17  GLY A CA  1 
ATOM   92   C C   . GLY A 1 17  ? -13.305 15.293  3.384   1.00 36.66 ? 17  GLY A C   1 
ATOM   93   O O   . GLY A 1 17  ? -13.116 15.825  2.287   1.00 36.82 ? 17  GLY A O   1 
ATOM   94   N N   . ILE A 1 18  ? -12.515 15.495  4.438   1.00 36.28 ? 18  ILE A N   1 
ATOM   95   C CA  . ILE A 1 18  ? -11.307 16.331  4.371   1.00 36.04 ? 18  ILE A CA  1 
ATOM   96   C C   . ILE A 1 18  ? -10.279 15.764  3.396   1.00 35.70 ? 18  ILE A C   1 
ATOM   97   O O   . ILE A 1 18  ? -9.728  16.497  2.560   1.00 35.56 ? 18  ILE A O   1 
ATOM   98   C CB  . ILE A 1 18  ? -10.678 16.511  5.770   1.00 36.29 ? 18  ILE A CB  1 
ATOM   99   C CG1 . ILE A 1 18  ? -11.593 17.397  6.634   1.00 36.40 ? 18  ILE A CG1 1 
ATOM   100  C CG2 . ILE A 1 18  ? -9.279  17.121  5.677   1.00 36.72 ? 18  ILE A CG2 1 
ATOM   101  C CD1 . ILE A 1 18  ? -11.381 17.229  8.118   1.00 38.40 ? 18  ILE A CD1 1 
ATOM   102  N N   . TYR A 1 19  ? -10.028 14.462  3.511   1.00 34.83 ? 19  TYR A N   1 
ATOM   103  C CA  . TYR A 1 19  ? -9.126  13.730  2.622   1.00 34.91 ? 19  TYR A CA  1 
ATOM   104  C C   . TYR A 1 19  ? -9.479  13.910  1.139   1.00 35.85 ? 19  TYR A C   1 
ATOM   105  O O   . TYR A 1 19  ? -8.603  14.244  0.317   1.00 36.38 ? 19  TYR A O   1 
ATOM   106  C CB  . TYR A 1 19  ? -9.149  12.240  2.996   1.00 33.38 ? 19  TYR A CB  1 
ATOM   107  C CG  . TYR A 1 19  ? -8.293  11.324  2.150   1.00 32.65 ? 19  TYR A CG  1 
ATOM   108  C CD1 . TYR A 1 19  ? -6.901  11.407  2.189   1.00 30.81 ? 19  TYR A CD1 1 
ATOM   109  C CD2 . TYR A 1 19  ? -8.878  10.361  1.327   1.00 33.08 ? 19  TYR A CD2 1 
ATOM   110  C CE1 . TYR A 1 19  ? -6.108  10.544  1.443   1.00 33.40 ? 19  TYR A CE1 1 
ATOM   111  C CE2 . TYR A 1 19  ? -8.092  9.489   0.563   1.00 32.93 ? 19  TYR A CE2 1 
ATOM   112  C CZ  . TYR A 1 19  ? -6.706  9.602   0.618   1.00 32.63 ? 19  TYR A CZ  1 
ATOM   113  O OH  . TYR A 1 19  ? -5.918  8.772   -0.134  1.00 32.91 ? 19  TYR A OH  1 
ATOM   114  N N   . SER A 1 20  ? -10.760 13.717  0.818   1.00 36.03 ? 20  SER A N   1 
ATOM   115  C CA  A SER A 1 20  ? -11.235 13.812  -0.557  0.33 36.49 ? 20  SER A CA  1 
ATOM   116  C CA  B SER A 1 20  ? -11.240 13.814  -0.555  0.33 36.53 ? 20  SER A CA  1 
ATOM   117  C CA  C SER A 1 20  ? -11.243 13.820  -0.556  0.33 36.34 ? 20  SER A CA  1 
ATOM   118  C C   . SER A 1 20  ? -11.084 15.231  -1.114  1.00 36.78 ? 20  SER A C   1 
ATOM   119  O O   . SER A 1 20  ? -10.755 15.404  -2.287  1.00 37.32 ? 20  SER A O   1 
ATOM   120  C CB  A SER A 1 20  ? -12.687 13.330  -0.663  0.33 36.49 ? 20  SER A CB  1 
ATOM   121  C CB  B SER A 1 20  ? -12.698 13.364  -0.648  0.33 36.55 ? 20  SER A CB  1 
ATOM   122  C CB  C SER A 1 20  ? -12.704 13.379  -0.655  0.33 36.33 ? 20  SER A CB  1 
ATOM   123  O OG  A SER A 1 20  ? -13.158 13.389  -2.001  0.33 36.38 ? 20  SER A OG  1 
ATOM   124  O OG  B SER A 1 20  ? -13.555 14.294  -0.006  0.33 36.69 ? 20  SER A OG  1 
ATOM   125  O OG  C SER A 1 20  ? -12.812 11.971  -0.655  0.33 35.28 ? 20  SER A OG  1 
ATOM   126  N N   . LYS A 1 21  ? -11.316 16.236  -0.267  1.00 36.97 ? 21  LYS A N   1 
ATOM   127  C CA  . LYS A 1 21  ? -11.150 17.641  -0.663  1.00 37.94 ? 21  LYS A CA  1 
ATOM   128  C C   . LYS A 1 21  ? -9.700  18.037  -0.926  1.00 38.19 ? 21  LYS A C   1 
ATOM   129  O O   . LYS A 1 21  ? -9.442  19.001  -1.659  1.00 38.19 ? 21  LYS A O   1 
ATOM   130  C CB  . LYS A 1 21  ? -11.746 18.584  0.380   1.00 38.19 ? 21  LYS A CB  1 
ATOM   131  C CG  . LYS A 1 21  ? -13.258 18.582  0.414   1.00 39.31 ? 21  LYS A CG  1 
ATOM   132  C CD  . LYS A 1 21  ? -13.772 19.705  1.288   1.00 42.53 ? 21  LYS A CD  1 
ATOM   133  C CE  . LYS A 1 21  ? -15.288 19.764  1.277   1.00 42.71 ? 21  LYS A CE  1 
ATOM   134  N NZ  . LYS A 1 21  ? -15.792 21.081  1.750   1.00 44.22 ? 21  LYS A NZ  1 
ATOM   135  N N   . LYS A 1 22  ? -8.770  17.315  -0.308  1.00 38.26 ? 22  LYS A N   1 
ATOM   136  C CA  . LYS A 1 22  ? -7.338  17.567  -0.444  1.00 38.99 ? 22  LYS A CA  1 
ATOM   137  C C   . LYS A 1 22  ? -6.680  16.728  -1.537  1.00 38.91 ? 22  LYS A C   1 
ATOM   138  O O   . LYS A 1 22  ? -5.451  16.687  -1.639  1.00 39.46 ? 22  LYS A O   1 
ATOM   139  C CB  . LYS A 1 22  ? -6.626  17.363  0.903   1.00 38.51 ? 22  LYS A CB  1 
ATOM   140  C CG  . LYS A 1 22  ? -7.021  18.398  1.962   1.00 39.89 ? 22  LYS A CG  1 
ATOM   141  C CD  . LYS A 1 22  ? -6.663  19.803  1.524   1.00 42.19 ? 22  LYS A CD  1 
ATOM   142  C CE  . LYS A 1 22  ? -7.050  20.826  2.562   1.00 43.54 ? 22  LYS A CE  1 
ATOM   143  N NZ  . LYS A 1 22  ? -6.945  22.220  2.029   1.00 45.59 ? 22  LYS A NZ  1 
ATOM   144  N N   . GLY A 1 23  ? -7.500  16.073  -2.353  1.00 39.23 ? 23  GLY A N   1 
ATOM   145  C CA  . GLY A 1 23  ? -7.016  15.294  -3.493  1.00 39.90 ? 23  GLY A CA  1 
ATOM   146  C C   . GLY A 1 23  ? -6.882  13.800  -3.294  1.00 40.38 ? 23  GLY A C   1 
ATOM   147  O O   . GLY A 1 23  ? -6.380  13.089  -4.174  1.00 40.65 ? 23  GLY A O   1 
ATOM   148  N N   . GLY A 1 24  ? -7.315  13.297  -2.140  1.00 40.62 ? 24  GLY A N   1 
ATOM   149  C CA  . GLY A 1 24  ? -7.193  11.869  -1.872  1.00 40.92 ? 24  GLY A CA  1 
ATOM   150  C C   . GLY A 1 24  ? -8.240  11.055  -2.611  1.00 41.97 ? 24  GLY A C   1 
ATOM   151  O O   . GLY A 1 24  ? -9.337  11.539  -2.870  1.00 41.18 ? 24  GLY A O   1 
ATOM   152  N N   . LYS A 1 25  ? -7.886  9.821   -2.963  1.00 43.03 ? 25  LYS A N   1 
ATOM   153  C CA  . LYS A 1 25  ? -8.807  8.907   -3.646  1.00 44.78 ? 25  LYS A CA  1 
ATOM   154  C C   . LYS A 1 25  ? -9.377  7.938   -2.631  1.00 44.38 ? 25  LYS A C   1 
ATOM   155  O O   . LYS A 1 25  ? -8.654  7.098   -2.130  1.00 44.30 ? 25  LYS A O   1 
ATOM   156  C CB  . LYS A 1 25  ? -8.069  8.102   -4.724  1.00 45.10 ? 25  LYS A CB  1 
ATOM   157  C CG  . LYS A 1 25  ? -7.023  8.890   -5.518  1.00 48.19 ? 25  LYS A CG  1 
ATOM   158  C CD  . LYS A 1 25  ? -7.615  9.665   -6.683  1.00 49.61 ? 25  LYS A CD  1 
ATOM   159  C CE  . LYS A 1 25  ? -6.758  10.866  -6.992  1.00 50.98 ? 25  LYS A CE  1 
ATOM   160  N NZ  . LYS A 1 25  ? -7.253  11.633  -8.171  1.00 52.77 ? 25  LYS A NZ  1 
ATOM   161  N N   . VAL A 1 26  ? -10.659 8.052   -2.310  1.00 45.21 ? 26  VAL A N   1 
ATOM   162  C CA  . VAL A 1 26  ? -11.258 7.110   -1.364  1.00 45.97 ? 26  VAL A CA  1 
ATOM   163  C C   . VAL A 1 26  ? -11.545 5.793   -2.071  1.00 46.32 ? 26  VAL A C   1 
ATOM   164  O O   . VAL A 1 26  ? -12.355 5.737   -3.001  1.00 46.56 ? 26  VAL A O   1 
ATOM   165  C CB  . VAL A 1 26  ? -12.542 7.652   -0.682  1.00 46.51 ? 26  VAL A CB  1 
ATOM   166  C CG1 . VAL A 1 26  ? -13.101 6.611   0.287   1.00 47.17 ? 26  VAL A CG1 1 
ATOM   167  C CG2 . VAL A 1 26  ? -12.248 8.930   0.073   1.00 46.94 ? 26  VAL A CG2 1 
ATOM   168  N N   . LYS A 1 27  ? -10.865 4.742   -1.621  1.00 46.38 ? 27  LYS A N   1 
ATOM   169  C CA  . LYS A 1 27  ? -11.037 3.397   -2.167  1.00 45.92 ? 27  LYS A CA  1 
ATOM   170  C C   . LYS A 1 27  ? -12.152 2.657   -1.422  1.00 45.56 ? 27  LYS A C   1 
ATOM   171  O O   . LYS A 1 27  ? -12.034 2.419   -0.221  1.00 46.83 ? 27  LYS A O   1 
ATOM   172  C CB  . LYS A 1 27  ? -9.711  2.631   -2.071  1.00 46.11 ? 27  LYS A CB  1 
ATOM   173  C CG  . LYS A 1 27  ? -8.759  2.880   -3.234  1.00 45.79 ? 27  LYS A CG  1 
ATOM   174  C CD  . LYS A 1 27  ? -8.735  1.653   -4.117  1.00 45.20 ? 27  LYS A CD  1 
ATOM   175  C CE  . LYS A 1 27  ? -8.724  2.017   -5.560  1.00 42.89 ? 27  LYS A CE  1 
ATOM   176  N NZ  . LYS A 1 27  ? -8.725  0.775   -6.366  1.00 43.57 ? 27  LYS A NZ  1 
ATOM   177  N N   . PRO A 1 28  ? -13.244 2.301   -2.132  1.00 44.18 ? 28  PRO A N   1 
ATOM   178  C CA  . PRO A 1 28  ? -14.330 1.509   -1.533  1.00 43.45 ? 28  PRO A CA  1 
ATOM   179  C C   . PRO A 1 28  ? -13.793 0.169   -1.018  1.00 42.41 ? 28  PRO A C   1 
ATOM   180  O O   . PRO A 1 28  ? -12.906 -0.426  -1.651  1.00 41.57 ? 28  PRO A O   1 
ATOM   181  C CB  . PRO A 1 28  ? -15.294 1.284   -2.702  1.00 43.35 ? 28  PRO A CB  1 
ATOM   182  C CG  . PRO A 1 28  ? -14.991 2.394   -3.672  1.00 44.22 ? 28  PRO A CG  1 
ATOM   183  C CD  . PRO A 1 28  ? -13.508 2.624   -3.547  1.00 43.89 ? 28  PRO A CD  1 
ATOM   184  N N   . PHE A 1 29  ? -14.289 -0.287  0.131   1.00 41.18 ? 29  PHE A N   1 
ATOM   185  C CA  . PHE A 1 29  ? -13.762 -1.527  0.708   1.00 40.51 ? 29  PHE A CA  1 
ATOM   186  C C   . PHE A 1 29  ? -14.660 -2.673  0.289   1.00 40.79 ? 29  PHE A C   1 
ATOM   187  O O   . PHE A 1 29  ? -15.715 -2.900  0.880   1.00 41.02 ? 29  PHE A O   1 
ATOM   188  C CB  . PHE A 1 29  ? -13.627 -1.447  2.224   1.00 39.72 ? 29  PHE A CB  1 
ATOM   189  C CG  . PHE A 1 29  ? -12.855 -2.594  2.817   1.00 39.91 ? 29  PHE A CG  1 
ATOM   190  C CD1 . PHE A 1 29  ? -11.468 -2.610  2.764   1.00 39.16 ? 29  PHE A CD1 1 
ATOM   191  C CD2 . PHE A 1 29  ? -13.525 -3.682  3.404   1.00 41.18 ? 29  PHE A CD2 1 
ATOM   192  C CE1 . PHE A 1 29  ? -10.742 -3.666  3.310   1.00 39.80 ? 29  PHE A CE1 1 
ATOM   193  C CE2 . PHE A 1 29  ? -12.811 -4.749  3.948   1.00 38.31 ? 29  PHE A CE2 1 
ATOM   194  C CZ  . PHE A 1 29  ? -11.429 -4.749  3.904   1.00 39.97 ? 29  PHE A CZ  1 
ATOM   195  N N   . GLU A 1 30  ? -14.258 -3.367  -0.767  1.00 40.76 ? 30  GLU A N   1 
ATOM   196  C CA  . GLU A 1 30  ? -15.057 -4.454  -1.310  1.00 40.85 ? 30  GLU A CA  1 
ATOM   197  C C   . GLU A 1 30  ? -14.232 -5.718  -1.308  1.00 39.76 ? 30  GLU A C   1 
ATOM   198  O O   . GLU A 1 30  ? -13.121 -5.723  -1.821  1.00 39.58 ? 30  GLU A O   1 
ATOM   199  C CB  . GLU A 1 30  ? -15.484 -4.143  -2.737  1.00 41.61 ? 30  GLU A CB  1 
ATOM   200  C CG  . GLU A 1 30  ? -16.492 -3.026  -2.874  1.00 44.65 ? 30  GLU A CG  1 
ATOM   201  C CD  . GLU A 1 30  ? -16.964 -2.876  -4.303  1.00 49.12 ? 30  GLU A CD  1 
ATOM   202  O OE1 . GLU A 1 30  ? -17.600 -3.828  -4.820  1.00 52.30 ? 30  GLU A OE1 1 
ATOM   203  O OE2 . GLU A 1 30  ? -16.711 -1.807  -4.908  1.00 51.01 ? 30  GLU A OE2 1 
ATOM   204  N N   . LYS A 1 31  ? -14.772 -6.788  -0.736  1.00 38.62 ? 31  LYS A N   1 
ATOM   205  C CA  . LYS A 1 31  ? -14.028 -8.039  -0.666  1.00 37.74 ? 31  LYS A CA  1 
ATOM   206  C C   . LYS A 1 31  ? -13.877 -8.638  -2.053  1.00 36.84 ? 31  LYS A C   1 
ATOM   207  O O   . LYS A 1 31  ? -14.796 -8.542  -2.878  1.00 35.72 ? 31  LYS A O   1 
ATOM   208  C CB  . LYS A 1 31  ? -14.733 -9.040  0.252   1.00 38.68 ? 31  LYS A CB  1 
ATOM   209  C CG  . LYS A 1 31  ? -14.677 -8.686  1.729   1.00 39.82 ? 31  LYS A CG  1 
ATOM   210  C CD  . LYS A 1 31  ? -13.294 -8.777  2.267   1.00 39.60 ? 31  LYS A CD  1 
ATOM   211  C CE  . LYS A 1 31  ? -13.281 -9.340  3.650   1.00 40.63 ? 31  LYS A CE  1 
ATOM   212  N NZ  . LYS A 1 31  ? -11.889 -9.442  4.091   1.00 40.71 ? 31  LYS A NZ  1 
ATOM   213  N N   . PHE A 1 32  ? -12.720 -9.250  -2.304  1.00 35.22 ? 32  PHE A N   1 
ATOM   214  C CA  . PHE A 1 32  ? -12.496 -10.024 -3.520  1.00 34.65 ? 32  PHE A CA  1 
ATOM   215  C C   . PHE A 1 32  ? -13.372 -11.264 -3.483  1.00 34.82 ? 32  PHE A C   1 
ATOM   216  O O   . PHE A 1 32  ? -13.829 -11.668 -2.412  1.00 33.53 ? 32  PHE A O   1 
ATOM   217  C CB  . PHE A 1 32  ? -11.043 -10.489 -3.624  1.00 33.60 ? 32  PHE A CB  1 
ATOM   218  C CG  . PHE A 1 32  ? -10.028 -9.383  -3.780  1.00 33.88 ? 32  PHE A CG  1 
ATOM   219  C CD1 . PHE A 1 32  ? -8.865  -9.407  -3.020  1.00 33.10 ? 32  PHE A CD1 1 
ATOM   220  C CD2 . PHE A 1 32  ? -10.201 -8.355  -4.702  1.00 34.52 ? 32  PHE A CD2 1 
ATOM   221  C CE1 . PHE A 1 32  ? -7.883  -8.425  -3.160  1.00 34.00 ? 32  PHE A CE1 1 
ATOM   222  C CE2 . PHE A 1 32  ? -9.212  -7.349  -4.847  1.00 34.87 ? 32  PHE A CE2 1 
ATOM   223  C CZ  . PHE A 1 32  ? -8.065  -7.391  -4.075  1.00 32.74 ? 32  PHE A CZ  1 
ATOM   224  N N   . GLU A 1 33  ? -13.574 -11.873 -4.648  1.00 35.92 ? 33  GLU A N   1 
ATOM   225  C CA  . GLU A 1 33  ? -14.442 -13.048 -4.773  1.00 37.02 ? 33  GLU A CA  1 
ATOM   226  C C   . GLU A 1 33  ? -13.647 -14.323 -5.095  1.00 37.21 ? 33  GLU A C   1 
ATOM   227  O O   . GLU A 1 33  ? -12.436 -14.269 -5.365  1.00 37.17 ? 33  GLU A O   1 
ATOM   228  C CB  . GLU A 1 33  ? -15.512 -12.784 -5.831  1.00 37.63 ? 33  GLU A CB  1 
ATOM   229  C CG  . GLU A 1 33  ? -16.406 -11.599 -5.499  1.00 40.23 ? 33  GLU A CG  1 
ATOM   230  C CD  . GLU A 1 33  ? -17.286 -11.190 -6.652  1.00 44.76 ? 33  GLU A CD  1 
ATOM   231  O OE1 . GLU A 1 33  ? -16.759 -10.599 -7.624  1.00 47.69 ? 33  GLU A OE1 1 
ATOM   232  O OE2 . GLU A 1 33  ? -18.505 -11.446 -6.584  1.00 45.38 ? 33  GLU A OE2 1 
ATOM   233  N N   . GLY A 1 34  ? -14.323 -15.467 -5.043  1.00 36.80 ? 34  GLY A N   1 
ATOM   234  C CA  . GLY A 1 34  ? -13.701 -16.750 -5.385  1.00 36.94 ? 34  GLY A CA  1 
ATOM   235  C C   . GLY A 1 34  ? -13.228 -17.540 -4.178  1.00 36.86 ? 34  GLY A C   1 
ATOM   236  O O   . GLY A 1 34  ? -13.238 -17.043 -3.058  1.00 37.51 ? 34  GLY A O   1 
ATOM   237  N N   . GLU A 1 35  ? -12.817 -18.782 -4.411  1.00 36.51 ? 35  GLU A N   1 
ATOM   238  C CA  . GLU A 1 35  ? -12.256 -19.601 -3.346  1.00 36.38 ? 35  GLU A CA  1 
ATOM   239  C C   . GLU A 1 35  ? -10.770 -19.294 -3.224  1.00 35.90 ? 35  GLU A C   1 
ATOM   240  O O   . GLU A 1 35  ? -10.040 -19.342 -4.214  1.00 35.31 ? 35  GLU A O   1 
ATOM   241  C CB  . GLU A 1 35  ? -12.459 -21.102 -3.609  1.00 35.64 ? 35  GLU A CB  1 
ATOM   242  C CG  . GLU A 1 35  ? -13.909 -21.590 -3.513  1.00 37.56 ? 35  GLU A CG  1 
ATOM   243  C CD  . GLU A 1 35  ? -14.435 -21.655 -2.080  1.00 37.61 ? 35  GLU A CD  1 
ATOM   244  O OE1 . GLU A 1 35  ? -13.629 -21.597 -1.121  1.00 38.08 ? 35  GLU A OE1 1 
ATOM   245  O OE2 . GLU A 1 35  ? -15.668 -21.786 -1.920  1.00 42.33 ? 35  GLU A OE2 1 
ATOM   246  N N   . LEU A 1 36  ? -10.341 -18.961 -2.014  1.00 36.07 ? 36  LEU A N   1 
ATOM   247  C CA  . LEU A 1 36  ? -8.919  -18.806 -1.718  1.00 36.66 ? 36  LEU A CA  1 
ATOM   248  C C   . LEU A 1 36  ? -8.267  -20.165 -1.781  1.00 36.35 ? 36  LEU A C   1 
ATOM   249  O O   . LEU A 1 36  ? -8.836  -21.142 -1.305  1.00 36.76 ? 36  LEU A O   1 
ATOM   250  C CB  . LEU A 1 36  ? -8.722  -18.273 -0.312  1.00 37.55 ? 36  LEU A CB  1 
ATOM   251  C CG  . LEU A 1 36  ? -8.713  -16.787 -0.035  1.00 39.40 ? 36  LEU A CG  1 
ATOM   252  C CD1 . LEU A 1 36  ? -8.553  -16.631 1.448   1.00 41.23 ? 36  LEU A CD1 1 
ATOM   253  C CD2 . LEU A 1 36  ? -7.571  -16.070 -0.781  1.00 38.69 ? 36  LEU A CD2 1 
ATOM   254  N N   . LYS A 1 37  ? -7.095  -20.233 -2.394  1.00 35.43 ? 37  LYS A N   1 
ATOM   255  C CA  . LYS A 1 37  ? -6.365  -21.485 -2.535  1.00 35.08 ? 37  LYS A CA  1 
ATOM   256  C C   . LYS A 1 37  ? -5.002  -21.192 -3.140  1.00 33.87 ? 37  LYS A C   1 
ATOM   257  O O   . LYS A 1 37  ? -4.774  -20.077 -3.610  1.00 33.41 ? 37  LYS A O   1 
ATOM   258  C CB  . LYS A 1 37  ? -7.151  -22.473 -3.425  1.00 36.04 ? 37  LYS A CB  1 
ATOM   259  C CG  . LYS A 1 37  ? -6.954  -22.324 -4.941  1.00 37.78 ? 37  LYS A CG  1 
ATOM   260  C CD  . LYS A 1 37  ? -7.541  -21.052 -5.551  1.00 40.32 ? 37  LYS A CD  1 
ATOM   261  C CE  . LYS A 1 37  ? -7.733  -21.217 -7.076  1.00 41.29 ? 37  LYS A CE  1 
ATOM   262  N NZ  . LYS A 1 37  ? -7.559  -19.917 -7.804  1.00 44.35 ? 37  LYS A NZ  1 
ATOM   263  N N   . GLU A 1 38  ? -4.118  -22.189 -3.152  1.00 33.07 ? 38  GLU A N   1 
ATOM   264  C CA  . GLU A 1 38  ? -2.828  -22.055 -3.832  1.00 32.61 ? 38  GLU A CA  1 
ATOM   265  C C   . GLU A 1 38  ? -3.059  -21.608 -5.273  1.00 31.82 ? 38  GLU A C   1 
ATOM   266  O O   . GLU A 1 38  ? -3.844  -22.216 -6.020  1.00 30.62 ? 38  GLU A O   1 
ATOM   267  C CB  . GLU A 1 38  ? -2.031  -23.369 -3.789  1.00 33.16 ? 38  GLU A CB  1 
ATOM   268  C CG  . GLU A 1 38  ? -0.568  -23.253 -4.270  1.00 35.54 ? 38  GLU A CG  1 
ATOM   269  C CD  . GLU A 1 38  ? -0.403  -23.269 -5.803  1.00 40.27 ? 38  GLU A CD  1 
ATOM   270  O OE1 . GLU A 1 38  ? -1.315  -23.729 -6.530  1.00 40.08 ? 38  GLU A OE1 1 
ATOM   271  O OE2 . GLU A 1 38  ? 0.661   -22.827 -6.286  1.00 40.56 ? 38  GLU A OE2 1 
ATOM   272  N N   . GLY A 1 39  ? -2.366  -20.544 -5.663  1.00 30.30 ? 39  GLY A N   1 
ATOM   273  C CA  . GLY A 1 39  ? -2.462  -20.043 -7.019  1.00 30.50 ? 39  GLY A CA  1 
ATOM   274  C C   . GLY A 1 39  ? -3.485  -18.943 -7.206  1.00 29.97 ? 39  GLY A C   1 
ATOM   275  O O   . GLY A 1 39  ? -3.611  -18.403 -8.300  1.00 30.64 ? 39  GLY A O   1 
ATOM   276  N N   . TYR A 1 40  ? -4.217  -18.614 -6.148  1.00 29.28 ? 40  TYR A N   1 
ATOM   277  C CA  . TYR A 1 40  ? -5.230  -17.555 -6.214  1.00 29.42 ? 40  TYR A CA  1 
ATOM   278  C C   . TYR A 1 40  ? -4.538  -16.216 -6.432  1.00 29.76 ? 40  TYR A C   1 
ATOM   279  O O   . TYR A 1 40  ? -3.602  -15.884 -5.702  1.00 28.63 ? 40  TYR A O   1 
ATOM   280  C CB  . TYR A 1 40  ? -6.044  -17.525 -4.915  1.00 29.79 ? 40  TYR A CB  1 
ATOM   281  C CG  . TYR A 1 40  ? -7.081  -16.426 -4.820  1.00 30.41 ? 40  TYR A CG  1 
ATOM   282  C CD1 . TYR A 1 40  ? -8.422  -16.680 -5.118  1.00 32.31 ? 40  TYR A CD1 1 
ATOM   283  C CD2 . TYR A 1 40  ? -6.736  -15.144 -4.370  1.00 29.88 ? 40  TYR A CD2 1 
ATOM   284  C CE1 . TYR A 1 40  ? -9.384  -15.676 -5.018  1.00 33.06 ? 40  TYR A CE1 1 
ATOM   285  C CE2 . TYR A 1 40  ? -7.691  -14.134 -4.275  1.00 30.43 ? 40  TYR A CE2 1 
ATOM   286  C CZ  . TYR A 1 40  ? -9.006  -14.407 -4.591  1.00 32.53 ? 40  TYR A CZ  1 
ATOM   287  O OH  . TYR A 1 40  ? -9.954  -13.411 -4.495  1.00 34.22 ? 40  TYR A OH  1 
ATOM   288  N N   . ARG A 1 41  ? -5.001  -15.467 -7.426  1.00 29.82 ? 41  ARG A N   1 
ATOM   289  C CA  . ARG A 1 41  ? -4.357  -14.196 -7.796  1.00 31.18 ? 41  ARG A CA  1 
ATOM   290  C C   . ARG A 1 41  ? -5.292  -13.034 -7.567  1.00 30.47 ? 41  ARG A C   1 
ATOM   291  O O   . ARG A 1 41  ? -6.518  -13.151 -7.754  1.00 29.56 ? 41  ARG A O   1 
ATOM   292  C CB  . ARG A 1 41  ? -3.954  -14.205 -9.273  1.00 31.16 ? 41  ARG A CB  1 
ATOM   293  C CG  . ARG A 1 41  ? -2.893  -15.217 -9.632  1.00 33.51 ? 41  ARG A CG  1 
ATOM   294  C CD  . ARG A 1 41  ? -2.505  -15.115 -11.122 1.00 35.50 ? 41  ARG A CD  1 
ATOM   295  N NE  . ARG A 1 41  ? -1.485  -16.112 -11.441 1.00 44.25 ? 41  ARG A NE  1 
ATOM   296  C CZ  . ARG A 1 41  ? -0.176  -15.940 -11.258 1.00 46.63 ? 41  ARG A CZ  1 
ATOM   297  N NH1 . ARG A 1 41  ? 0.295   -14.789 -10.784 1.00 48.34 ? 41  ARG A NH1 1 
ATOM   298  N NH2 . ARG A 1 41  ? 0.669   -16.921 -11.567 1.00 48.71 ? 41  ARG A NH2 1 
ATOM   299  N N   . PHE A 1 42  ? -4.727  -11.892 -7.198  1.00 29.82 ? 42  PHE A N   1 
ATOM   300  C CA  . PHE A 1 42  ? -5.527  -10.703 -7.002  1.00 29.91 ? 42  PHE A CA  1 
ATOM   301  C C   . PHE A 1 42  ? -4.680  -9.482  -7.316  1.00 30.26 ? 42  PHE A C   1 
ATOM   302  O O   . PHE A 1 42  ? -3.445  -9.567  -7.365  1.00 28.73 ? 42  PHE A O   1 
ATOM   303  C CB  . PHE A 1 42  ? -6.070  -10.617 -5.558  1.00 30.50 ? 42  PHE A CB  1 
ATOM   304  C CG  . PHE A 1 42  ? -5.001  -10.644 -4.486  1.00 32.37 ? 42  PHE A CG  1 
ATOM   305  C CD1 . PHE A 1 42  ? -4.508  -9.457  -3.938  1.00 34.67 ? 42  PHE A CD1 1 
ATOM   306  C CD2 . PHE A 1 42  ? -4.487  -11.853 -4.028  1.00 32.11 ? 42  PHE A CD2 1 
ATOM   307  C CE1 . PHE A 1 42  ? -3.520  -9.483  -2.943  1.00 38.75 ? 42  PHE A CE1 1 
ATOM   308  C CE2 . PHE A 1 42  ? -3.510  -11.891 -3.043  1.00 32.81 ? 42  PHE A CE2 1 
ATOM   309  C CZ  . PHE A 1 42  ? -3.035  -10.717 -2.480  1.00 35.20 ? 42  PHE A CZ  1 
ATOM   310  N N   . GLU A 1 43  ? -5.359  -8.368  -7.535  1.00 30.29 ? 43  GLU A N   1 
ATOM   311  C CA  . GLU A 1 43  ? -4.653  -7.117  -7.782  1.00 32.48 ? 43  GLU A CA  1 
ATOM   312  C C   . GLU A 1 43  ? -5.455  -5.952  -7.218  1.00 30.96 ? 43  GLU A C   1 
ATOM   313  O O   . GLU A 1 43  ? -6.684  -6.052  -7.042  1.00 30.80 ? 43  GLU A O   1 
ATOM   314  C CB  . GLU A 1 43  ? -4.313  -6.975  -9.272  1.00 32.27 ? 43  GLU A CB  1 
ATOM   315  C CG  . GLU A 1 43  ? -5.396  -6.513  -10.197 1.00 36.92 ? 43  GLU A CG  1 
ATOM   316  C CD  . GLU A 1 43  ? -4.821  -6.099  -11.565 1.00 37.35 ? 43  GLU A CD  1 
ATOM   317  O OE1 . GLU A 1 43  ? -3.956  -6.835  -12.110 1.00 42.86 ? 43  GLU A OE1 1 
ATOM   318  O OE2 . GLU A 1 43  ? -5.215  -5.026  -12.079 1.00 42.68 ? 43  GLU A OE2 1 
ATOM   319  N N   . TYR A 1 44  ? -4.750  -4.869  -6.906  1.00 29.41 ? 44  TYR A N   1 
ATOM   320  C CA  . TYR A 1 44  ? -5.313  -3.729  -6.220  1.00 28.35 ? 44  TYR A CA  1 
ATOM   321  C C   . TYR A 1 44  ? -4.425  -2.545  -6.581  1.00 28.61 ? 44  TYR A C   1 
ATOM   322  O O   . TYR A 1 44  ? -3.200  -2.678  -6.591  1.00 27.84 ? 44  TYR A O   1 
ATOM   323  C CB  . TYR A 1 44  ? -5.219  -3.969  -4.712  1.00 28.52 ? 44  TYR A CB  1 
ATOM   324  C CG  . TYR A 1 44  ? -5.568  -2.795  -3.834  1.00 27.90 ? 44  TYR A CG  1 
ATOM   325  C CD1 . TYR A 1 44  ? -6.895  -2.426  -3.638  1.00 27.70 ? 44  TYR A CD1 1 
ATOM   326  C CD2 . TYR A 1 44  ? -4.574  -2.063  -3.178  1.00 27.92 ? 44  TYR A CD2 1 
ATOM   327  C CE1 . TYR A 1 44  ? -7.239  -1.355  -2.825  1.00 29.08 ? 44  TYR A CE1 1 
ATOM   328  C CE2 . TYR A 1 44  ? -4.917  -0.965  -2.347  1.00 28.67 ? 44  TYR A CE2 1 
ATOM   329  C CZ  . TYR A 1 44  ? -6.255  -0.636  -2.170  1.00 28.65 ? 44  TYR A CZ  1 
ATOM   330  O OH  . TYR A 1 44  ? -6.647  0.418   -1.370  1.00 29.61 ? 44  TYR A OH  1 
ATOM   331  N N   . GLU A 1 45  ? -5.026  -1.397  -6.838  1.00 28.24 ? 45  GLU A N   1 
ATOM   332  C CA  . GLU A 1 45  ? -4.183  -0.223  -7.151  1.00 28.72 ? 45  GLU A CA  1 
ATOM   333  C C   . GLU A 1 45  ? -4.741  1.055   -6.557  1.00 28.24 ? 45  GLU A C   1 
ATOM   334  O O   . GLU A 1 45  ? -5.963  1.178   -6.357  1.00 28.02 ? 45  GLU A O   1 
ATOM   335  C CB  . GLU A 1 45  ? -3.990  -0.110  -8.662  1.00 29.47 ? 45  GLU A CB  1 
ATOM   336  C CG  . GLU A 1 45  ? -5.205  0.230   -9.447  1.00 31.84 ? 45  GLU A CG  1 
ATOM   337  C CD  . GLU A 1 45  ? -4.891  0.492   -10.896 1.00 35.86 ? 45  GLU A CD  1 
ATOM   338  O OE1 . GLU A 1 45  ? -4.185  -0.334  -11.518 1.00 37.28 ? 45  GLU A OE1 1 
ATOM   339  O OE2 . GLU A 1 45  ? -5.365  1.529   -11.413 1.00 36.77 ? 45  GLU A OE2 1 
ATOM   340  N N   . LYS A 1 46  ? -3.856  2.015   -6.284  1.00 27.98 ? 46  LYS A N   1 
ATOM   341  C CA  . LYS A 1 46  ? -4.266  3.290   -5.729  1.00 27.90 ? 46  LYS A CA  1 
ATOM   342  C C   . LYS A 1 46  ? -3.222  4.342   -6.085  1.00 28.47 ? 46  LYS A C   1 
ATOM   343  O O   . LYS A 1 46  ? -2.027  4.034   -6.058  1.00 27.74 ? 46  LYS A O   1 
ATOM   344  C CB  . LYS A 1 46  ? -4.356  3.176   -4.204  1.00 28.47 ? 46  LYS A CB  1 
ATOM   345  C CG  . LYS A 1 46  ? -5.098  4.326   -3.509  1.00 28.09 ? 46  LYS A CG  1 
ATOM   346  C CD  . LYS A 1 46  ? -5.307  3.941   -2.022  1.00 27.61 ? 46  LYS A CD  1 
ATOM   347  C CE  . LYS A 1 46  ? -6.161  4.984   -1.304  1.00 27.03 ? 46  LYS A CE  1 
ATOM   348  N NZ  . LYS A 1 46  ? -5.412  6.265   -1.178  1.00 28.58 ? 46  LYS A NZ  1 
ATOM   349  N N   . LYS A 1 47  ? -3.679  5.562   -6.365  1.00 29.29 ? 47  LYS A N   1 
ATOM   350  C CA  . LYS A 1 47  ? -2.763  6.706   -6.568  1.00 29.67 ? 47  LYS A CA  1 
ATOM   351  C C   . LYS A 1 47  ? -2.275  7.208   -5.203  1.00 29.99 ? 47  LYS A C   1 
ATOM   352  O O   . LYS A 1 47  ? -3.035  7.228   -4.208  1.00 29.75 ? 47  LYS A O   1 
ATOM   353  C CB  . LYS A 1 47  ? -3.482  7.820   -7.326  1.00 30.32 ? 47  LYS A CB  1 
ATOM   354  C CG  . LYS A 1 47  ? -2.611  8.941   -7.927  1.00 31.11 ? 47  LYS A CG  1 
ATOM   355  C CD  . LYS A 1 47  ? -3.521  9.884   -8.713  1.00 31.26 ? 47  LYS A CD  1 
ATOM   356  C CE  . LYS A 1 47  ? -2.787  10.600  -9.828  1.00 37.52 ? 47  LYS A CE  1 
ATOM   357  N NZ  . LYS A 1 47  ? -3.783  11.240  -10.705 1.00 40.65 ? 47  LYS A NZ  1 
ATOM   358  N N   . LEU A 1 48  ? -1.000  7.580   -5.130  1.00 28.30 ? 48  LEU A N   1 
ATOM   359  C CA  . LEU A 1 48  ? -0.468  8.150   -3.904  1.00 28.71 ? 48  LEU A CA  1 
ATOM   360  C C   . LEU A 1 48  ? -0.089  9.599   -4.160  1.00 29.48 ? 48  LEU A C   1 
ATOM   361  O O   . LEU A 1 48  ? 0.876   9.861   -4.883  1.00 29.23 ? 48  LEU A O   1 
ATOM   362  C CB  . LEU A 1 48  ? 0.729   7.333   -3.402  1.00 28.02 ? 48  LEU A CB  1 
ATOM   363  C CG  . LEU A 1 48  ? 0.341   5.891   -2.975  1.00 29.49 ? 48  LEU A CG  1 
ATOM   364  C CD1 . LEU A 1 48  ? 1.593   5.087   -2.733  1.00 31.66 ? 48  LEU A CD1 1 
ATOM   365  C CD2 . LEU A 1 48  ? -0.543  5.923   -1.731  1.00 28.81 ? 48  LEU A CD2 1 
ATOM   366  N N   . CYS A 1 49  ? -0.858  10.521  -3.579  1.00 29.38 ? 49  CYS A N   1 
ATOM   367  C CA  . CYS A 1 49  ? -0.702  11.957  -3.841  1.00 30.78 ? 49  CYS A CA  1 
ATOM   368  C C   . CYS A 1 49  ? -0.078  12.657  -2.646  1.00 29.04 ? 49  CYS A C   1 
ATOM   369  O O   . CYS A 1 49  ? 0.237   12.007  -1.642  1.00 28.37 ? 49  CYS A O   1 
ATOM   370  C CB  . CYS A 1 49  ? -2.083  12.562  -4.109  1.00 32.47 ? 49  CYS A CB  1 
ATOM   371  S SG  . CYS A 1 49  ? -2.873  11.836  -5.560  1.00 42.24 ? 49  CYS A SG  1 
ATOM   372  N N   . GLU A 1 50  ? 0.058   13.983  -2.735  1.00 26.72 ? 50  GLU A N   1 
ATOM   373  C CA  . GLU A 1 50  ? 0.675   14.755  -1.651  1.00 25.97 ? 50  GLU A CA  1 
ATOM   374  C C   . GLU A 1 50  ? -0.021  14.478  -0.314  1.00 25.77 ? 50  GLU A C   1 
ATOM   375  O O   . GLU A 1 50  ? 0.646   14.306  0.701   1.00 25.91 ? 50  GLU A O   1 
ATOM   376  C CB  . GLU A 1 50  ? 0.595   16.249  -1.941  1.00 26.23 ? 50  GLU A CB  1 
ATOM   377  C CG  . GLU A 1 50  ? 1.656   16.680  -2.969  1.00 26.06 ? 50  GLU A CG  1 
ATOM   378  C CD  . GLU A 1 50  ? 1.194   16.559  -4.421  1.00 31.28 ? 50  GLU A CD  1 
ATOM   379  O OE1 . GLU A 1 50  ? 0.228   15.808  -4.719  1.00 31.09 ? 50  GLU A OE1 1 
ATOM   380  O OE2 . GLU A 1 50  ? 1.814   17.236  -5.289  1.00 29.03 ? 50  GLU A OE2 1 
ATOM   381  N N   . ILE A 1 51  ? -1.347  14.483  -0.334  1.00 24.40 ? 51  ILE A N   1 
ATOM   382  C CA  . ILE A 1 51  ? -2.108  14.274  0.911   1.00 25.11 ? 51  ILE A CA  1 
ATOM   383  C C   . ILE A 1 51  ? -1.749  12.938  1.565   1.00 24.85 ? 51  ILE A C   1 
ATOM   384  O O   . ILE A 1 51  ? -1.653  12.837  2.796   1.00 25.40 ? 51  ILE A O   1 
ATOM   385  C CB  . ILE A 1 51  ? -3.647  14.447  0.707   1.00 24.70 ? 51  ILE A CB  1 
ATOM   386  C CG1 . ILE A 1 51  ? -4.429  14.355  2.034   1.00 25.25 ? 51  ILE A CG1 1 
ATOM   387  C CG2 . ILE A 1 51  ? -4.223  13.458  -0.319  1.00 25.59 ? 51  ILE A CG2 1 
ATOM   388  C CD1 . ILE A 1 51  ? -3.993  15.328  3.106   1.00 24.32 ? 51  ILE A CD1 1 
ATOM   389  N N   . ASP A 1 52  ? -1.552  11.909  0.752   1.00 25.46 ? 52  ASP A N   1 
ATOM   390  C CA  . ASP A 1 52  ? -1.204  10.575  1.288   1.00 25.92 ? 52  ASP A CA  1 
ATOM   391  C C   . ASP A 1 52  ? 0.153   10.606  1.951   1.00 26.72 ? 52  ASP A C   1 
ATOM   392  O O   . ASP A 1 52  ? 0.362   10.037  3.017   1.00 26.01 ? 52  ASP A O   1 
ATOM   393  C CB  . ASP A 1 52  ? -1.223  9.545   0.171   1.00 25.53 ? 52  ASP A CB  1 
ATOM   394  C CG  . ASP A 1 52  ? -2.583  9.443   -0.474  1.00 27.07 ? 52  ASP A CG  1 
ATOM   395  O OD1 . ASP A 1 52  ? -3.532  8.964   0.202   1.00 26.17 ? 52  ASP A OD1 1 
ATOM   396  O OD2 . ASP A 1 52  ? -2.736  9.865   -1.636  1.00 25.66 ? 52  ASP A OD2 1 
ATOM   397  N N   . VAL A 1 53  ? 1.101   11.293  1.306   1.00 27.03 ? 53  VAL A N   1 
ATOM   398  C CA  . VAL A 1 53  ? 2.423   11.423  1.867   1.00 27.17 ? 53  VAL A CA  1 
ATOM   399  C C   . VAL A 1 53  ? 2.394   12.234  3.159   1.00 26.51 ? 53  VAL A C   1 
ATOM   400  O O   . VAL A 1 53  ? 3.057   11.840  4.127   1.00 27.52 ? 53  VAL A O   1 
ATOM   401  C CB  . VAL A 1 53  ? 3.366   12.116  0.820   1.00 28.08 ? 53  VAL A CB  1 
ATOM   402  C CG1 . VAL A 1 53  ? 4.794   12.275  1.388   1.00 28.81 ? 53  VAL A CG1 1 
ATOM   403  C CG2 . VAL A 1 53  ? 3.365   11.267  -0.451  1.00 29.90 ? 53  VAL A CG2 1 
ATOM   404  N N   . ALA A 1 54  ? 1.684   13.374  3.156   1.00 26.22 ? 54  ALA A N   1 
ATOM   405  C CA  . ALA A 1 54  ? 1.550   14.225  4.349   1.00 25.71 ? 54  ALA A CA  1 
ATOM   406  C C   . ALA A 1 54  ? 0.950   13.429  5.507   1.00 26.16 ? 54  ALA A C   1 
ATOM   407  O O   . ALA A 1 54  ? 1.436   13.503  6.645   1.00 25.61 ? 54  ALA A O   1 
ATOM   408  C CB  . ALA A 1 54  ? 0.684   15.414  4.064   1.00 25.81 ? 54  ALA A CB  1 
ATOM   409  N N   . MET A 1 55  ? -0.130  12.707  5.215   1.00 25.48 ? 55  MET A N   1 
ATOM   410  C CA  . MET A 1 55  ? -0.829  11.930  6.283   1.00 24.88 ? 55  MET A CA  1 
ATOM   411  C C   . MET A 1 55  ? 0.096   10.828  6.823   1.00 25.89 ? 55  MET A C   1 
ATOM   412  O O   . MET A 1 55  ? 0.180   10.604  8.054   1.00 26.08 ? 55  MET A O   1 
ATOM   413  C CB  . MET A 1 55  ? -2.175  11.352  5.794   1.00 25.17 ? 55  MET A CB  1 
ATOM   414  C CG  . MET A 1 55  ? -3.318  12.370  5.631   1.00 26.89 ? 55  MET A CG  1 
ATOM   415  S SD  . MET A 1 55  ? -4.938  11.580  5.335   1.00 21.57 ? 55  MET A SD  1 
ATOM   416  C CE  . MET A 1 55  ? -6.070  12.936  5.661   1.00 25.58 ? 55  MET A CE  1 
ATOM   417  N N   . PHE A 1 56  ? 0.810   10.152  5.923   1.00 27.53 ? 56  PHE A N   1 
ATOM   418  C CA  . PHE A 1 56  ? 1.744   9.108   6.343   1.00 28.39 ? 56  PHE A CA  1 
ATOM   419  C C   . PHE A 1 56  ? 2.829   9.695   7.236   1.00 29.18 ? 56  PHE A C   1 
ATOM   420  O O   . PHE A 1 56  ? 3.158   9.128   8.290   1.00 28.88 ? 56  PHE A O   1 
ATOM   421  C CB  . PHE A 1 56  ? 2.412   8.424   5.140   1.00 29.49 ? 56  PHE A CB  1 
ATOM   422  C CG  . PHE A 1 56  ? 3.189   7.216   5.512   1.00 30.94 ? 56  PHE A CG  1 
ATOM   423  C CD1 . PHE A 1 56  ? 2.538   5.989   5.703   1.00 31.26 ? 56  PHE A CD1 1 
ATOM   424  C CD2 . PHE A 1 56  ? 4.567   7.296   5.725   1.00 32.24 ? 56  PHE A CD2 1 
ATOM   425  C CE1 . PHE A 1 56  ? 3.259   4.856   6.044   1.00 33.64 ? 56  PHE A CE1 1 
ATOM   426  C CE2 . PHE A 1 56  ? 5.291   6.163   6.101   1.00 34.34 ? 56  PHE A CE2 1 
ATOM   427  C CZ  . PHE A 1 56  ? 4.647   4.946   6.227   1.00 32.68 ? 56  PHE A CZ  1 
ATOM   428  N N   . GLY A 1 57  ? 3.379   10.840  6.830   1.00 28.93 ? 57  GLY A N   1 
ATOM   429  C CA  . GLY A 1 57  ? 4.344   11.558  7.671   1.00 28.70 ? 57  GLY A CA  1 
ATOM   430  C C   . GLY A 1 57  ? 3.804   11.907  9.056   1.00 29.00 ? 57  GLY A C   1 
ATOM   431  O O   . GLY A 1 57  ? 4.522   11.785  10.061  1.00 29.33 ? 57  GLY A O   1 
ATOM   432  N N   . LEU A 1 58  ? 2.555   12.378  9.121   1.00 26.97 ? 58  LEU A N   1 
ATOM   433  C CA  . LEU A 1 58  ? 1.976   12.740  10.412  1.00 27.74 ? 58  LEU A CA  1 
ATOM   434  C C   . LEU A 1 58  ? 1.797   11.529  11.304  1.00 27.22 ? 58  LEU A C   1 
ATOM   435  O O   . LEU A 1 58  ? 2.126   11.566  12.506  1.00 27.39 ? 58  LEU A O   1 
ATOM   436  C CB  . LEU A 1 58  ? 0.634   13.469  10.252  1.00 27.26 ? 58  LEU A CB  1 
ATOM   437  C CG  . LEU A 1 58  ? 0.758   14.878  9.654   1.00 30.17 ? 58  LEU A CG  1 
ATOM   438  C CD1 . LEU A 1 58  ? -0.620  15.474  9.374   1.00 30.13 ? 58  LEU A CD1 1 
ATOM   439  C CD2 . LEU A 1 58  ? 1.583   15.778  10.575  1.00 32.99 ? 58  LEU A CD2 1 
ATOM   440  N N   . ILE A 1 59  ? 1.230   10.475  10.747  1.00 27.09 ? 59  ILE A N   1 
ATOM   441  C CA  . ILE A 1 59  ? 0.838   9.339   11.625  1.00 27.86 ? 59  ILE A CA  1 
ATOM   442  C C   . ILE A 1 59  ? 2.071   8.534   12.070  1.00 28.53 ? 59  ILE A C   1 
ATOM   443  O O   . ILE A 1 59  ? 2.091   7.994   13.173  1.00 29.49 ? 59  ILE A O   1 
ATOM   444  C CB  . ILE A 1 59  ? -0.244  8.423   10.969  1.00 27.79 ? 59  ILE A CB  1 
ATOM   445  C CG1 . ILE A 1 59  ? 0.318   7.644   9.793   1.00 28.20 ? 59  ILE A CG1 1 
ATOM   446  C CG2 . ILE A 1 59  ? -1.486  9.258   10.608  1.00 27.13 ? 59  ILE A CG2 1 
ATOM   447  C CD1 . ILE A 1 59  ? -0.739  6.951   8.901   1.00 27.21 ? 59  ILE A CD1 1 
ATOM   448  N N   . SER A 1 60  ? 3.089   8.458   11.202  1.00 28.03 ? 60  SER A N   1 
ATOM   449  C CA  . SER A 1 60  ? 4.324   7.740   11.535  1.00 29.58 ? 60  SER A CA  1 
ATOM   450  C C   . SER A 1 60  ? 5.346   8.608   12.260  1.00 29.59 ? 60  SER A C   1 
ATOM   451  O O   . SER A 1 60  ? 6.154   8.091   13.031  1.00 30.32 ? 60  SER A O   1 
ATOM   452  C CB  . SER A 1 60  ? 4.996   7.176   10.291  1.00 29.40 ? 60  SER A CB  1 
ATOM   453  O OG  . SER A 1 60  ? 5.408   8.233   9.421   1.00 30.40 ? 60  SER A OG  1 
ATOM   454  N N   . GLY A 1 61  ? 5.294   9.914   12.006  1.00 29.94 ? 61  GLY A N   1 
ATOM   455  C CA  . GLY A 1 61  ? 6.357   10.850  12.406  1.00 30.03 ? 61  GLY A CA  1 
ATOM   456  C C   . GLY A 1 61  ? 7.515   10.900  11.402  1.00 30.69 ? 61  GLY A C   1 
ATOM   457  O O   . GLY A 1 61  ? 8.537   11.535  11.674  1.00 31.08 ? 61  GLY A O   1 
ATOM   458  N N   . ASP A 1 62  ? 7.368   10.225  10.268  1.00 30.76 ? 62  ASP A N   1 
ATOM   459  C CA  . ASP A 1 62  ? 8.439   10.213  9.227   1.00 30.19 ? 62  ASP A CA  1 
ATOM   460  C C   . ASP A 1 62  ? 8.316   11.453  8.336   1.00 30.56 ? 62  ASP A C   1 
ATOM   461  O O   . ASP A 1 62  ? 7.632   11.444  7.318   1.00 31.39 ? 62  ASP A O   1 
ATOM   462  C CB  . ASP A 1 62  ? 8.461   8.928   8.382   1.00 30.15 ? 62  ASP A CB  1 
ATOM   463  C CG  . ASP A 1 62  ? 9.688   8.859   7.456   1.00 32.62 ? 62  ASP A CG  1 
ATOM   464  O OD1 . ASP A 1 62  ? 10.292  9.943   7.244   1.00 32.63 ? 62  ASP A OD1 1 
ATOM   465  O OD2 . ASP A 1 62  ? 10.026  7.766   6.929   1.00 30.74 ? 62  ASP A OD2 1 
ATOM   466  N N   . LEU A 1 63  ? 8.989   12.512  8.737   1.00 30.52 ? 63  LEU A N   1 
ATOM   467  C CA  . LEU A 1 63  ? 8.992   13.755  7.960   1.00 31.01 ? 63  LEU A CA  1 
ATOM   468  C C   . LEU A 1 63  ? 10.336  13.941  7.235   1.00 31.55 ? 63  LEU A C   1 
ATOM   469  O O   . LEU A 1 63  ? 10.834  15.069  7.083   1.00 31.15 ? 63  LEU A O   1 
ATOM   470  C CB  . LEU A 1 63  ? 8.659   14.936  8.872   1.00 32.48 ? 63  LEU A CB  1 
ATOM   471  C CG  . LEU A 1 63  ? 7.241   15.030  9.458   1.00 34.78 ? 63  LEU A CG  1 
ATOM   472  C CD1 . LEU A 1 63  ? 7.078   16.358  10.178  1.00 37.42 ? 63  LEU A CD1 1 
ATOM   473  C CD2 . LEU A 1 63  ? 6.171   14.882  8.366   1.00 35.36 ? 63  LEU A CD2 1 
ATOM   474  N N   . ASN A 1 64  ? 10.917  12.831  6.793   1.00 31.41 ? 64  ASN A N   1 
ATOM   475  C CA  . ASN A 1 64  ? 12.174  12.819  5.984   1.00 31.39 ? 64  ASN A CA  1 
ATOM   476  C C   . ASN A 1 64  ? 12.042  13.789  4.792   1.00 31.82 ? 64  ASN A C   1 
ATOM   477  O O   . ASN A 1 64  ? 11.140  13.633  3.964   1.00 31.77 ? 64  ASN A O   1 
ATOM   478  C CB  . ASN A 1 64  ? 12.349  11.380  5.491   1.00 31.44 ? 64  ASN A CB  1 
ATOM   479  C CG  . ASN A 1 64  ? 13.716  11.056  4.892   1.00 33.49 ? 64  ASN A CG  1 
ATOM   480  O OD1 . ASN A 1 64  ? 14.049  9.862   4.766   1.00 35.32 ? 64  ASN A OD1 1 
ATOM   481  N ND2 . ASN A 1 64  ? 14.459  12.053  4.460   1.00 27.27 ? 64  ASN A ND2 1 
ATOM   482  N N   . PRO A 1 65  ? 12.929  14.821  4.709   1.00 31.52 ? 65  PRO A N   1 
ATOM   483  C CA  . PRO A 1 65  ? 12.838  15.809  3.627   1.00 31.35 ? 65  PRO A CA  1 
ATOM   484  C C   . PRO A 1 65  ? 12.793  15.217  2.226   1.00 30.95 ? 65  PRO A C   1 
ATOM   485  O O   . PRO A 1 65  ? 12.257  15.841  1.320   1.00 31.68 ? 65  PRO A O   1 
ATOM   486  C CB  . PRO A 1 65  ? 14.133  16.647  3.793   1.00 31.13 ? 65  PRO A CB  1 
ATOM   487  C CG  . PRO A 1 65  ? 14.488  16.522  5.179   1.00 32.66 ? 65  PRO A CG  1 
ATOM   488  C CD  . PRO A 1 65  ? 14.028  15.137  5.640   1.00 31.67 ? 65  PRO A CD  1 
ATOM   489  N N   . VAL A 1 66  ? 13.362  14.033  2.044   1.00 31.23 ? 66  VAL A N   1 
ATOM   490  C CA  . VAL A 1 66  ? 13.391  13.413  0.734   1.00 32.15 ? 66  VAL A CA  1 
ATOM   491  C C   . VAL A 1 66  ? 11.982  13.114  0.193   1.00 32.94 ? 66  VAL A C   1 
ATOM   492  O O   . VAL A 1 66  ? 11.809  12.975  -1.011  1.00 33.25 ? 66  VAL A O   1 
ATOM   493  C CB  . VAL A 1 66  ? 14.307  12.147  0.724   1.00 32.77 ? 66  VAL A CB  1 
ATOM   494  C CG1 . VAL A 1 66  ? 13.564  10.884  1.283   1.00 33.29 ? 66  VAL A CG1 1 
ATOM   495  C CG2 . VAL A 1 66  ? 14.857  11.894  -0.678  1.00 34.45 ? 66  VAL A CG2 1 
ATOM   496  N N   . HIS A 1 67  ? 10.984  13.005  1.091   1.00 31.79 ? 67  HIS A N   1 
ATOM   497  C CA  . HIS A 1 67  ? 9.600   12.768  0.676   1.00 31.77 ? 67  HIS A CA  1 
ATOM   498  C C   . HIS A 1 67  ? 8.799   14.052  0.527   1.00 31.29 ? 67  HIS A C   1 
ATOM   499  O O   . HIS A 1 67  ? 7.712   14.025  -0.076  1.00 32.52 ? 67  HIS A O   1 
ATOM   500  C CB  . HIS A 1 67  ? 8.891   11.814  1.689   1.00 30.29 ? 67  HIS A CB  1 
ATOM   501  C CG  . HIS A 1 67  ? 9.659   10.563  1.944   1.00 29.01 ? 67  HIS A CG  1 
ATOM   502  N ND1 . HIS A 1 67  ? 10.062  10.167  3.199   1.00 33.97 ? 67  HIS A ND1 1 
ATOM   503  C CD2 . HIS A 1 67  ? 10.159  9.657   1.085   1.00 28.40 ? 67  HIS A CD2 1 
ATOM   504  C CE1 . HIS A 1 67  ? 10.754  9.046   3.102   1.00 31.58 ? 67  HIS A CE1 1 
ATOM   505  N NE2 . HIS A 1 67  ? 10.838  8.724   1.823   1.00 32.72 ? 67  HIS A NE2 1 
ATOM   506  N N   . PHE A 1 68  ? 9.320   15.172  1.044   1.00 30.82 ? 68  PHE A N   1 
ATOM   507  C CA  . PHE A 1 68  ? 8.541   16.428  1.193   1.00 30.33 ? 68  PHE A CA  1 
ATOM   508  C C   . PHE A 1 68  ? 9.058   17.685  0.485   1.00 31.50 ? 68  PHE A C   1 
ATOM   509  O O   . PHE A 1 68  ? 8.248   18.476  -0.024  1.00 31.05 ? 68  PHE A O   1 
ATOM   510  C CB  . PHE A 1 68  ? 8.386   16.778  2.674   1.00 30.41 ? 68  PHE A CB  1 
ATOM   511  C CG  . PHE A 1 68  ? 7.465   15.829  3.416   1.00 30.59 ? 68  PHE A CG  1 
ATOM   512  C CD1 . PHE A 1 68  ? 6.091   16.065  3.437   1.00 31.57 ? 68  PHE A CD1 1 
ATOM   513  C CD2 . PHE A 1 68  ? 7.975   14.708  4.060   1.00 32.22 ? 68  PHE A CD2 1 
ATOM   514  C CE1 . PHE A 1 68  ? 5.216   15.150  4.117   1.00 30.23 ? 68  PHE A CE1 1 
ATOM   515  C CE2 . PHE A 1 68  ? 7.110   13.781  4.727   1.00 31.43 ? 68  PHE A CE2 1 
ATOM   516  C CZ  . PHE A 1 68  ? 5.736   14.042  4.749   1.00 29.82 ? 68  PHE A CZ  1 
ATOM   517  N N   . ASP A 1 69  ? 10.386  17.860  0.494   1.00 31.90 ? 69  ASP A N   1 
ATOM   518  C CA  . ASP A 1 69  ? 11.052  19.147  0.134   1.00 32.55 ? 69  ASP A CA  1 
ATOM   519  C C   . ASP A 1 69  ? 11.603  18.990  -1.270  1.00 32.57 ? 69  ASP A C   1 
ATOM   520  O O   . ASP A 1 69  ? 12.559  18.253  -1.505  1.00 32.20 ? 69  ASP A O   1 
ATOM   521  C CB  . ASP A 1 69  ? 12.169  19.454  1.142   1.00 32.64 ? 69  ASP A CB  1 
ATOM   522  C CG  . ASP A 1 69  ? 12.888  20.772  0.881   1.00 35.60 ? 69  ASP A CG  1 
ATOM   523  O OD1 . ASP A 1 69  ? 13.214  21.124  -0.281  1.00 32.97 ? 69  ASP A OD1 1 
ATOM   524  O OD2 . ASP A 1 69  ? 13.166  21.465  1.879   1.00 36.19 ? 69  ASP A OD2 1 
ATOM   525  N N   . GLU A 1 70  ? 10.949  19.650  -2.206  1.00 33.31 ? 70  GLU A N   1 
ATOM   526  C CA  . GLU A 1 70  ? 11.232  19.475  -3.613  1.00 35.29 ? 70  GLU A CA  1 
ATOM   527  C C   . GLU A 1 70  ? 12.699  19.861  -3.935  1.00 35.13 ? 70  GLU A C   1 
ATOM   528  O O   . GLU A 1 70  ? 13.409  19.165  -4.679  1.00 35.03 ? 70  GLU A O   1 
ATOM   529  C CB  . GLU A 1 70  ? 10.232  20.326  -4.379  1.00 36.15 ? 70  GLU A CB  1 
ATOM   530  C CG  . GLU A 1 70  ? 10.243  20.163  -5.865  1.00 40.85 ? 70  GLU A CG  1 
ATOM   531  C CD  . GLU A 1 70  ? 9.038   20.830  -6.527  1.00 45.46 ? 70  GLU A CD  1 
ATOM   532  O OE1 . GLU A 1 70  ? 9.134   21.154  -7.724  1.00 47.68 ? 70  GLU A OE1 1 
ATOM   533  O OE2 . GLU A 1 70  ? 7.993   20.995  -5.853  1.00 49.72 ? 70  GLU A OE2 1 
ATOM   534  N N   . ASP A 1 71  ? 13.165  20.925  -3.307  1.00 35.34 ? 71  ASP A N   1 
ATOM   535  C CA  . ASP A 1 71  ? 14.525  21.397  -3.565  1.00 36.46 ? 71  ASP A CA  1 
ATOM   536  C C   . ASP A 1 71  ? 15.618  20.512  -2.975  1.00 35.96 ? 71  ASP A C   1 
ATOM   537  O O   . ASP A 1 71  ? 16.591  20.193  -3.669  1.00 36.17 ? 71  ASP A O   1 
ATOM   538  C CB  . ASP A 1 71  ? 14.661  22.832  -3.123  1.00 37.24 ? 71  ASP A CB  1 
ATOM   539  C CG  . ASP A 1 71  ? 14.359  23.773  -4.244  1.00 41.05 ? 71  ASP A CG  1 
ATOM   540  O OD1 . ASP A 1 71  ? 13.160  24.062  -4.468  1.00 45.69 ? 71  ASP A OD1 1 
ATOM   541  O OD2 . ASP A 1 71  ? 15.320  24.168  -4.933  1.00 43.69 ? 71  ASP A OD2 1 
ATOM   542  N N   . PHE A 1 72  ? 15.435  20.124  -1.709  1.00 35.70 ? 72  PHE A N   1 
ATOM   543  C CA  . PHE A 1 72  ? 16.291  19.147  -1.038  1.00 35.32 ? 72  PHE A CA  1 
ATOM   544  C C   . PHE A 1 72  ? 16.362  17.857  -1.835  1.00 33.80 ? 72  PHE A C   1 
ATOM   545  O O   . PHE A 1 72  ? 17.453  17.371  -2.123  1.00 33.56 ? 72  PHE A O   1 
ATOM   546  C CB  . PHE A 1 72  ? 15.782  18.838  0.375   1.00 36.39 ? 72  PHE A CB  1 
ATOM   547  C CG  . PHE A 1 72  ? 16.545  17.734  1.071   1.00 37.93 ? 72  PHE A CG  1 
ATOM   548  C CD1 . PHE A 1 72  ? 16.153  16.403  0.939   1.00 38.58 ? 72  PHE A CD1 1 
ATOM   549  C CD2 . PHE A 1 72  ? 17.675  18.028  1.835   1.00 41.11 ? 72  PHE A CD2 1 
ATOM   550  C CE1 . PHE A 1 72  ? 16.859  15.381  1.568   1.00 39.74 ? 72  PHE A CE1 1 
ATOM   551  C CE2 . PHE A 1 72  ? 18.396  17.009  2.466   1.00 40.94 ? 72  PHE A CE2 1 
ATOM   552  C CZ  . PHE A 1 72  ? 17.977  15.683  2.335   1.00 40.36 ? 72  PHE A CZ  1 
ATOM   553  N N   . ALA A 1 73  ? 15.201  17.301  -2.192  1.00 32.69 ? 73  ALA A N   1 
ATOM   554  C CA  . ALA A 1 73  ? 15.179  16.007  -2.877  1.00 32.01 ? 73  ALA A CA  1 
ATOM   555  C C   . ALA A 1 73  ? 15.812  16.077  -4.271  1.00 31.39 ? 73  ALA A C   1 
ATOM   556  O O   . ALA A 1 73  ? 16.403  15.106  -4.748  1.00 30.92 ? 73  ALA A O   1 
ATOM   557  C CB  . ALA A 1 73  ? 13.758  15.468  -2.976  1.00 32.02 ? 73  ALA A CB  1 
ATOM   558  N N   . SER A 1 74  ? 15.671  17.222  -4.930  1.00 31.36 ? 74  SER A N   1 
ATOM   559  C CA  . SER A 1 74  ? 16.223  17.357  -6.277  1.00 31.18 ? 74  SER A CA  1 
ATOM   560  C C   . SER A 1 74  ? 17.781  17.284  -6.299  1.00 31.68 ? 74  SER A C   1 
ATOM   561  O O   . SER A 1 74  ? 18.376  16.952  -7.322  1.00 31.24 ? 74  SER A O   1 
ATOM   562  C CB  . SER A 1 74  ? 15.728  18.644  -6.945  1.00 32.21 ? 74  SER A CB  1 
ATOM   563  O OG  . SER A 1 74  ? 16.439  19.750  -6.443  1.00 31.91 ? 74  SER A OG  1 
ATOM   564  N N   . LYS A 1 75  ? 18.414  17.583  -5.170  1.00 31.66 ? 75  LYS A N   1 
ATOM   565  C CA  . LYS A 1 75  ? 19.872  17.515  -5.043  1.00 33.03 ? 75  LYS A CA  1 
ATOM   566  C C   . LYS A 1 75  ? 20.414  16.120  -4.700  1.00 33.31 ? 75  LYS A C   1 
ATOM   567  O O   . LYS A 1 75  ? 21.640  15.891  -4.785  1.00 33.13 ? 75  LYS A O   1 
ATOM   568  C CB  . LYS A 1 75  ? 20.347  18.543  -4.019  1.00 33.38 ? 75  LYS A CB  1 
ATOM   569  C CG  . LYS A 1 75  ? 19.997  19.965  -4.427  1.00 36.75 ? 75  LYS A CG  1 
ATOM   570  C CD  . LYS A 1 75  ? 19.978  20.921  -3.246  1.00 40.94 ? 75  LYS A CD  1 
ATOM   571  C CE  . LYS A 1 75  ? 19.760  22.337  -3.756  1.00 44.48 ? 75  LYS A CE  1 
ATOM   572  N NZ  . LYS A 1 75  ? 20.132  23.372  -2.753  1.00 47.11 ? 75  LYS A NZ  1 
ATOM   573  N N   . THR A 1 76  ? 19.510  15.196  -4.350  1.00 32.30 ? 76  THR A N   1 
ATOM   574  C CA  . THR A 1 76  ? 19.887  13.826  -4.012  1.00 32.54 ? 76  THR A CA  1 
ATOM   575  C C   . THR A 1 76  ? 20.002  13.005  -5.283  1.00 32.43 ? 76  THR A C   1 
ATOM   576  O O   . THR A 1 76  ? 19.624  13.471  -6.362  1.00 30.86 ? 76  THR A O   1 
ATOM   577  C CB  . THR A 1 76  ? 18.853  13.135  -3.094  1.00 32.74 ? 76  THR A CB  1 
ATOM   578  O OG1 . THR A 1 76  ? 17.685  12.754  -3.852  1.00 31.70 ? 76  THR A OG1 1 
ATOM   579  C CG2 . THR A 1 76  ? 18.463  14.032  -1.912  1.00 33.93 ? 76  THR A CG2 1 
ATOM   580  N N   . ARG A 1 77  ? 20.478  11.762  -5.136  1.00 33.12 ? 77  ARG A N   1 
ATOM   581  C CA  . ARG A 1 77  ? 20.629  10.834  -6.270  1.00 34.05 ? 77  ARG A CA  1 
ATOM   582  C C   . ARG A 1 77  ? 19.293  10.501  -6.928  1.00 33.38 ? 77  ARG A C   1 
ATOM   583  O O   . ARG A 1 77  ? 19.257  10.135  -8.097  1.00 33.45 ? 77  ARG A O   1 
ATOM   584  C CB  . ARG A 1 77  ? 21.340  9.551   -5.824  1.00 34.82 ? 77  ARG A CB  1 
ATOM   585  C CG  . ARG A 1 77  ? 22.849  9.747   -5.726  1.00 38.44 ? 77  ARG A CG  1 
ATOM   586  C CD  . ARG A 1 77  ? 23.536  8.621   -4.994  1.00 42.90 ? 77  ARG A CD  1 
ATOM   587  N NE  . ARG A 1 77  ? 24.984  8.818   -4.956  1.00 46.51 ? 77  ARG A NE  1 
ATOM   588  C CZ  . ARG A 1 77  ? 25.628  9.557   -4.050  1.00 48.42 ? 77  ARG A CZ  1 
ATOM   589  N NH1 . ARG A 1 77  ? 24.963  10.195  -3.086  1.00 48.37 ? 77  ARG A NH1 1 
ATOM   590  N NH2 . ARG A 1 77  ? 26.951  9.670   -4.115  1.00 49.62 ? 77  ARG A NH2 1 
ATOM   591  N N   . PHE A 1 78  ? 18.199  10.650  -6.176  1.00 33.05 ? 78  PHE A N   1 
ATOM   592  C CA  . PHE A 1 78  ? 16.851  10.482  -6.739  1.00 33.10 ? 78  PHE A CA  1 
ATOM   593  C C   . PHE A 1 78  ? 16.431  11.582  -7.701  1.00 32.49 ? 78  PHE A C   1 
ATOM   594  O O   . PHE A 1 78  ? 15.561  11.358  -8.545  1.00 32.31 ? 78  PHE A O   1 
ATOM   595  C CB  . PHE A 1 78  ? 15.819  10.418  -5.624  1.00 33.51 ? 78  PHE A CB  1 
ATOM   596  C CG  . PHE A 1 78  ? 15.755  9.081   -4.946  1.00 35.74 ? 78  PHE A CG  1 
ATOM   597  C CD1 . PHE A 1 78  ? 15.921  7.904   -5.680  1.00 36.29 ? 78  PHE A CD1 1 
ATOM   598  C CD2 . PHE A 1 78  ? 15.479  9.007   -3.586  1.00 39.35 ? 78  PHE A CD2 1 
ATOM   599  C CE1 . PHE A 1 78  ? 15.848  6.648   -5.038  1.00 40.00 ? 78  PHE A CE1 1 
ATOM   600  C CE2 . PHE A 1 78  ? 15.376  7.770   -2.943  1.00 41.71 ? 78  PHE A CE2 1 
ATOM   601  C CZ  . PHE A 1 78  ? 15.575  6.589   -3.682  1.00 40.72 ? 78  PHE A CZ  1 
ATOM   602  N N   . GLY A 1 79  ? 17.035  12.766  -7.580  1.00 31.51 ? 79  GLY A N   1 
ATOM   603  C CA  . GLY A 1 79  ? 16.693  13.878  -8.469  1.00 30.23 ? 79  GLY A CA  1 
ATOM   604  C C   . GLY A 1 79  ? 15.259  14.389  -8.328  1.00 30.09 ? 79  GLY A C   1 
ATOM   605  O O   . GLY A 1 79  ? 14.709  14.975  -9.261  1.00 30.18 ? 79  GLY A O   1 
ATOM   606  N N   . GLY A 1 80  ? 14.666  14.200  -7.155  1.00 29.83 ? 80  GLY A N   1 
ATOM   607  C CA  . GLY A 1 80  ? 13.300  14.672  -6.894  1.00 29.51 ? 80  GLY A CA  1 
ATOM   608  C C   . GLY A 1 80  ? 12.686  13.836  -5.776  1.00 29.38 ? 80  GLY A C   1 
ATOM   609  O O   . GLY A 1 80  ? 13.265  12.833  -5.361  1.00 29.14 ? 80  GLY A O   1 
ATOM   610  N N   . ARG A 1 81  ? 11.516  14.247  -5.297  1.00 29.53 ? 81  ARG A N   1 
ATOM   611  C CA  . ARG A 1 81  ? 10.916  13.587  -4.123  1.00 29.55 ? 81  ARG A CA  1 
ATOM   612  C C   . ARG A 1 81  ? 10.491  12.183  -4.466  1.00 28.79 ? 81  ARG A C   1 
ATOM   613  O O   . ARG A 1 81  ? 10.145  11.887  -5.608  1.00 28.66 ? 81  ARG A O   1 
ATOM   614  C CB  . ARG A 1 81  ? 9.711   14.385  -3.600  1.00 29.40 ? 81  ARG A CB  1 
ATOM   615  C CG  . ARG A 1 81  ? 10.125  15.719  -2.989  1.00 29.91 ? 81  ARG A CG  1 
ATOM   616  C CD  . ARG A 1 81  ? 8.881   16.527  -2.625  1.00 33.51 ? 81  ARG A CD  1 
ATOM   617  N NE  . ARG A 1 81  ? 8.021   16.766  -3.785  1.00 33.03 ? 81  ARG A NE  1 
ATOM   618  C CZ  . ARG A 1 81  ? 7.007   17.621  -3.791  1.00 34.21 ? 81  ARG A CZ  1 
ATOM   619  N NH1 . ARG A 1 81  ? 6.713   18.311  -2.688  1.00 36.54 ? 81  ARG A NH1 1 
ATOM   620  N NH2 . ARG A 1 81  ? 6.279   17.776  -4.889  1.00 32.50 ? 81  ARG A NH2 1 
ATOM   621  N N   . VAL A 1 82  ? 10.507  11.324  -3.459  1.00 28.99 ? 82  VAL A N   1 
ATOM   622  C CA  . VAL A 1 82  ? 10.010  9.968   -3.624  1.00 28.86 ? 82  VAL A CA  1 
ATOM   623  C C   . VAL A 1 82  ? 9.022   9.705   -2.480  1.00 28.76 ? 82  VAL A C   1 
ATOM   624  O O   . VAL A 1 82  ? 9.154   10.278  -1.386  1.00 30.18 ? 82  VAL A O   1 
ATOM   625  C CB  . VAL A 1 82  ? 11.147  8.893   -3.605  1.00 28.92 ? 82  VAL A CB  1 
ATOM   626  C CG1 . VAL A 1 82  ? 12.195  9.179   -4.696  1.00 30.09 ? 82  VAL A CG1 1 
ATOM   627  C CG2 . VAL A 1 82  ? 11.798  8.733   -2.214  1.00 31.78 ? 82  VAL A CG2 1 
ATOM   628  N N   . VAL A 1 83  ? 8.021   8.881   -2.757  1.00 26.03 ? 83  VAL A N   1 
ATOM   629  C CA  . VAL A 1 83  ? 7.044   8.490   -1.710  1.00 25.93 ? 83  VAL A CA  1 
ATOM   630  C C   . VAL A 1 83  ? 7.745   7.592   -0.700  1.00 24.98 ? 83  VAL A C   1 
ATOM   631  O O   . VAL A 1 83  ? 8.655   6.856   -1.066  1.00 25.68 ? 83  VAL A O   1 
ATOM   632  C CB  . VAL A 1 83  ? 5.848   7.766   -2.377  1.00 25.96 ? 83  VAL A CB  1 
ATOM   633  C CG1 . VAL A 1 83  ? 4.921   7.128   -1.351  1.00 28.09 ? 83  VAL A CG1 1 
ATOM   634  C CG2 . VAL A 1 83  ? 5.063   8.745   -3.224  1.00 26.03 ? 83  VAL A CG2 1 
ATOM   635  N N   . HIS A 1 84  ? 7.332   7.605   0.575   1.00 24.05 ? 84  HIS A N   1 
ATOM   636  C CA  . HIS A 1 84  ? 7.916   6.637   1.522   1.00 22.68 ? 84  HIS A CA  1 
ATOM   637  C C   . HIS A 1 84  ? 7.725   5.242   1.002   1.00 23.02 ? 84  HIS A C   1 
ATOM   638  O O   . HIS A 1 84  ? 6.610   4.892   0.571   1.00 24.24 ? 84  HIS A O   1 
ATOM   639  C CB  . HIS A 1 84  ? 7.230   6.687   2.899   1.00 21.72 ? 84  HIS A CB  1 
ATOM   640  C CG  . HIS A 1 84  ? 7.083   8.052   3.467   1.00 20.87 ? 84  HIS A CG  1 
ATOM   641  N ND1 . HIS A 1 84  ? 7.647   8.425   4.666   1.00 23.18 ? 84  HIS A ND1 1 
ATOM   642  C CD2 . HIS A 1 84  ? 6.377   9.121   3.034   1.00 17.31 ? 84  HIS A CD2 1 
ATOM   643  C CE1 . HIS A 1 84  ? 7.305   9.670   4.939   1.00 20.41 ? 84  HIS A CE1 1 
ATOM   644  N NE2 . HIS A 1 84  ? 6.536   10.111  3.962   1.00 24.45 ? 84  HIS A NE2 1 
ATOM   645  N N   . GLY A 1 85  ? 8.773   4.418   1.083   1.00 22.14 ? 85  GLY A N   1 
ATOM   646  C CA  . GLY A 1 85  ? 8.643   3.035   0.679   1.00 22.66 ? 85  GLY A CA  1 
ATOM   647  C C   . GLY A 1 85  ? 7.539   2.322   1.485   1.00 24.06 ? 85  GLY A C   1 
ATOM   648  O O   . GLY A 1 85  ? 6.747   1.583   0.921   1.00 23.23 ? 85  GLY A O   1 
ATOM   649  N N   . MET A 1 86  ? 7.489   2.584   2.772   1.00 24.55 ? 86  MET A N   1 
ATOM   650  C CA  . MET A 1 86  ? 6.437   1.911   3.586   1.00 25.12 ? 86  MET A CA  1 
ATOM   651  C C   . MET A 1 86  ? 5.012   2.443   3.316   1.00 27.02 ? 86  MET A C   1 
ATOM   652  O O   . MET A 1 86  ? 4.014   1.789   3.701   1.00 26.17 ? 86  MET A O   1 
ATOM   653  C CB  . MET A 1 86  ? 6.776   1.992   5.060   1.00 26.53 ? 86  MET A CB  1 
ATOM   654  C CG  . MET A 1 86  ? 7.947   1.086   5.479   1.00 28.26 ? 86  MET A CG  1 
ATOM   655  S SD  . MET A 1 86  ? 8.037   0.861   7.273   1.00 21.91 ? 86  MET A SD  1 
ATOM   656  C CE  . MET A 1 86  ? 9.725   0.335   7.532   1.00 32.05 ? 86  MET A CE  1 
ATOM   657  N N   . LEU A 1 87  ? 4.886   3.631   2.715   1.00 25.17 ? 87  LEU A N   1 
ATOM   658  C CA  . LEU A 1 87  ? 3.572   4.021   2.164   1.00 25.98 ? 87  LEU A CA  1 
ATOM   659  C C   . LEU A 1 87  ? 3.173   3.188   0.932   1.00 27.31 ? 87  LEU A C   1 
ATOM   660  O O   . LEU A 1 87  ? 2.037   2.652   0.841   1.00 27.59 ? 87  LEU A O   1 
ATOM   661  C CB  . LEU A 1 87  ? 3.461   5.534   1.889   1.00 26.52 ? 87  LEU A CB  1 
ATOM   662  C CG  . LEU A 1 87  ? 2.158   6.082   1.286   1.00 24.52 ? 87  LEU A CG  1 
ATOM   663  C CD1 . LEU A 1 87  ? 0.933   5.693   2.120   1.00 25.34 ? 87  LEU A CD1 1 
ATOM   664  C CD2 . LEU A 1 87  ? 2.231   7.663   1.093   1.00 25.02 ? 87  LEU A CD2 1 
ATOM   665  N N   . THR A 1 88  ? 4.099   3.035   -0.014  1.00 27.20 ? 88  THR A N   1 
ATOM   666  C CA  . THR A 1 88  ? 3.896   2.149   -1.146  1.00 27.08 ? 88  THR A CA  1 
ATOM   667  C C   . THR A 1 88  ? 3.413   0.763   -0.709  1.00 28.09 ? 88  THR A C   1 
ATOM   668  O O   . THR A 1 88  ? 2.382   0.265   -1.226  1.00 28.01 ? 88  THR A O   1 
ATOM   669  C CB  . THR A 1 88  ? 5.200   2.103   -2.001  1.00 27.95 ? 88  THR A CB  1 
ATOM   670  O OG1 . THR A 1 88  ? 5.381   3.426   -2.497  1.00 27.21 ? 88  THR A OG1 1 
ATOM   671  C CG2 . THR A 1 88  ? 5.088   1.157   -3.190  1.00 27.86 ? 88  THR A CG2 1 
ATOM   672  N N   . THR A 1 89  ? 4.096   0.188   0.269   1.00 26.77 ? 89  THR A N   1 
ATOM   673  C CA  . THR A 1 89  ? 3.789   -1.195  0.656   1.00 27.55 ? 89  THR A CA  1 
ATOM   674  C C   . THR A 1 89  ? 2.571   -1.294  1.588   1.00 27.24 ? 89  THR A C   1 
ATOM   675  O O   . THR A 1 89  ? 2.041   -2.402  1.824   1.00 26.95 ? 89  THR A O   1 
ATOM   676  C CB  . THR A 1 89  ? 5.009   -1.979  1.176   1.00 27.83 ? 89  THR A CB  1 
ATOM   677  O OG1 . THR A 1 89  ? 5.714   -1.234  2.160   1.00 28.81 ? 89  THR A OG1 1 
ATOM   678  C CG2 . THR A 1 89  ? 5.949   -2.333  -0.011  1.00 30.21 ? 89  THR A CG2 1 
ATOM   679  N N   . SER A 1 90  ? 2.123   -0.159  2.111   1.00 25.96 ? 90  SER A N   1 
ATOM   680  C CA  A SER A 1 90  ? 0.866   -0.099  2.888   0.50 25.17 ? 90  SER A CA  1 
ATOM   681  C CA  B SER A 1 90  ? 0.891   -0.172  2.897   0.50 26.22 ? 90  SER A CA  1 
ATOM   682  C C   . SER A 1 90  ? -0.298  -0.539  2.005   1.00 26.06 ? 90  SER A C   1 
ATOM   683  O O   . SER A 1 90  ? -1.338  -1.023  2.499   1.00 25.36 ? 90  SER A O   1 
ATOM   684  C CB  A SER A 1 90  ? 0.599   1.314   3.426   0.50 24.77 ? 90  SER A CB  1 
ATOM   685  C CB  B SER A 1 90  ? 0.689   1.155   3.620   0.50 26.06 ? 90  SER A CB  1 
ATOM   686  O OG  A SER A 1 90  ? 0.057   2.161   2.423   0.50 20.22 ? 90  SER A OG  1 
ATOM   687  O OG  B SER A 1 90  ? 1.676   1.297   4.635   0.50 27.75 ? 90  SER A OG  1 
ATOM   688  N N   . LEU A 1 91  ? -0.142  -0.372  0.682   1.00 25.36 ? 91  LEU A N   1 
ATOM   689  C CA  . LEU A 1 91  ? -1.196  -0.801  -0.249  1.00 26.37 ? 91  LEU A CA  1 
ATOM   690  C C   . LEU A 1 91  ? -1.348  -2.333  -0.234  1.00 26.98 ? 91  LEU A C   1 
ATOM   691  O O   . LEU A 1 91  ? -2.388  -2.862  -0.623  1.00 26.74 ? 91  LEU A O   1 
ATOM   692  C CB  . LEU A 1 91  ? -0.919  -0.334  -1.674  1.00 26.45 ? 91  LEU A CB  1 
ATOM   693  C CG  . LEU A 1 91  ? -0.891  1.206   -1.833  1.00 27.75 ? 91  LEU A CG  1 
ATOM   694  C CD1 . LEU A 1 91  ? -0.697  1.558   -3.340  1.00 29.44 ? 91  LEU A CD1 1 
ATOM   695  C CD2 . LEU A 1 91  ? -2.135  1.857   -1.301  1.00 29.32 ? 91  LEU A CD2 1 
ATOM   696  N N   . VAL A 1 92  ? -0.271  -3.027  0.116   1.00 26.75 ? 92  VAL A N   1 
ATOM   697  C CA  . VAL A 1 92  ? -0.313  -4.490  0.197   1.00 27.53 ? 92  VAL A CA  1 
ATOM   698  C C   . VAL A 1 92  ? -1.224  -4.897  1.350   1.00 27.84 ? 92  VAL A C   1 
ATOM   699  O O   . VAL A 1 92  ? -1.999  -5.857  1.198   1.00 27.04 ? 92  VAL A O   1 
ATOM   700  C CB  . VAL A 1 92  ? 1.087   -5.113  0.345   1.00 28.12 ? 92  VAL A CB  1 
ATOM   701  C CG1 . VAL A 1 92  ? 1.014   -6.667  0.510   1.00 27.71 ? 92  VAL A CG1 1 
ATOM   702  C CG2 . VAL A 1 92  ? 1.967   -4.725  -0.839  1.00 28.54 ? 92  VAL A CG2 1 
ATOM   703  N N   . SER A 1 93  ? -1.135  -4.201  2.490   1.00 27.15 ? 93  SER A N   1 
ATOM   704  C CA  . SER A 1 93  ? -2.092  -4.419  3.603   1.00 27.99 ? 93  SER A CA  1 
ATOM   705  C C   . SER A 1 93  ? -3.541  -4.276  3.087   1.00 27.95 ? 93  SER A C   1 
ATOM   706  O O   . SER A 1 93  ? -4.422  -5.135  3.341   1.00 26.68 ? 93  SER A O   1 
ATOM   707  C CB  . SER A 1 93  ? -1.791  -3.457  4.754   1.00 27.31 ? 93  SER A CB  1 
ATOM   708  O OG  . SER A 1 93  ? -2.697  -3.625  5.856   1.00 32.46 ? 93  SER A OG  1 
ATOM   709  N N   . ALA A 1 94  ? -3.800  -3.207  2.337   1.00 27.01 ? 94  ALA A N   1 
ATOM   710  C CA  . ALA A 1 94  ? -5.158  -2.982  1.823   1.00 27.60 ? 94  ALA A CA  1 
ATOM   711  C C   . ALA A 1 94  ? -5.609  -4.086  0.875   1.00 26.86 ? 94  ALA A C   1 
ATOM   712  O O   . ALA A 1 94  ? -6.796  -4.473  0.866   1.00 27.54 ? 94  ALA A O   1 
ATOM   713  C CB  . ALA A 1 94  ? -5.262  -1.601  1.146   1.00 27.21 ? 94  ALA A CB  1 
ATOM   714  N N   . ALA A 1 95  ? -4.676  -4.592  0.081   1.00 26.87 ? 95  ALA A N   1 
ATOM   715  C CA  . ALA A 1 95  ? -4.969  -5.636  -0.882  1.00 27.33 ? 95  ALA A CA  1 
ATOM   716  C C   . ALA A 1 95  ? -5.326  -6.942  -0.169  1.00 27.60 ? 95  ALA A C   1 
ATOM   717  O O   . ALA A 1 95  ? -6.364  -7.554  -0.476  1.00 27.06 ? 95  ALA A O   1 
ATOM   718  C CB  . ALA A 1 95  ? -3.816  -5.839  -1.832  1.00 27.79 ? 95  ALA A CB  1 
ATOM   719  N N   . VAL A 1 96  ? -4.497  -7.360  0.783   1.00 27.00 ? 96  VAL A N   1 
ATOM   720  C CA  . VAL A 1 96  ? -4.773  -8.634  1.489   1.00 27.00 ? 96  VAL A CA  1 
ATOM   721  C C   . VAL A 1 96  ? -5.985  -8.511  2.405   1.00 27.23 ? 96  VAL A C   1 
ATOM   722  O O   . VAL A 1 96  ? -6.695  -9.521  2.625   1.00 27.23 ? 96  VAL A O   1 
ATOM   723  C CB  . VAL A 1 96  ? -3.558  -9.233  2.244   1.00 26.97 ? 96  VAL A CB  1 
ATOM   724  C CG1 . VAL A 1 96  ? -2.389  -9.498  1.264   1.00 26.93 ? 96  VAL A CG1 1 
ATOM   725  C CG2 . VAL A 1 96  ? -3.103  -8.334  3.420   1.00 27.14 ? 96  VAL A CG2 1 
ATOM   726  N N   . ALA A 1 97  ? -6.258  -7.299  2.906   1.00 25.78 ? 97  ALA A N   1 
ATOM   727  C CA  . ALA A 1 97  ? -7.457  -7.094  3.754   1.00 26.79 ? 97  ALA A CA  1 
ATOM   728  C C   . ALA A 1 97  ? -8.742  -7.429  2.983   1.00 26.83 ? 97  ALA A C   1 
ATOM   729  O O   . ALA A 1 97  ? -9.775  -7.727  3.578   1.00 26.66 ? 97  ALA A O   1 
ATOM   730  C CB  . ALA A 1 97  ? -7.535  -5.693  4.245   1.00 26.21 ? 97  ALA A CB  1 
ATOM   731  N N   . ARG A 1 98  ? -8.663  -7.359  1.658   1.00 26.72 ? 98  ARG A N   1 
ATOM   732  C CA  . ARG A 1 98  ? -9.829  -7.628  0.801   1.00 26.83 ? 98  ARG A CA  1 
ATOM   733  C C   . ARG A 1 98  ? -10.030 -9.100  0.461   1.00 26.97 ? 98  ARG A C   1 
ATOM   734  O O   . ARG A 1 98  ? -11.013 -9.453  -0.221  1.00 28.16 ? 98  ARG A O   1 
ATOM   735  C CB  . ARG A 1 98  ? -9.748  -6.778  -0.479  1.00 25.98 ? 98  ARG A CB  1 
ATOM   736  C CG  . ARG A 1 98  ? -10.069 -5.296  -0.244  1.00 26.32 ? 98  ARG A CG  1 
ATOM   737  C CD  . ARG A 1 98  ? -9.631  -4.435  -1.423  1.00 28.27 ? 98  ARG A CD  1 
ATOM   738  N NE  . ARG A 1 98  ? -10.154 -3.066  -1.318  1.00 27.89 ? 98  ARG A NE  1 
ATOM   739  C CZ  . ARG A 1 98  ? -9.728  -2.140  -0.453  1.00 28.35 ? 98  ARG A CZ  1 
ATOM   740  N NH1 . ARG A 1 98  ? -10.295 -0.943  -0.457  1.00 28.33 ? 98  ARG A NH1 1 
ATOM   741  N NH2 . ARG A 1 98  ? -8.766  -2.405  0.435   1.00 27.44 ? 98  ARG A NH2 1 
ATOM   742  N N   . LEU A 1 99  ? -9.162  -9.982  0.938   1.00 26.70 ? 99  LEU A N   1 
ATOM   743  C CA  . LEU A 1 99  ? -9.367  -11.401 0.673   1.00 26.74 ? 99  LEU A CA  1 
ATOM   744  C C   . LEU A 1 99  ? -10.565 -11.881 1.498   1.00 27.19 ? 99  LEU A C   1 
ATOM   745  O O   . LEU A 1 99  ? -10.811 -11.356 2.578   1.00 26.20 ? 99  LEU A O   1 
ATOM   746  C CB  . LEU A 1 99  ? -8.122  -12.220 1.018   1.00 26.76 ? 99  LEU A CB  1 
ATOM   747  C CG  . LEU A 1 99  ? -6.824  -11.843 0.250   1.00 26.29 ? 99  LEU A CG  1 
ATOM   748  C CD1 . LEU A 1 99  ? -5.637  -12.445 0.941   1.00 28.36 ? 99  LEU A CD1 1 
ATOM   749  C CD2 . LEU A 1 99  ? -6.879  -12.320 -1.202  1.00 31.83 ? 99  LEU A CD2 1 
ATOM   750  N N   . PRO A 1 100 ? -11.308 -12.875 0.980   1.00 27.92 ? 100 PRO A N   1 
ATOM   751  C CA  . PRO A 1 100 ? -12.445 -13.431 1.716   1.00 27.94 ? 100 PRO A CA  1 
ATOM   752  C C   . PRO A 1 100 ? -12.047 -13.890 3.128   1.00 27.87 ? 100 PRO A C   1 
ATOM   753  O O   . PRO A 1 100 ? -11.042 -14.574 3.310   1.00 27.86 ? 100 PRO A O   1 
ATOM   754  C CB  . PRO A 1 100 ? -12.871 -14.637 0.858   1.00 28.95 ? 100 PRO A CB  1 
ATOM   755  C CG  . PRO A 1 100 ? -12.284 -14.414 -0.487  1.00 29.04 ? 100 PRO A CG  1 
ATOM   756  C CD  . PRO A 1 100 ? -11.100 -13.514 -0.335  1.00 27.96 ? 100 PRO A CD  1 
ATOM   757  N N   . GLY A 1 101 ? -12.859 -13.549 4.122   1.00 28.57 ? 101 GLY A N   1 
ATOM   758  C CA  . GLY A 1 101 ? -12.578 -13.943 5.496   1.00 28.30 ? 101 GLY A CA  1 
ATOM   759  C C   . GLY A 1 101 ? -12.069 -12.769 6.312   1.00 29.00 ? 101 GLY A C   1 
ATOM   760  O O   . GLY A 1 101 ? -12.015 -11.646 5.822   1.00 29.01 ? 101 GLY A O   1 
ATOM   761  N N   . THR A 1 102 ? -11.745 -13.010 7.579   1.00 29.25 ? 102 THR A N   1 
ATOM   762  C CA  . THR A 1 102 ? -11.160 -11.951 8.414   1.00 29.54 ? 102 THR A CA  1 
ATOM   763  C C   . THR A 1 102 ? -9.664  -12.118 8.332   1.00 28.53 ? 102 THR A C   1 
ATOM   764  O O   . THR A 1 102 ? -9.133  -13.161 8.709   1.00 27.87 ? 102 THR A O   1 
ATOM   765  C CB  . THR A 1 102 ? -11.612 -12.079 9.880   1.00 30.18 ? 102 THR A CB  1 
ATOM   766  O OG1 . THR A 1 102 ? -13.044 -12.032 9.937   1.00 31.34 ? 102 THR A OG1 1 
ATOM   767  C CG2 . THR A 1 102 ? -11.044 -10.928 10.718  1.00 31.69 ? 102 THR A CG2 1 
ATOM   768  N N   . VAL A 1 103 ? -8.984  -11.082 7.864   1.00 29.28 ? 103 VAL A N   1 
ATOM   769  C CA  . VAL A 1 103 ? -7.587  -11.229 7.492   1.00 29.03 ? 103 VAL A CA  1 
ATOM   770  C C   . VAL A 1 103 ? -6.729  -10.478 8.513   1.00 29.99 ? 103 VAL A C   1 
ATOM   771  O O   . VAL A 1 103 ? -7.060  -9.342  8.859   1.00 30.12 ? 103 VAL A O   1 
ATOM   772  C CB  . VAL A 1 103 ? -7.335  -10.703 6.068   1.00 29.81 ? 103 VAL A CB  1 
ATOM   773  C CG1 . VAL A 1 103 ? -5.844  -10.802 5.722   1.00 29.09 ? 103 VAL A CG1 1 
ATOM   774  C CG2 . VAL A 1 103 ? -8.165  -11.495 5.027   1.00 29.68 ? 103 VAL A CG2 1 
ATOM   775  N N   . VAL A 1 104 ? -5.656  -11.124 8.986   1.00 29.28 ? 104 VAL A N   1 
ATOM   776  C CA  . VAL A 1 104 ? -4.715  -10.512 9.938   1.00 30.57 ? 104 VAL A CA  1 
ATOM   777  C C   . VAL A 1 104 ? -3.307  -10.674 9.378   1.00 29.13 ? 104 VAL A C   1 
ATOM   778  O O   . VAL A 1 104 ? -2.938  -11.767 8.994   1.00 28.34 ? 104 VAL A O   1 
ATOM   779  C CB  . VAL A 1 104 ? -4.791  -11.247 11.307  1.00 31.27 ? 104 VAL A CB  1 
ATOM   780  C CG1 . VAL A 1 104 ? -3.820  -10.611 12.303  1.00 34.42 ? 104 VAL A CG1 1 
ATOM   781  C CG2 . VAL A 1 104 ? -6.237  -11.239 11.844  1.00 34.06 ? 104 VAL A CG2 1 
ATOM   782  N N   . LEU A 1 105 ? -2.518  -9.597  9.328   1.00 28.25 ? 105 LEU A N   1 
ATOM   783  C CA  . LEU A 1 105 ? -1.145  -9.722  8.842   1.00 27.05 ? 105 LEU A CA  1 
ATOM   784  C C   . LEU A 1 105 ? -0.226  -10.413 9.851   1.00 25.60 ? 105 LEU A C   1 
ATOM   785  O O   . LEU A 1 105 ? -0.171  -10.017 11.019  1.00 26.70 ? 105 LEU A O   1 
ATOM   786  C CB  . LEU A 1 105 ? -0.593  -8.300  8.486   1.00 27.54 ? 105 LEU A CB  1 
ATOM   787  C CG  . LEU A 1 105 ? 0.764   -8.326  7.820   1.00 29.32 ? 105 LEU A CG  1 
ATOM   788  C CD1 . LEU A 1 105 ? 0.781   -9.084  6.472   1.00 30.46 ? 105 LEU A CD1 1 
ATOM   789  C CD2 . LEU A 1 105 ? 1.250   -6.818  7.601   1.00 27.88 ? 105 LEU A CD2 1 
ATOM   790  N N   . LEU A 1 106 ? 0.530   -11.432 9.412   1.00 24.62 ? 106 LEU A N   1 
ATOM   791  C CA  . LEU A 1 106 ? 1.473   -12.109 10.301  1.00 23.37 ? 106 LEU A CA  1 
ATOM   792  C C   . LEU A 1 106 ? 2.954   -11.759 10.022  1.00 23.37 ? 106 LEU A C   1 
ATOM   793  O O   . LEU A 1 106 ? 3.739   -11.671 10.962  1.00 23.72 ? 106 LEU A O   1 
ATOM   794  C CB  . LEU A 1 106 ? 1.362   -13.634 10.184  1.00 24.32 ? 106 LEU A CB  1 
ATOM   795  C CG  . LEU A 1 106 ? 0.036   -14.273 10.635  1.00 26.82 ? 106 LEU A CG  1 
ATOM   796  C CD1 . LEU A 1 106 ? 0.178   -15.778 10.504  1.00 27.00 ? 106 LEU A CD1 1 
ATOM   797  C CD2 . LEU A 1 106 ? -0.265  -13.888 12.061  1.00 28.51 ? 106 LEU A CD2 1 
ATOM   798  N N   . GLU A 1 107 ? 3.289   -11.644 8.745   1.00 24.86 ? 107 GLU A N   1 
ATOM   799  C CA  . GLU A 1 107 ? 4.682   -11.350 8.293   1.00 26.81 ? 107 GLU A CA  1 
ATOM   800  C C   . GLU A 1 107 ? 4.685   -10.568 7.018   1.00 25.18 ? 107 GLU A C   1 
ATOM   801  O O   . GLU A 1 107 ? 3.804   -10.725 6.169   1.00 24.54 ? 107 GLU A O   1 
ATOM   802  C CB  . GLU A 1 107 ? 5.480   -12.661 8.062   1.00 26.88 ? 107 GLU A CB  1 
ATOM   803  C CG  . GLU A 1 107 ? 5.409   -13.658 9.239   1.00 30.42 ? 107 GLU A CG  1 
ATOM   804  C CD  . GLU A 1 107 ? 6.227   -14.957 9.061   1.00 31.70 ? 107 GLU A CD  1 
ATOM   805  O OE1 . GLU A 1 107 ? 6.869   -15.133 8.012   1.00 35.95 ? 107 GLU A OE1 1 
ATOM   806  O OE2 . GLU A 1 107 ? 6.211   -15.810 9.990   1.00 36.35 ? 107 GLU A OE2 1 
ATOM   807  N N   . GLN A 1 108 ? 5.714   -9.708  6.833   1.00 24.59 ? 108 GLN A N   1 
ATOM   808  C CA  . GLN A 1 108 ? 5.854   -9.058  5.535   1.00 25.64 ? 108 GLN A CA  1 
ATOM   809  C C   . GLN A 1 108 ? 7.341   -8.868  5.306   1.00 25.18 ? 108 GLN A C   1 
ATOM   810  O O   . GLN A 1 108 ? 8.116   -8.718  6.266   1.00 24.78 ? 108 GLN A O   1 
ATOM   811  C CB  . GLN A 1 108 ? 5.129   -7.702  5.500   1.00 27.83 ? 108 GLN A CB  1 
ATOM   812  C CG  . GLN A 1 108 ? 5.495   -6.824  6.691   1.00 30.94 ? 108 GLN A CG  1 
ATOM   813  C CD  . GLN A 1 108 ? 5.852   -5.434  6.319   1.00 37.99 ? 108 GLN A CD  1 
ATOM   814  O OE1 . GLN A 1 108 ? 5.982   -5.097  5.116   1.00 41.75 ? 108 GLN A OE1 1 
ATOM   815  N NE2 . GLN A 1 108 ? 6.053   -4.589  7.344   1.00 37.27 ? 108 GLN A NE2 1 
ATOM   816  N N   . SER A 1 109 ? 7.736   -8.929  4.047   1.00 25.95 ? 109 SER A N   1 
ATOM   817  C CA  A SER A 1 109 ? 9.150   -8.734  3.707   0.50 25.45 ? 109 SER A CA  1 
ATOM   818  C CA  B SER A 1 109 ? 9.150   -8.780  3.690   0.50 26.16 ? 109 SER A CA  1 
ATOM   819  C C   . SER A 1 109 ? 9.166   -8.155  2.312   1.00 26.41 ? 109 SER A C   1 
ATOM   820  O O   . SER A 1 109 ? 8.548   -8.705  1.401   1.00 26.65 ? 109 SER A O   1 
ATOM   821  C CB  A SER A 1 109 ? 9.905   -10.067 3.735   0.50 25.56 ? 109 SER A CB  1 
ATOM   822  C CB  B SER A 1 109 ? 9.802   -10.161 3.608   0.50 26.26 ? 109 SER A CB  1 
ATOM   823  O OG  A SER A 1 109 ? 11.278  -9.891  3.387   0.50 23.59 ? 109 SER A OG  1 
ATOM   824  O OG  B SER A 1 109 ? 9.948   -10.746 4.882   0.50 28.44 ? 109 SER A OG  1 
ATOM   825  N N   . PHE A 1 110 ? 9.832   -7.002  2.158   1.00 25.89 ? 110 PHE A N   1 
ATOM   826  C CA  . PHE A 1 110 ? 9.857   -6.330  0.865   1.00 25.65 ? 110 PHE A CA  1 
ATOM   827  C C   . PHE A 1 110 ? 11.207  -5.752  0.590   1.00 25.91 ? 110 PHE A C   1 
ATOM   828  O O   . PHE A 1 110 ? 11.882  -5.333  1.520   1.00 24.84 ? 110 PHE A O   1 
ATOM   829  C CB  . PHE A 1 110 ? 8.851   -5.180  0.810   1.00 26.77 ? 110 PHE A CB  1 
ATOM   830  C CG  . PHE A 1 110 ? 7.441   -5.677  0.610   1.00 28.84 ? 110 PHE A CG  1 
ATOM   831  C CD1 . PHE A 1 110 ? 6.625   -5.859  1.700   1.00 32.08 ? 110 PHE A CD1 1 
ATOM   832  C CD2 . PHE A 1 110 ? 7.019   -6.080  -0.662  1.00 30.74 ? 110 PHE A CD2 1 
ATOM   833  C CE1 . PHE A 1 110 ? 5.324   -6.392  1.537   1.00 31.44 ? 110 PHE A CE1 1 
ATOM   834  C CE2 . PHE A 1 110 ? 5.733   -6.605  -0.856  1.00 32.59 ? 110 PHE A CE2 1 
ATOM   835  C CZ  . PHE A 1 110 ? 4.893   -6.766  0.279   1.00 30.58 ? 110 PHE A CZ  1 
ATOM   836  N N   . ARG A 1 111 ? 11.574  -5.744  -0.692  1.00 25.77 ? 111 ARG A N   1 
ATOM   837  C CA  . ARG A 1 111 ? 12.773  -5.032  -1.165  1.00 26.61 ? 111 ARG A CA  1 
ATOM   838  C C   . ARG A 1 111 ? 12.262  -3.980  -2.118  1.00 26.40 ? 111 ARG A C   1 
ATOM   839  O O   . ARG A 1 111 ? 11.370  -4.259  -2.962  1.00 26.84 ? 111 ARG A O   1 
ATOM   840  C CB  . ARG A 1 111 ? 13.723  -5.994  -1.915  1.00 26.05 ? 111 ARG A CB  1 
ATOM   841  C CG  . ARG A 1 111 ? 14.921  -5.300  -2.613  1.00 29.57 ? 111 ARG A CG  1 
ATOM   842  C CD  . ARG A 1 111 ? 15.873  -6.374  -3.203  1.00 31.20 ? 111 ARG A CD  1 
ATOM   843  N NE  . ARG A 1 111 ? 16.494  -5.892  -4.449  1.00 46.12 ? 111 ARG A NE  1 
ATOM   844  C CZ  . ARG A 1 111 ? 16.113  -6.269  -5.675  1.00 47.96 ? 111 ARG A CZ  1 
ATOM   845  N NH1 . ARG A 1 111 ? 15.119  -7.154  -5.826  1.00 51.34 ? 111 ARG A NH1 1 
ATOM   846  N NH2 . ARG A 1 111 ? 16.729  -5.775  -6.741  1.00 50.40 ? 111 ARG A NH2 1 
ATOM   847  N N   . TYR A 1 112 ? 12.775  -2.758  -1.955  1.00 25.50 ? 112 TYR A N   1 
ATOM   848  C CA  . TYR A 1 112 ? 12.342  -1.626  -2.759  1.00 25.79 ? 112 TYR A CA  1 
ATOM   849  C C   . TYR A 1 112 ? 13.325  -1.521  -3.913  1.00 26.40 ? 112 TYR A C   1 
ATOM   850  O O   . TYR A 1 112 ? 14.523  -1.439  -3.676  1.00 26.44 ? 112 TYR A O   1 
ATOM   851  C CB  . TYR A 1 112 ? 12.323  -0.348  -1.908  1.00 26.42 ? 112 TYR A CB  1 
ATOM   852  C CG  . TYR A 1 112 ? 11.280  -0.514  -0.813  1.00 26.07 ? 112 TYR A CG  1 
ATOM   853  C CD1 . TYR A 1 112 ? 9.929   -0.246  -1.077  1.00 27.23 ? 112 TYR A CD1 1 
ATOM   854  C CD2 . TYR A 1 112 ? 11.632  -0.987  0.431   1.00 28.26 ? 112 TYR A CD2 1 
ATOM   855  C CE1 . TYR A 1 112 ? 8.939   -0.447  -0.074  1.00 28.15 ? 112 TYR A CE1 1 
ATOM   856  C CE2 . TYR A 1 112 ? 10.643  -1.204  1.435   1.00 29.46 ? 112 TYR A CE2 1 
ATOM   857  C CZ  . TYR A 1 112 ? 9.321   -0.905  1.162   1.00 30.91 ? 112 TYR A CZ  1 
ATOM   858  O OH  . TYR A 1 112 ? 8.363   -1.140  2.154   1.00 33.36 ? 112 TYR A OH  1 
ATOM   859  N N   . THR A 1 113 ? 12.800  -1.492  -5.137  1.00 26.73 ? 113 THR A N   1 
ATOM   860  C CA  . THR A 1 113 ? 13.619  -1.704  -6.342  1.00 27.86 ? 113 THR A CA  1 
ATOM   861  C C   . THR A 1 113 ? 13.770  -0.439  -7.191  1.00 27.98 ? 113 THR A C   1 
ATOM   862  O O   . THR A 1 113 ? 14.761  -0.277  -7.908  1.00 27.50 ? 113 THR A O   1 
ATOM   863  C CB  . THR A 1 113 ? 13.022  -2.846  -7.207  1.00 28.55 ? 113 THR A CB  1 
ATOM   864  O OG1 . THR A 1 113 ? 11.649  -2.577  -7.490  1.00 30.44 ? 113 THR A OG1 1 
ATOM   865  C CG2 . THR A 1 113 ? 13.088  -4.164  -6.461  1.00 30.22 ? 113 THR A CG2 1 
ATOM   866  N N   . SER A 1 114 ? 12.775  0.439   -7.118  1.00 27.28 ? 114 SER A N   1 
ATOM   867  C CA  A SER A 1 114 ? 12.734  1.663   -7.903  0.50 27.61 ? 114 SER A CA  1 
ATOM   868  C CA  B SER A 1 114 ? 12.727  1.660   -7.912  0.50 27.70 ? 114 SER A CA  1 
ATOM   869  C C   . SER A 1 114 ? 11.846  2.655   -7.180  1.00 27.72 ? 114 SER A C   1 
ATOM   870  O O   . SER A 1 114 ? 10.853  2.256   -6.565  1.00 28.19 ? 114 SER A O   1 
ATOM   871  C CB  A SER A 1 114 ? 12.170  1.379   -9.297  0.50 27.69 ? 114 SER A CB  1 
ATOM   872  C CB  B SER A 1 114 ? 12.120  1.381   -9.290  0.50 27.73 ? 114 SER A CB  1 
ATOM   873  O OG  A SER A 1 114 ? 13.214  0.961   -10.163 0.50 27.59 ? 114 SER A OG  1 
ATOM   874  O OG  B SER A 1 114 ? 12.517  2.387   -10.208 0.50 28.33 ? 114 SER A OG  1 
ATOM   875  N N   . PRO A 1 115 ? 12.209  3.952   -7.214  1.00 27.74 ? 115 PRO A N   1 
ATOM   876  C CA  . PRO A 1 115 ? 11.397  4.905   -6.477  1.00 27.65 ? 115 PRO A CA  1 
ATOM   877  C C   . PRO A 1 115 ? 9.969   5.090   -7.020  1.00 27.03 ? 115 PRO A C   1 
ATOM   878  O O   . PRO A 1 115 ? 9.720   4.926   -8.225  1.00 27.20 ? 115 PRO A O   1 
ATOM   879  C CB  . PRO A 1 115 ? 12.193  6.219   -6.600  1.00 28.54 ? 115 PRO A CB  1 
ATOM   880  C CG  . PRO A 1 115 ? 13.060  6.039   -7.784  1.00 28.90 ? 115 PRO A CG  1 
ATOM   881  C CD  . PRO A 1 115 ? 13.378  4.592   -7.877  1.00 27.68 ? 115 PRO A CD  1 
ATOM   882  N N   . VAL A 1 116 ? 9.053   5.435   -6.131  1.00 25.15 ? 116 VAL A N   1 
ATOM   883  C CA  . VAL A 1 116 ? 7.699   5.846   -6.509  1.00 25.50 ? 116 VAL A CA  1 
ATOM   884  C C   . VAL A 1 116 ? 7.627   7.360   -6.363  1.00 25.69 ? 116 VAL A C   1 
ATOM   885  O O   . VAL A 1 116 ? 8.026   7.923   -5.344  1.00 25.90 ? 116 VAL A O   1 
ATOM   886  C CB  . VAL A 1 116 ? 6.668   5.187   -5.593  1.00 25.41 ? 116 VAL A CB  1 
ATOM   887  C CG1 . VAL A 1 116 ? 5.248   5.794   -5.792  1.00 25.68 ? 116 VAL A CG1 1 
ATOM   888  C CG2 . VAL A 1 116 ? 6.701   3.656   -5.833  1.00 24.99 ? 116 VAL A CG2 1 
ATOM   889  N N   . ARG A 1 117 ? 7.139   8.026   -7.399  1.00 25.11 ? 117 ARG A N   1 
ATOM   890  C CA  . ARG A 1 117 ? 7.055   9.484   -7.378  1.00 25.07 ? 117 ARG A CA  1 
ATOM   891  C C   . ARG A 1 117 ? 5.694   9.946   -6.875  1.00 25.53 ? 117 ARG A C   1 
ATOM   892  O O   . ARG A 1 117 ? 4.701   9.218   -7.010  1.00 25.66 ? 117 ARG A O   1 
ATOM   893  C CB  . ARG A 1 117 ? 7.303   10.016  -8.793  1.00 24.70 ? 117 ARG A CB  1 
ATOM   894  C CG  . ARG A 1 117 ? 8.682   9.586   -9.356  1.00 25.13 ? 117 ARG A CG  1 
ATOM   895  C CD  . ARG A 1 117 ? 9.829   10.266  -8.614  1.00 25.73 ? 117 ARG A CD  1 
ATOM   896  N NE  . ARG A 1 117 ? 11.147  9.822   -9.090  1.00 24.83 ? 117 ARG A NE  1 
ATOM   897  C CZ  . ARG A 1 117 ? 12.309  10.241  -8.602  1.00 25.72 ? 117 ARG A CZ  1 
ATOM   898  N NH1 . ARG A 1 117 ? 12.335  11.150  -7.628  1.00 25.18 ? 117 ARG A NH1 1 
ATOM   899  N NH2 . ARG A 1 117 ? 13.452  9.805   -9.142  1.00 26.05 ? 117 ARG A NH2 1 
ATOM   900  N N   . ILE A 1 118 ? 5.621   11.163  -6.333  1.00 25.60 ? 118 ILE A N   1 
ATOM   901  C CA  . ILE A 1 118 ? 4.315   11.678  -5.874  1.00 26.35 ? 118 ILE A CA  1 
ATOM   902  C C   . ILE A 1 118 ? 3.338   11.750  -7.059  1.00 26.69 ? 118 ILE A C   1 
ATOM   903  O O   . ILE A 1 118 ? 3.704   12.267  -8.140  1.00 26.65 ? 118 ILE A O   1 
ATOM   904  C CB  . ILE A 1 118 ? 4.465   13.046  -5.110  1.00 26.49 ? 118 ILE A CB  1 
ATOM   905  C CG1 . ILE A 1 118 ? 5.276   12.848  -3.818  1.00 26.63 ? 118 ILE A CG1 1 
ATOM   906  C CG2 . ILE A 1 118 ? 3.087   13.652  -4.750  1.00 27.88 ? 118 ILE A CG2 1 
ATOM   907  C CD1 . ILE A 1 118 ? 5.638   14.151  -3.056  1.00 28.25 ? 118 ILE A CD1 1 
ATOM   908  N N   . GLY A 1 119 ? 2.130   11.188  -6.881  1.00 25.96 ? 119 GLY A N   1 
ATOM   909  C CA  . GLY A 1 119 ? 1.127   11.161  -7.949  1.00 26.79 ? 119 GLY A CA  1 
ATOM   910  C C   . GLY A 1 119 ? 1.059   9.870   -8.745  1.00 26.79 ? 119 GLY A C   1 
ATOM   911  O O   . GLY A 1 119 ? 0.132   9.685   -9.547  1.00 26.88 ? 119 GLY A O   1 
ATOM   912  N N   . ASP A 1 120 ? 2.031   8.983   -8.546  1.00 27.25 ? 120 ASP A N   1 
ATOM   913  C CA  . ASP A 1 120 ? 2.092   7.698   -9.244  1.00 27.17 ? 120 ASP A CA  1 
ATOM   914  C C   . ASP A 1 120 ? 0.944   6.793   -8.763  1.00 27.72 ? 120 ASP A C   1 
ATOM   915  O O   . ASP A 1 120 ? 0.613   6.778   -7.564  1.00 27.32 ? 120 ASP A O   1 
ATOM   916  C CB  . ASP A 1 120 ? 3.413   6.962   -8.947  1.00 27.58 ? 120 ASP A CB  1 
ATOM   917  C CG  . ASP A 1 120 ? 4.611   7.459   -9.787  1.00 30.71 ? 120 ASP A CG  1 
ATOM   918  O OD1 . ASP A 1 120 ? 4.448   8.371   -10.616 1.00 29.20 ? 120 ASP A OD1 1 
ATOM   919  O OD2 . ASP A 1 120 ? 5.722   6.910   -9.616  1.00 31.96 ? 120 ASP A OD2 1 
ATOM   920  N N   . VAL A 1 121 ? 0.353   6.042   -9.687  1.00 27.24 ? 121 VAL A N   1 
ATOM   921  C CA  . VAL A 1 121 ? -0.550  4.928   -9.301  1.00 28.20 ? 121 VAL A CA  1 
ATOM   922  C C   . VAL A 1 121 ? 0.283   3.686   -9.027  1.00 27.71 ? 121 VAL A C   1 
ATOM   923  O O   . VAL A 1 121 ? 1.068   3.256   -9.891  1.00 27.76 ? 121 VAL A O   1 
ATOM   924  C CB  . VAL A 1 121 ? -1.580  4.621   -10.430 1.00 28.27 ? 121 VAL A CB  1 
ATOM   925  C CG1 . VAL A 1 121 ? -2.423  3.343   -10.060 1.00 28.93 ? 121 VAL A CG1 1 
ATOM   926  C CG2 . VAL A 1 121 ? -2.461  5.821   -10.666 1.00 29.67 ? 121 VAL A CG2 1 
ATOM   927  N N   . VAL A 1 122 ? 0.136   3.093   -7.831  1.00 26.77 ? 122 VAL A N   1 
ATOM   928  C CA  . VAL A 1 122 ? 0.871   1.881   -7.502  1.00 27.05 ? 122 VAL A CA  1 
ATOM   929  C C   . VAL A 1 122 ? -0.110  0.698   -7.594  1.00 27.41 ? 122 VAL A C   1 
ATOM   930  O O   . VAL A 1 122 ? -1.228  0.808   -7.078  1.00 26.51 ? 122 VAL A O   1 
ATOM   931  C CB  . VAL A 1 122 ? 1.495   1.951   -6.076  1.00 27.71 ? 122 VAL A CB  1 
ATOM   932  C CG1 . VAL A 1 122 ? 2.051   0.582   -5.622  1.00 27.40 ? 122 VAL A CG1 1 
ATOM   933  C CG2 . VAL A 1 122 ? 2.664   3.011   -6.060  1.00 28.73 ? 122 VAL A CG2 1 
ATOM   934  N N   . ARG A 1 123 ? 0.305   -0.360  -8.290  1.00 26.56 ? 123 ARG A N   1 
ATOM   935  C CA  . ARG A 1 123 ? -0.511  -1.575  -8.456  1.00 27.99 ? 123 ARG A CA  1 
ATOM   936  C C   . ARG A 1 123 ? 0.159   -2.716  -7.713  1.00 28.15 ? 123 ARG A C   1 
ATOM   937  O O   . ARG A 1 123 ? 1.348   -2.989  -7.894  1.00 28.00 ? 123 ARG A O   1 
ATOM   938  C CB  . ARG A 1 123 ? -0.694  -1.903  -9.935  1.00 28.18 ? 123 ARG A CB  1 
ATOM   939  C CG  . ARG A 1 123 ? -1.558  -3.122  -10.230 1.00 28.89 ? 123 ARG A CG  1 
ATOM   940  C CD  . ARG A 1 123 ? -1.643  -3.351  -11.752 1.00 29.59 ? 123 ARG A CD  1 
ATOM   941  N NE  . ARG A 1 123 ? -0.414  -3.933  -12.285 1.00 31.26 ? 123 ARG A NE  1 
ATOM   942  C CZ  . ARG A 1 123 ? 0.509   -3.244  -12.960 1.00 31.42 ? 123 ARG A CZ  1 
ATOM   943  N NH1 . ARG A 1 123 ? 1.599   -3.860  -13.410 1.00 31.38 ? 123 ARG A NH1 1 
ATOM   944  N NH2 . ARG A 1 123 ? 0.342   -1.941  -13.191 1.00 31.21 ? 123 ARG A NH2 1 
ATOM   945  N N   . VAL A 1 124 ? -0.616  -3.368  -6.845  1.00 27.74 ? 124 VAL A N   1 
ATOM   946  C CA  . VAL A 1 124 ? -0.155  -4.524  -6.122  1.00 27.86 ? 124 VAL A CA  1 
ATOM   947  C C   . VAL A 1 124 ? -0.674  -5.740  -6.872  1.00 28.78 ? 124 VAL A C   1 
ATOM   948  O O   . VAL A 1 124 ? -1.868  -5.787  -7.210  1.00 27.11 ? 124 VAL A O   1 
ATOM   949  C CB  . VAL A 1 124 ? -0.778  -4.570  -4.692  1.00 29.22 ? 124 VAL A CB  1 
ATOM   950  C CG1 . VAL A 1 124 ? -0.323  -5.821  -3.955  1.00 29.38 ? 124 VAL A CG1 1 
ATOM   951  C CG2 . VAL A 1 124 ? -0.408  -3.309  -3.898  1.00 29.90 ? 124 VAL A CG2 1 
ATOM   952  N N   . GLU A 1 125 ? 0.204   -6.707  -7.128  1.00 28.36 ? 125 GLU A N   1 
ATOM   953  C CA  . GLU A 1 125 ? -0.222  -7.982  -7.701  1.00 29.01 ? 125 GLU A CA  1 
ATOM   954  C C   . GLU A 1 125 ? 0.220   -9.082  -6.747  1.00 29.51 ? 125 GLU A C   1 
ATOM   955  O O   . GLU A 1 125 ? 1.398   -9.181  -6.394  1.00 29.14 ? 125 GLU A O   1 
ATOM   956  C CB  . GLU A 1 125 ? 0.361   -8.208  -9.094  1.00 29.32 ? 125 GLU A CB  1 
ATOM   957  C CG  . GLU A 1 125 ? 0.009   -7.128  -10.118 1.00 29.23 ? 125 GLU A CG  1 
ATOM   958  C CD  . GLU A 1 125 ? 0.459   -7.463  -11.540 1.00 30.70 ? 125 GLU A CD  1 
ATOM   959  O OE1 . GLU A 1 125 ? 0.992   -8.580  -11.776 1.00 32.30 ? 125 GLU A OE1 1 
ATOM   960  O OE2 . GLU A 1 125 ? 0.273   -6.592  -12.425 1.00 31.27 ? 125 GLU A OE2 1 
ATOM   961  N N   . GLY A 1 126 ? -0.734  -9.913  -6.320  1.00 29.26 ? 126 GLY A N   1 
ATOM   962  C CA  . GLY A 1 126 ? -0.436  -10.979 -5.384  1.00 28.43 ? 126 GLY A CA  1 
ATOM   963  C C   . GLY A 1 126 ? -0.865  -12.328 -5.938  1.00 28.57 ? 126 GLY A C   1 
ATOM   964  O O   . GLY A 1 126 ? -1.786  -12.419 -6.793  1.00 28.39 ? 126 GLY A O   1 
ATOM   965  N N   . VAL A 1 127 ? -0.184  -13.370 -5.460  1.00 28.80 ? 127 VAL A N   1 
ATOM   966  C CA  . VAL A 1 127 ? -0.517  -14.765 -5.789  1.00 28.21 ? 127 VAL A CA  1 
ATOM   967  C C   . VAL A 1 127 ? -0.221  -15.633 -4.559  1.00 28.38 ? 127 VAL A C   1 
ATOM   968  O O   . VAL A 1 127 ? 0.849   -15.559 -3.959  1.00 27.64 ? 127 VAL A O   1 
ATOM   969  C CB  . VAL A 1 127 ? 0.194   -15.293 -7.073  1.00 28.94 ? 127 VAL A CB  1 
ATOM   970  C CG1 . VAL A 1 127 ? 1.703   -15.245 -6.938  1.00 30.62 ? 127 VAL A CG1 1 
ATOM   971  C CG2 . VAL A 1 127 ? -0.282  -16.740 -7.434  1.00 28.51 ? 127 VAL A CG2 1 
ATOM   972  N N   . VAL A 1 128 ? -1.192  -16.445 -4.169  1.00 27.73 ? 128 VAL A N   1 
ATOM   973  C CA  . VAL A 1 128 ? -1.003  -17.328 -3.024  1.00 28.15 ? 128 VAL A CA  1 
ATOM   974  C C   . VAL A 1 128 ? -0.033  -18.446 -3.411  1.00 29.13 ? 128 VAL A C   1 
ATOM   975  O O   . VAL A 1 128 ? -0.314  -19.262 -4.322  1.00 29.38 ? 128 VAL A O   1 
ATOM   976  C CB  . VAL A 1 128 ? -2.351  -17.943 -2.562  1.00 28.60 ? 128 VAL A CB  1 
ATOM   977  C CG1 . VAL A 1 128 ? -2.104  -18.959 -1.438  1.00 26.21 ? 128 VAL A CG1 1 
ATOM   978  C CG2 . VAL A 1 128 ? -3.297  -16.829 -2.103  1.00 29.00 ? 128 VAL A CG2 1 
ATOM   979  N N   . SER A 1 129 ? 1.107   -18.490 -2.734  1.00 28.44 ? 129 SER A N   1 
ATOM   980  C CA  . SER A 1 129 ? 2.119   -19.500 -3.015  1.00 29.18 ? 129 SER A CA  1 
ATOM   981  C C   . SER A 1 129 ? 2.109   -20.653 -2.002  1.00 28.84 ? 129 SER A C   1 
ATOM   982  O O   . SER A 1 129 ? 2.677   -21.715 -2.259  1.00 30.19 ? 129 SER A O   1 
ATOM   983  C CB  . SER A 1 129 ? 3.502   -18.845 -3.028  1.00 28.99 ? 129 SER A CB  1 
ATOM   984  O OG  . SER A 1 129 ? 3.723   -18.265 -1.754  1.00 31.38 ? 129 SER A OG  1 
ATOM   985  N N   . GLY A 1 130 ? 1.470   -20.441 -0.855  1.00 28.10 ? 130 GLY A N   1 
ATOM   986  C CA  . GLY A 1 130 ? 1.497   -21.406 0.245   1.00 27.86 ? 130 GLY A CA  1 
ATOM   987  C C   . GLY A 1 130 ? 0.237   -21.320 1.098   1.00 26.80 ? 130 GLY A C   1 
ATOM   988  O O   . GLY A 1 130 ? -0.284  -20.237 1.339   1.00 27.31 ? 130 GLY A O   1 
ATOM   989  N N   . VAL A 1 131 ? -0.267  -22.475 1.537   1.00 26.60 ? 131 VAL A N   1 
ATOM   990  C CA  . VAL A 1 131 ? -1.410  -22.526 2.460   1.00 25.40 ? 131 VAL A CA  1 
ATOM   991  C C   . VAL A 1 131 ? -1.109  -23.615 3.474   1.00 25.29 ? 131 VAL A C   1 
ATOM   992  O O   . VAL A 1 131 ? -0.918  -24.782 3.109   1.00 23.91 ? 131 VAL A O   1 
ATOM   993  C CB  . VAL A 1 131 ? -2.762  -22.862 1.753   1.00 26.75 ? 131 VAL A CB  1 
ATOM   994  C CG1 . VAL A 1 131 ? -3.923  -22.845 2.781   1.00 25.08 ? 131 VAL A CG1 1 
ATOM   995  C CG2 . VAL A 1 131 ? -3.032  -21.921 0.568   1.00 26.20 ? 131 VAL A CG2 1 
ATOM   996  N N   . GLU A 1 132 ? -1.031  -23.210 4.741   1.00 25.38 ? 132 GLU A N   1 
ATOM   997  C CA  . GLU A 1 132 ? -0.758  -24.095 5.847   1.00 25.53 ? 132 GLU A CA  1 
ATOM   998  C C   . GLU A 1 132 ? -1.780  -23.815 6.940   1.00 25.97 ? 132 GLU A C   1 
ATOM   999  O O   . GLU A 1 132 ? -1.774  -22.748 7.553   1.00 24.67 ? 132 GLU A O   1 
ATOM   1000 C CB  . GLU A 1 132 ? 0.666   -23.927 6.362   1.00 25.85 ? 132 GLU A CB  1 
ATOM   1001 C CG  . GLU A 1 132 ? 1.025   -24.898 7.499   1.00 25.28 ? 132 GLU A CG  1 
ATOM   1002 C CD  . GLU A 1 132 ? 0.931   -26.361 7.096   1.00 26.92 ? 132 GLU A CD  1 
ATOM   1003 O OE1 . GLU A 1 132 ? 0.074   -27.072 7.695   1.00 26.31 ? 132 GLU A OE1 1 
ATOM   1004 O OE2 . GLU A 1 132 ? 1.693   -26.794 6.203   1.00 25.80 ? 132 GLU A OE2 1 
ATOM   1005 N N   . LYS A 1 133 ? -2.708  -24.759 7.127   1.00 24.44 ? 133 LYS A N   1 
ATOM   1006 C CA  . LYS A 1 133 ? -3.885  -24.522 7.967   1.00 26.33 ? 133 LYS A CA  1 
ATOM   1007 C C   . LYS A 1 133 ? -4.582  -23.275 7.414   1.00 26.67 ? 133 LYS A C   1 
ATOM   1008 O O   . LYS A 1 133 ? -4.910  -23.261 6.230   1.00 28.22 ? 133 LYS A O   1 
ATOM   1009 C CB  . LYS A 1 133 ? -3.513  -24.442 9.460   1.00 24.81 ? 133 LYS A CB  1 
ATOM   1010 C CG  . LYS A 1 133 ? -2.705  -25.675 9.892   1.00 27.02 ? 133 LYS A CG  1 
ATOM   1011 C CD  . LYS A 1 133 ? -2.317  -25.744 11.370  1.00 29.01 ? 133 LYS A CD  1 
ATOM   1012 C CE  . LYS A 1 133 ? -3.461  -25.374 12.294  1.00 33.02 ? 133 LYS A CE  1 
ATOM   1013 N NZ  . LYS A 1 133 ? -3.158  -25.754 13.703  1.00 35.71 ? 133 LYS A NZ  1 
ATOM   1014 N N   . ASN A 1 134 ? -4.781  -22.230 8.221   1.00 26.70 ? 134 ASN A N   1 
ATOM   1015 C CA  . ASN A 1 134 ? -5.382  -20.974 7.729   1.00 26.04 ? 134 ASN A CA  1 
ATOM   1016 C C   . ASN A 1 134 ? -4.365  -19.842 7.538   1.00 26.56 ? 134 ASN A C   1 
ATOM   1017 O O   . ASN A 1 134 ? -4.741  -18.676 7.535   1.00 26.29 ? 134 ASN A O   1 
ATOM   1018 C CB  . ASN A 1 134 ? -6.464  -20.492 8.682   1.00 27.41 ? 134 ASN A CB  1 
ATOM   1019 C CG  . ASN A 1 134 ? -5.941  -20.243 10.093  1.00 29.49 ? 134 ASN A CG  1 
ATOM   1020 O OD1 . ASN A 1 134 ? -4.877  -20.746 10.493  1.00 30.29 ? 134 ASN A OD1 1 
ATOM   1021 N ND2 . ASN A 1 134 ? -6.708  -19.475 10.865  1.00 35.05 ? 134 ASN A ND2 1 
ATOM   1022 N N   . ARG A 1 135 ? -3.113  -20.222 7.367   1.00 26.13 ? 135 ARG A N   1 
ATOM   1023 C CA  . ARG A 1 135 ? -2.030  -19.234 7.135   1.00 27.12 ? 135 ARG A CA  1 
ATOM   1024 C C   . ARG A 1 135 ? -1.688  -19.287 5.663   1.00 26.28 ? 135 ARG A C   1 
ATOM   1025 O O   . ARG A 1 135 ? -1.329  -20.348 5.132   1.00 25.85 ? 135 ARG A O   1 
ATOM   1026 C CB  . ARG A 1 135 ? -0.810  -19.581 7.964   1.00 26.72 ? 135 ARG A CB  1 
ATOM   1027 C CG  . ARG A 1 135 ? -1.088  -19.537 9.458   1.00 33.25 ? 135 ARG A CG  1 
ATOM   1028 C CD  . ARG A 1 135 ? 0.169   -19.687 10.297  1.00 40.25 ? 135 ARG A CD  1 
ATOM   1029 N NE  . ARG A 1 135 ? 0.938   -20.911 10.022  1.00 44.12 ? 135 ARG A NE  1 
ATOM   1030 C CZ  . ARG A 1 135 ? 0.714   -22.088 10.605  1.00 46.11 ? 135 ARG A CZ  1 
ATOM   1031 N NH1 . ARG A 1 135 ? -0.267  -22.226 11.490  1.00 45.84 ? 135 ARG A NH1 1 
ATOM   1032 N NH2 . ARG A 1 135 ? 1.476   -23.130 10.303  1.00 47.95 ? 135 ARG A NH2 1 
ATOM   1033 N N   . TYR A 1 136 ? -1.776  -18.131 5.010   1.00 26.85 ? 136 TYR A N   1 
ATOM   1034 C CA  . TYR A 1 136 ? -1.587  -18.034 3.565   1.00 26.45 ? 136 TYR A CA  1 
ATOM   1035 C C   . TYR A 1 136 ? -0.314  -17.238 3.291   1.00 27.28 ? 136 TYR A C   1 
ATOM   1036 O O   . TYR A 1 136 ? -0.199  -16.136 3.798   1.00 26.44 ? 136 TYR A O   1 
ATOM   1037 C CB  . TYR A 1 136 ? -2.769  -17.286 2.966   1.00 27.03 ? 136 TYR A CB  1 
ATOM   1038 C CG  . TYR A 1 136 ? -4.025  -18.124 2.969   1.00 28.50 ? 136 TYR A CG  1 
ATOM   1039 C CD1 . TYR A 1 136 ? -4.732  -18.349 4.168   1.00 28.61 ? 136 TYR A CD1 1 
ATOM   1040 C CD2 . TYR A 1 136 ? -4.463  -18.745 1.810   1.00 29.77 ? 136 TYR A CD2 1 
ATOM   1041 C CE1 . TYR A 1 136 ? -5.877  -19.188 4.199   1.00 30.12 ? 136 TYR A CE1 1 
ATOM   1042 C CE2 . TYR A 1 136 ? -5.627  -19.564 1.827   1.00 27.95 ? 136 TYR A CE2 1 
ATOM   1043 C CZ  . TYR A 1 136 ? -6.313  -19.764 3.013   1.00 29.83 ? 136 TYR A CZ  1 
ATOM   1044 O OH  . TYR A 1 136 ? -7.429  -20.606 3.014   1.00 28.62 ? 136 TYR A OH  1 
ATOM   1045 N N   . THR A 1 137 ? 0.600   -17.802 2.502   1.00 27.12 ? 137 THR A N   1 
ATOM   1046 C CA  . THR A 1 137 ? 1.840   -17.109 2.098   1.00 27.70 ? 137 THR A CA  1 
ATOM   1047 C C   . THR A 1 137 ? 1.570   -16.601 0.707   1.00 28.41 ? 137 THR A C   1 
ATOM   1048 O O   . THR A 1 137 ? 1.028   -17.332 -0.135  1.00 28.53 ? 137 THR A O   1 
ATOM   1049 C CB  . THR A 1 137 ? 3.025   -18.083 2.144   1.00 28.18 ? 137 THR A CB  1 
ATOM   1050 O OG1 . THR A 1 137 ? 3.113   -18.629 3.479   1.00 28.67 ? 137 THR A OG1 1 
ATOM   1051 C CG2 . THR A 1 137 ? 4.341   -17.379 1.767   1.00 27.47 ? 137 THR A CG2 1 
ATOM   1052 N N   . ILE A 1 138 ? 1.880   -15.321 0.474   1.00 27.29 ? 138 ILE A N   1 
ATOM   1053 C CA  . ILE A 1 138 ? 1.482   -14.671 -0.763  1.00 27.26 ? 138 ILE A CA  1 
ATOM   1054 C C   . ILE A 1 138 ? 2.712   -13.966 -1.343  1.00 27.80 ? 138 ILE A C   1 
ATOM   1055 O O   . ILE A 1 138 ? 3.338   -13.152 -0.638  1.00 27.14 ? 138 ILE A O   1 
ATOM   1056 C CB  . ILE A 1 138 ? 0.370   -13.650 -0.515  1.00 26.50 ? 138 ILE A CB  1 
ATOM   1057 C CG1 . ILE A 1 138 ? -0.824  -14.292 0.253   1.00 28.61 ? 138 ILE A CG1 1 
ATOM   1058 C CG2 . ILE A 1 138 ? -0.061  -12.957 -1.855  1.00 26.44 ? 138 ILE A CG2 1 
ATOM   1059 C CD1 . ILE A 1 138 ? -1.924  -13.322 0.636   1.00 29.25 ? 138 ILE A CD1 1 
ATOM   1060 N N   . ASP A 1 139 ? 3.063   -14.303 -2.577  1.00 27.61 ? 139 ASP A N   1 
ATOM   1061 C CA  . ASP A 1 139 ? 4.118   -13.561 -3.311  1.00 28.66 ? 139 ASP A CA  1 
ATOM   1062 C C   . ASP A 1 139 ? 3.505   -12.277 -3.836  1.00 27.53 ? 139 ASP A C   1 
ATOM   1063 O O   . ASP A 1 139 ? 2.412   -12.288 -4.401  1.00 26.28 ? 139 ASP A O   1 
ATOM   1064 C CB  . ASP A 1 139 ? 4.631   -14.409 -4.465  1.00 29.95 ? 139 ASP A CB  1 
ATOM   1065 C CG  . ASP A 1 139 ? 5.409   -15.619 -3.989  1.00 35.02 ? 139 ASP A CG  1 
ATOM   1066 O OD1 . ASP A 1 139 ? 6.102   -15.514 -2.957  1.00 40.73 ? 139 ASP A OD1 1 
ATOM   1067 O OD2 . ASP A 1 139 ? 5.362   -16.659 -4.661  1.00 39.73 ? 139 ASP A OD2 1 
ATOM   1068 N N   . VAL A 1 140 ? 4.198   -11.148 -3.648  1.00 27.60 ? 140 VAL A N   1 
ATOM   1069 C CA  A VAL A 1 140 ? 3.656   -9.832  -3.989  0.50 26.58 ? 140 VAL A CA  1 
ATOM   1070 C CA  B VAL A 1 140 ? 3.639   -9.874  -4.083  0.50 27.69 ? 140 VAL A CA  1 
ATOM   1071 C C   . VAL A 1 140 ? 4.671   -9.034  -4.835  1.00 27.48 ? 140 VAL A C   1 
ATOM   1072 O O   . VAL A 1 140 ? 5.857   -9.061  -4.527  1.00 27.56 ? 140 VAL A O   1 
ATOM   1073 C CB  A VAL A 1 140 ? 3.338   -9.010  -2.698  0.50 26.85 ? 140 VAL A CB  1 
ATOM   1074 C CB  B VAL A 1 140 ? 3.071   -9.049  -2.908  0.50 28.22 ? 140 VAL A CB  1 
ATOM   1075 C CG1 A VAL A 1 140 ? 2.768   -7.637  -3.039  0.50 23.44 ? 140 VAL A CG1 1 
ATOM   1076 C CG1 B VAL A 1 140 ? 1.763   -9.660  -2.366  0.50 27.46 ? 140 VAL A CG1 1 
ATOM   1077 C CG2 A VAL A 1 140 ? 2.375   -9.792  -1.717  0.50 23.51 ? 140 VAL A CG2 1 
ATOM   1078 C CG2 B VAL A 1 140 ? 4.079   -8.964  -1.802  0.50 28.72 ? 140 VAL A CG2 1 
ATOM   1079 N N   . LYS A 1 141 ? 4.204   -8.361  -5.879  1.00 27.57 ? 141 LYS A N   1 
ATOM   1080 C CA  . LYS A 1 141 ? 5.016   -7.309  -6.570  1.00 29.39 ? 141 LYS A CA  1 
ATOM   1081 C C   . LYS A 1 141 ? 4.175   -6.053  -6.669  1.00 30.01 ? 141 LYS A C   1 
ATOM   1082 O O   . LYS A 1 141 ? 2.959   -6.142  -6.864  1.00 31.49 ? 141 LYS A O   1 
ATOM   1083 C CB  . LYS A 1 141 ? 5.463   -7.748  -7.959  1.00 28.78 ? 141 LYS A CB  1 
ATOM   1084 C CG  . LYS A 1 141 ? 6.508   -8.849  -7.945  1.00 31.71 ? 141 LYS A CG  1 
ATOM   1085 C CD  . LYS A 1 141 ? 7.068   -9.107  -9.344  1.00 37.95 ? 141 LYS A CD  1 
ATOM   1086 C CE  . LYS A 1 141 ? 7.992   -10.306 -9.355  1.00 40.89 ? 141 LYS A CE  1 
ATOM   1087 N NZ  . LYS A 1 141 ? 8.326   -10.644 -10.771 1.00 45.47 ? 141 LYS A NZ  1 
ATOM   1088 N N   . CYS A 1 142 ? 4.811   -4.882  -6.489  1.00 28.69 ? 142 CYS A N   1 
ATOM   1089 C CA  . CYS A 1 142 ? 4.144   -3.606  -6.597  1.00 28.35 ? 142 CYS A CA  1 
ATOM   1090 C C   . CYS A 1 142 ? 4.760   -2.947  -7.805  1.00 28.33 ? 142 CYS A C   1 
ATOM   1091 O O   . CYS A 1 142 ? 5.983   -3.059  -8.018  1.00 27.80 ? 142 CYS A O   1 
ATOM   1092 C CB  . CYS A 1 142 ? 4.385   -2.729  -5.366  1.00 28.21 ? 142 CYS A CB  1 
ATOM   1093 S SG  . CYS A 1 142 ? 3.741   -3.448  -3.825  1.00 31.98 ? 142 CYS A SG  1 
ATOM   1094 N N   . TYR A 1 143 ? 3.902   -2.305  -8.593  1.00 28.69 ? 143 TYR A N   1 
ATOM   1095 C CA  . TYR A 1 143 ? 4.280   -1.700  -9.874  1.00 28.50 ? 143 TYR A CA  1 
ATOM   1096 C C   . TYR A 1 143 ? 3.833   -0.253  -9.978  1.00 29.65 ? 143 TYR A C   1 
ATOM   1097 O O   . TYR A 1 143 ? 2.839   0.146   -9.369  1.00 29.01 ? 143 TYR A O   1 
ATOM   1098 C CB  . TYR A 1 143 ? 3.582   -2.427  -11.021 1.00 28.87 ? 143 TYR A CB  1 
ATOM   1099 C CG  . TYR A 1 143 ? 3.959   -3.860  -11.216 1.00 29.61 ? 143 TYR A CG  1 
ATOM   1100 C CD1 . TYR A 1 143 ? 4.938   -4.206  -12.139 1.00 30.10 ? 143 TYR A CD1 1 
ATOM   1101 C CD2 . TYR A 1 143 ? 3.291   -4.880  -10.515 1.00 30.32 ? 143 TYR A CD2 1 
ATOM   1102 C CE1 . TYR A 1 143 ? 5.281   -5.532  -12.354 1.00 32.47 ? 143 TYR A CE1 1 
ATOM   1103 C CE2 . TYR A 1 143 ? 3.623   -6.216  -10.717 1.00 31.30 ? 143 TYR A CE2 1 
ATOM   1104 C CZ  . TYR A 1 143 ? 4.628   -6.523  -11.633 1.00 31.85 ? 143 TYR A CZ  1 
ATOM   1105 O OH  . TYR A 1 143 ? 4.975   -7.823  -11.862 1.00 33.55 ? 143 TYR A OH  1 
ATOM   1106 N N   . THR A 1 144 ? 4.556   0.537   -10.778 1.00 29.73 ? 144 THR A N   1 
ATOM   1107 C CA  . THR A 1 144 ? 3.968   1.741   -11.340 1.00 30.58 ? 144 THR A CA  1 
ATOM   1108 C C   . THR A 1 144 ? 4.064   1.513   -12.848 1.00 30.87 ? 144 THR A C   1 
ATOM   1109 O O   . THR A 1 144 ? 5.180   1.365   -13.409 1.00 29.92 ? 144 THR A O   1 
ATOM   1110 C CB  . THR A 1 144 ? 4.683   3.062   -10.894 1.00 31.27 ? 144 THR A CB  1 
ATOM   1111 O OG1 . THR A 1 144 ? 6.070   3.023   -11.288 1.00 33.34 ? 144 THR A OG1 1 
ATOM   1112 C CG2 . THR A 1 144 ? 4.586   3.273   -9.390  1.00 31.80 ? 144 THR A CG2 1 
ATOM   1113 N N   . GLY A 1 145 ? 2.906   1.423   -13.501 1.00 31.07 ? 145 GLY A N   1 
ATOM   1114 C CA  . GLY A 1 145 ? 2.847   0.992   -14.912 1.00 31.65 ? 145 GLY A CA  1 
ATOM   1115 C C   . GLY A 1 145 ? 3.413   -0.414  -15.037 1.00 31.98 ? 145 GLY A C   1 
ATOM   1116 O O   . GLY A 1 145 ? 2.936   -1.342  -14.378 1.00 32.41 ? 145 GLY A O   1 
ATOM   1117 N N   . ASP A 1 146 ? 4.466   -0.577  -15.843 1.00 31.92 ? 146 ASP A N   1 
ATOM   1118 C CA  . ASP A 1 146 ? 5.112   -1.886  -15.994 1.00 33.24 ? 146 ASP A CA  1 
ATOM   1119 C C   . ASP A 1 146 ? 6.371   -2.059  -15.135 1.00 32.67 ? 146 ASP A C   1 
ATOM   1120 O O   . ASP A 1 146 ? 6.995   -3.117  -15.147 1.00 33.28 ? 146 ASP A O   1 
ATOM   1121 C CB  . ASP A 1 146 ? 5.432   -2.173  -17.461 1.00 34.39 ? 146 ASP A CB  1 
ATOM   1122 C CG  . ASP A 1 146 ? 4.187   -2.495  -18.280 1.00 37.28 ? 146 ASP A CG  1 
ATOM   1123 O OD1 . ASP A 1 146 ? 3.242   -3.104  -17.723 1.00 41.93 ? 146 ASP A OD1 1 
ATOM   1124 O OD2 . ASP A 1 146 ? 4.160   -2.136  -19.474 1.00 40.83 ? 146 ASP A OD2 1 
ATOM   1125 N N   . LYS A 1 147 ? 6.732   -1.018  -14.393 1.00 31.50 ? 147 LYS A N   1 
ATOM   1126 C CA  . LYS A 1 147 ? 7.956   -1.012  -13.615 1.00 31.10 ? 147 LYS A CA  1 
ATOM   1127 C C   . LYS A 1 147 ? 7.751   -1.571  -12.197 1.00 29.75 ? 147 LYS A C   1 
ATOM   1128 O O   . LYS A 1 147 ? 6.920   -1.052  -11.458 1.00 28.83 ? 147 LYS A O   1 
ATOM   1129 C CB  . LYS A 1 147 ? 8.445   0.426   -13.496 1.00 31.39 ? 147 LYS A CB  1 
ATOM   1130 C CG  . LYS A 1 147 ? 9.759   0.561   -12.731 1.00 34.91 ? 147 LYS A CG  1 
ATOM   1131 C CD  . LYS A 1 147 ? 10.341  1.953   -12.872 1.00 39.80 ? 147 LYS A CD  1 
ATOM   1132 C CE  . LYS A 1 147 ? 9.505   2.984   -12.147 1.00 42.94 ? 147 LYS A CE  1 
ATOM   1133 N NZ  . LYS A 1 147 ? 9.950   4.351   -12.550 1.00 45.47 ? 147 LYS A NZ  1 
ATOM   1134 N N   . VAL A 1 148 ? 8.523   -2.594  -11.815 1.00 29.61 ? 148 VAL A N   1 
ATOM   1135 C CA  . VAL A 1 148 ? 8.489   -3.110  -10.424 1.00 28.29 ? 148 VAL A CA  1 
ATOM   1136 C C   . VAL A 1 148 ? 9.107   -2.079  -9.470  1.00 27.79 ? 148 VAL A C   1 
ATOM   1137 O O   . VAL A 1 148 ? 10.261  -1.616  -9.697  1.00 27.08 ? 148 VAL A O   1 
ATOM   1138 C CB  . VAL A 1 148 ? 9.226   -4.498  -10.271 1.00 29.45 ? 148 VAL A CB  1 
ATOM   1139 C CG1 . VAL A 1 148 ? 9.229   -4.994  -8.798  1.00 28.66 ? 148 VAL A CG1 1 
ATOM   1140 C CG2 . VAL A 1 148 ? 8.571   -5.561  -11.150 1.00 30.90 ? 148 VAL A CG2 1 
ATOM   1141 N N   . VAL A 1 149 ? 8.364   -1.705  -8.436  1.00 25.47 ? 149 VAL A N   1 
ATOM   1142 C CA  . VAL A 1 149 ? 8.856   -0.741  -7.448  1.00 26.17 ? 149 VAL A CA  1 
ATOM   1143 C C   . VAL A 1 149 ? 9.110   -1.408  -6.113  1.00 26.43 ? 149 VAL A C   1 
ATOM   1144 O O   . VAL A 1 149 ? 9.891   -0.906  -5.301  1.00 26.88 ? 149 VAL A O   1 
ATOM   1145 C CB  . VAL A 1 149 ? 7.951   0.529   -7.307  1.00 25.55 ? 149 VAL A CB  1 
ATOM   1146 C CG1 . VAL A 1 149 ? 7.987   1.367   -8.600  1.00 26.11 ? 149 VAL A CG1 1 
ATOM   1147 C CG2 . VAL A 1 149 ? 6.490   0.132   -6.867  1.00 25.81 ? 149 VAL A CG2 1 
ATOM   1148 N N   . ALA A 1 150 ? 8.467   -2.566  -5.879  1.00 26.96 ? 150 ALA A N   1 
ATOM   1149 C CA  . ALA A 1 150 ? 8.746   -3.357  -4.687  1.00 27.47 ? 150 ALA A CA  1 
ATOM   1150 C C   . ALA A 1 150 ? 8.370   -4.816  -4.926  1.00 27.60 ? 150 ALA A C   1 
ATOM   1151 O O   . ALA A 1 150 ? 7.467   -5.102  -5.721  1.00 28.04 ? 150 ALA A O   1 
ATOM   1152 C CB  . ALA A 1 150 ? 8.039   -2.793  -3.437  1.00 27.43 ? 150 ALA A CB  1 
ATOM   1153 N N   . GLU A 1 151 ? 9.093   -5.728  -4.293  1.00 27.93 ? 151 GLU A N   1 
ATOM   1154 C CA  . GLU A 1 151 ? 8.776   -7.152  -4.407  1.00 29.77 ? 151 GLU A CA  1 
ATOM   1155 C C   . GLU A 1 151 ? 9.021   -7.860  -3.096  1.00 28.54 ? 151 GLU A C   1 
ATOM   1156 O O   . GLU A 1 151 ? 9.950   -7.505  -2.347  1.00 27.34 ? 151 GLU A O   1 
ATOM   1157 C CB  . GLU A 1 151 ? 9.509   -7.840  -5.564  1.00 30.31 ? 151 GLU A CB  1 
ATOM   1158 C CG  . GLU A 1 151 ? 11.004  -7.739  -5.561  1.00 34.53 ? 151 GLU A CG  1 
ATOM   1159 C CD  . GLU A 1 151 ? 11.609  -8.059  -6.945  1.00 36.59 ? 151 GLU A CD  1 
ATOM   1160 O OE1 . GLU A 1 151 ? 12.673  -7.499  -7.259  1.00 44.29 ? 151 GLU A OE1 1 
ATOM   1161 O OE2 . GLU A 1 151 ? 11.002  -8.847  -7.725  1.00 44.55 ? 151 GLU A OE2 1 
ATOM   1162 N N   . GLY A 1 152 ? 8.223   -8.891  -2.816  1.00 26.41 ? 152 GLY A N   1 
ATOM   1163 C CA  . GLY A 1 152 ? 8.386   -9.557  -1.545  1.00 25.43 ? 152 GLY A CA  1 
ATOM   1164 C C   . GLY A 1 152 ? 7.304   -10.585 -1.307  1.00 25.11 ? 152 GLY A C   1 
ATOM   1165 O O   . GLY A 1 152 ? 6.676   -11.067 -2.246  1.00 25.43 ? 152 GLY A O   1 
ATOM   1166 N N   . VAL A 1 153 ? 7.087   -10.856 -0.042  1.00 25.99 ? 153 VAL A N   1 
ATOM   1167 C CA  A VAL A 1 153 ? 6.190   -11.946 0.390   0.50 25.41 ? 153 VAL A CA  1 
ATOM   1168 C CA  B VAL A 1 153 ? 6.155   -11.906 0.356   0.50 26.18 ? 153 VAL A CA  1 
ATOM   1169 C C   . VAL A 1 153 ? 5.467   -11.497 1.647   1.00 26.14 ? 153 VAL A C   1 
ATOM   1170 O O   . VAL A 1 153 ? 6.086   -10.858 2.540   1.00 27.14 ? 153 VAL A O   1 
ATOM   1171 C CB  A VAL A 1 153 ? 6.987   -13.193 0.803   0.50 25.09 ? 153 VAL A CB  1 
ATOM   1172 C CB  B VAL A 1 153 ? 6.894   -13.247 0.545   0.50 26.01 ? 153 VAL A CB  1 
ATOM   1173 C CG1 A VAL A 1 153 ? 6.018   -14.372 1.156   0.50 21.62 ? 153 VAL A CG1 1 
ATOM   1174 C CG1 B VAL A 1 153 ? 7.328   -13.823 -0.794  0.50 27.08 ? 153 VAL A CG1 1 
ATOM   1175 C CG2 A VAL A 1 153 ? 8.018   -13.597 -0.263  0.50 25.76 ? 153 VAL A CG2 1 
ATOM   1176 C CG2 B VAL A 1 153 ? 8.096   -13.113 1.468   0.50 26.40 ? 153 VAL A CG2 1 
ATOM   1177 N N   . VAL A 1 154 ? 4.187   -11.847 1.770   1.00 26.14 ? 154 VAL A N   1 
ATOM   1178 C CA  . VAL A 1 154 ? 3.521   -11.611 3.039   1.00 25.39 ? 154 VAL A CA  1 
ATOM   1179 C C   . VAL A 1 154 ? 2.885   -12.934 3.476   1.00 26.32 ? 154 VAL A C   1 
ATOM   1180 O O   . VAL A 1 154 ? 2.649   -13.815 2.631   1.00 26.62 ? 154 VAL A O   1 
ATOM   1181 C CB  . VAL A 1 154 ? 2.443   -10.486 2.978   1.00 26.14 ? 154 VAL A CB  1 
ATOM   1182 C CG1 . VAL A 1 154 ? 3.068   -9.117  2.592   1.00 28.14 ? 154 VAL A CG1 1 
ATOM   1183 C CG2 . VAL A 1 154 ? 1.293   -10.824 2.010   1.00 28.63 ? 154 VAL A CG2 1 
ATOM   1184 N N   . LYS A 1 155 ? 2.653   -13.045 4.770   1.00 26.24 ? 155 LYS A N   1 
ATOM   1185 C CA  . LYS A 1 155 ? 1.896   -14.189 5.333   1.00 26.47 ? 155 LYS A CA  1 
ATOM   1186 C C   . LYS A 1 155 ? 0.739   -13.584 6.106   1.00 26.44 ? 155 LYS A C   1 
ATOM   1187 O O   . LYS A 1 155 ? 0.903   -12.611 6.871   1.00 25.27 ? 155 LYS A O   1 
ATOM   1188 C CB  . LYS A 1 155 ? 2.766   -15.055 6.233   1.00 25.42 ? 155 LYS A CB  1 
ATOM   1189 C CG  . LYS A 1 155 ? 2.039   -16.383 6.734   1.00 27.86 ? 155 LYS A CG  1 
ATOM   1190 C CD  . LYS A 1 155 ? 3.000   -17.308 7.514   1.00 30.54 ? 155 LYS A CD  1 
ATOM   1191 C CE  . LYS A 1 155 ? 4.261   -17.624 6.685   1.00 38.27 ? 155 LYS A CE  1 
ATOM   1192 N NZ  . LYS A 1 155 ? 4.995   -18.786 7.319   1.00 41.92 ? 155 LYS A NZ  1 
ATOM   1193 N N   . VAL A 1 156 ? -0.460  -14.128 5.882   1.00 26.42 ? 156 VAL A N   1 
ATOM   1194 C CA  . VAL A 1 156 ? -1.593  -13.652 6.632   1.00 26.55 ? 156 VAL A CA  1 
ATOM   1195 C C   . VAL A 1 156 ? -2.317  -14.858 7.266   1.00 27.75 ? 156 VAL A C   1 
ATOM   1196 O O   . VAL A 1 156 ? -2.204  -15.972 6.766   1.00 26.28 ? 156 VAL A O   1 
ATOM   1197 C CB  . VAL A 1 156 ? -2.601  -12.866 5.761   1.00 26.51 ? 156 VAL A CB  1 
ATOM   1198 C CG1 . VAL A 1 156 ? -1.987  -11.594 5.174   1.00 29.17 ? 156 VAL A CG1 1 
ATOM   1199 C CG2 . VAL A 1 156 ? -3.200  -13.741 4.615   1.00 29.09 ? 156 VAL A CG2 1 
ATOM   1200 N N   . LEU A 1 157 ? -3.012  -14.572 8.352   1.00 27.60 ? 157 LEU A N   1 
ATOM   1201 C CA  . LEU A 1 157 ? -3.947  -15.508 9.013   1.00 30.21 ? 157 LEU A CA  1 
ATOM   1202 C C   . LEU A 1 157 ? -5.336  -15.136 8.548   1.00 29.91 ? 157 LEU A C   1 
ATOM   1203 O O   . LEU A 1 157 ? -5.662  -13.943 8.513   1.00 29.77 ? 157 LEU A O   1 
ATOM   1204 C CB  . LEU A 1 157 ? -3.870  -15.252 10.514  1.00 31.57 ? 157 LEU A CB  1 
ATOM   1205 C CG  . LEU A 1 157 ? -3.319  -16.290 11.460  1.00 38.49 ? 157 LEU A CG  1 
ATOM   1206 C CD1 . LEU A 1 157 ? -3.667  -15.847 12.873  1.00 39.88 ? 157 LEU A CD1 1 
ATOM   1207 C CD2 . LEU A 1 157 ? -4.001  -17.602 11.169  1.00 40.60 ? 157 LEU A CD2 1 
ATOM   1208 N N   . ILE A 1 158 ? -6.173  -16.123 8.196   1.00 29.54 ? 158 ILE A N   1 
ATOM   1209 C CA  . ILE A 1 158 ? -7.509  -15.797 7.733   1.00 30.47 ? 158 ILE A CA  1 
ATOM   1210 C C   . ILE A 1 158 ? -8.509  -16.650 8.532   1.00 30.92 ? 158 ILE A C   1 
ATOM   1211 O O   . ILE A 1 158 ? -8.397  -17.880 8.586   1.00 30.13 ? 158 ILE A O   1 
ATOM   1212 C CB  . ILE A 1 158 ? -7.676  -15.960 6.185   1.00 30.50 ? 158 ILE A CB  1 
ATOM   1213 C CG1 . ILE A 1 158 ? -6.643  -15.130 5.419   1.00 32.57 ? 158 ILE A CG1 1 
ATOM   1214 C CG2 . ILE A 1 158 ? -9.080  -15.528 5.751   1.00 33.24 ? 158 ILE A CG2 1 
ATOM   1215 C CD1 . ILE A 1 158 ? -6.791  -15.231 3.882   1.00 33.05 ? 158 ILE A CD1 1 
ATOM   1216 N N   . TRP A 1 159 ? -9.418  -15.957 9.199   1.00 31.40 ? 159 TRP A N   1 
ATOM   1217 C CA  . TRP A 1 159 ? -10.437 -16.584 10.054  1.00 33.42 ? 159 TRP A CA  1 
ATOM   1218 C C   . TRP A 1 159 ? -11.735 -16.613 9.271   1.00 32.92 ? 159 TRP A C   1 
ATOM   1219 O O   . TRP A 1 159 ? -12.109 -15.668 8.592   1.00 31.63 ? 159 TRP A O   1 
ATOM   1220 C CB  . TRP A 1 159 ? -10.607 -15.768 11.332  1.00 34.75 ? 159 TRP A CB  1 
ATOM   1221 C CG  . TRP A 1 159 ? -9.430  -15.816 12.273  1.00 36.64 ? 159 TRP A CG  1 
ATOM   1222 C CD1 . TRP A 1 159 ? -8.655  -16.904 12.561  1.00 39.28 ? 159 TRP A CD1 1 
ATOM   1223 C CD2 . TRP A 1 159 ? -8.925  -14.738 13.084  1.00 39.96 ? 159 TRP A CD2 1 
ATOM   1224 N NE1 . TRP A 1 159 ? -7.673  -16.564 13.464  1.00 41.20 ? 159 TRP A NE1 1 
ATOM   1225 C CE2 . TRP A 1 159 ? -7.821  -15.247 13.814  1.00 40.01 ? 159 TRP A CE2 1 
ATOM   1226 C CE3 . TRP A 1 159 ? -9.290  -13.386 13.253  1.00 40.15 ? 159 TRP A CE3 1 
ATOM   1227 C CZ2 . TRP A 1 159 ? -7.075  -14.453 14.716  1.00 38.03 ? 159 TRP A CZ2 1 
ATOM   1228 C CZ3 . TRP A 1 159 ? -8.557  -12.597 14.160  1.00 39.12 ? 159 TRP A CZ3 1 
ATOM   1229 C CH2 . TRP A 1 159 ? -7.462  -13.142 14.882  1.00 37.68 ? 159 TRP A CH2 1 
ATOM   1230 O OXT . TRP A 1 159 ? -12.485 -17.600 9.289   1.00 35.66 ? 159 TRP A OXT 1 
HETATM 1231 O O   . HOH B 2 .   ? 11.627  3.567   -2.754  1.00 35.50 ? 160 HOH A O   1 
HETATM 1232 O O   . HOH B 2 .   ? 11.705  5.468   2.279   1.00 19.07 ? 161 HOH A O   1 
HETATM 1233 O O   . HOH B 2 .   ? 9.511   4.260   4.233   1.00 20.04 ? 162 HOH A O   1 
HETATM 1234 O O   . HOH B 2 .   ? 9.664   5.531   -3.284  1.00 20.95 ? 163 HOH A O   1 
HETATM 1235 O O   . HOH B 2 .   ? 9.942   1.621   -4.089  1.00 24.80 ? 164 HOH A O   1 
HETATM 1236 O O   . HOH B 2 .   ? 8.184   3.317   -2.702  1.00 24.12 ? 165 HOH A O   1 
HETATM 1237 O O   . HOH B 2 .   ? 11.967  7.945   5.244   1.00 23.73 ? 166 HOH A O   1 
HETATM 1238 O O   . HOH B 2 .   ? 7.974   13.138  -6.825  1.00 24.55 ? 167 HOH A O   1 
HETATM 1239 O O   . HOH B 2 .   ? -0.812  -7.507  12.130  1.00 27.90 ? 168 HOH A O   1 
HETATM 1240 O O   . HOH B 2 .   ? 1.478   -20.527 4.437   1.00 27.21 ? 169 HOH A O   1 
HETATM 1241 O O   . HOH B 2 .   ? 11.351  7.744   -11.407 1.00 30.55 ? 170 HOH A O   1 
HETATM 1242 O O   . HOH B 2 .   ? 14.024  7.284   -11.213 1.00 30.49 ? 171 HOH A O   1 
HETATM 1243 O O   . HOH B 2 .   ? -8.016  -1.726  -7.363  1.00 29.69 ? 172 HOH A O   1 
HETATM 1244 O O   . HOH B 2 .   ? 0.436   1.887   -12.202 1.00 33.19 ? 173 HOH A O   1 
HETATM 1245 O O   . HOH B 2 .   ? -2.910  15.696  -2.502  1.00 34.08 ? 174 HOH A O   1 
HETATM 1246 O O   . HOH B 2 .   ? -9.048  5.210   0.539   1.00 31.93 ? 175 HOH A O   1 
HETATM 1247 O O   . HOH B 2 .   ? -1.747  0.149   -12.645 1.00 33.17 ? 176 HOH A O   1 
HETATM 1248 O O   . HOH B 2 .   ? 13.544  17.182  -10.010 1.00 33.79 ? 177 HOH A O   1 
HETATM 1249 O O   . HOH B 2 .   ? 3.597   11.226  -10.772 1.00 35.51 ? 178 HOH A O   1 
HETATM 1250 O O   . HOH B 2 .   ? 6.308   -14.831 5.128   1.00 39.57 ? 179 HOH A O   1 
HETATM 1251 O O   . HOH B 2 .   ? -8.107  -9.081  -8.258  1.00 37.56 ? 180 HOH A O   1 
HETATM 1252 O O   . HOH B 2 .   ? 4.914   -1.705  4.534   1.00 35.47 ? 181 HOH A O   1 
HETATM 1253 O O   . HOH B 2 .   ? 12.500  -1.745  -11.078 1.00 34.13 ? 182 HOH A O   1 
HETATM 1254 O O   . HOH B 2 .   ? 18.555  -4.271  -1.537  1.00 38.53 ? 183 HOH A O   1 
HETATM 1255 O O   . HOH B 2 .   ? 1.182   6.251   -12.366 1.00 36.75 ? 184 HOH A O   1 
HETATM 1256 O O   . HOH B 2 .   ? 10.647  -3.544  -13.693 1.00 36.64 ? 185 HOH A O   1 
HETATM 1257 O O   . HOH B 2 .   ? -6.582  5.918   -6.432  1.00 39.24 ? 186 HOH A O   1 
HETATM 1258 O O   . HOH B 2 .   ? 2.844   -20.903 7.088   1.00 42.36 ? 187 HOH A O   1 
HETATM 1259 O O   . HOH B 2 .   ? 11.964  -9.316  -1.246  1.00 40.01 ? 188 HOH A O   1 
HETATM 1260 O O   . HOH B 2 .   ? -10.335 -8.946  5.830   1.00 39.05 ? 189 HOH A O   1 
HETATM 1261 O O   . HOH B 2 .   ? -0.403  14.137  -6.741  1.00 38.76 ? 190 HOH A O   1 
HETATM 1262 O O   . HOH B 2 .   ? 11.537  17.433  7.877   1.00 43.51 ? 191 HOH A O   1 
HETATM 1263 O O   . HOH B 2 .   ? 7.407   -11.489 -5.469  1.00 42.84 ? 192 HOH A O   1 
HETATM 1264 O O   . HOH B 2 .   ? 3.018   -11.268 -7.956  1.00 42.62 ? 193 HOH A O   1 
HETATM 1265 O O   . HOH B 2 .   ? -7.292  -23.464 5.180   1.00 42.27 ? 194 HOH A O   1 
HETATM 1266 O O   . HOH B 2 .   ? 3.426   -9.711  -10.620 1.00 42.89 ? 195 HOH A O   1 
HETATM 1267 O O   . HOH B 2 .   ? 1.334   -20.297 -6.625  1.00 44.93 ? 196 HOH A O   1 
HETATM 1268 O O   . HOH B 2 .   ? 7.725   5.034   -10.272 1.00 43.99 ? 197 HOH A O   1 
HETATM 1269 O O   . HOH B 2 .   ? 5.498   1.332   -17.428 1.00 41.73 ? 198 HOH A O   1 
HETATM 1270 O O   . HOH B 2 .   ? 11.304  23.142  -2.137  1.00 44.68 ? 199 HOH A O   1 
HETATM 1271 O O   . HOH B 2 .   ? 7.259   7.546   -11.890 1.00 45.83 ? 200 HOH A O   1 
HETATM 1272 O O   . HOH B 2 .   ? 4.015   0.877   6.913   0.50 25.02 ? 201 HOH A O   1 
HETATM 1273 O O   . HOH B 2 .   ? 8.134   -13.033 -3.984  1.00 49.08 ? 202 HOH A O   1 
HETATM 1274 O O   . HOH B 2 .   ? -7.122  -16.407 -9.387  1.00 42.93 ? 203 HOH A O   1 
HETATM 1275 O O   . HOH B 2 .   ? 20.733  14.965  -8.387  1.00 44.92 ? 204 HOH A O   1 
HETATM 1276 O O   . HOH B 2 .   ? 16.928  12.237  4.983   1.00 43.50 ? 205 HOH A O   1 
HETATM 1277 O O   . HOH B 2 .   ? 22.236  11.790  -2.673  1.00 42.71 ? 206 HOH A O   1 
HETATM 1278 O O   . HOH B 2 .   ? -11.716 -17.121 3.572   1.00 47.44 ? 207 HOH A O   1 
HETATM 1279 O O   . HOH B 2 .   ? -7.494  -22.545 1.034   1.00 48.49 ? 208 HOH A O   1 
HETATM 1280 O O   . HOH B 2 .   ? 19.638  3.698   -5.165  1.00 45.50 ? 209 HOH A O   1 
HETATM 1281 O O   . HOH B 2 .   ? 19.812  17.205  -0.748  1.00 46.50 ? 210 HOH A O   1 
HETATM 1282 O O   . HOH B 2 .   ? -2.760  -20.912 12.106  1.00 45.71 ? 211 HOH A O   1 
HETATM 1283 O O   . HOH B 2 .   ? -8.993  -4.313  -6.680  1.00 48.59 ? 212 HOH A O   1 
HETATM 1284 O O   . HOH B 2 .   ? 4.721   -21.398 2.223   1.00 47.14 ? 213 HOH A O   1 
HETATM 1285 O O   . HOH B 2 .   ? -2.108  -10.715 -9.625  1.00 47.15 ? 214 HOH A O   1 
HETATM 1286 O O   . HOH B 2 .   ? -15.325 3.539   18.092  1.00 46.81 ? 215 HOH A O   1 
HETATM 1287 O O   . HOH B 2 .   ? -1.539  -18.618 -10.417 1.00 45.39 ? 216 HOH A O   1 
HETATM 1288 O O   . HOH B 2 .   ? -12.802 -10.423 -6.990  1.00 52.51 ? 217 HOH A O   1 
HETATM 1289 O O   . HOH B 2 .   ? 17.119  -1.706  -7.746  1.00 45.26 ? 218 HOH A O   1 
HETATM 1290 O O   . HOH B 2 .   ? -12.332 -3.222  -3.073  1.00 51.38 ? 219 HOH A O   1 
HETATM 1291 O O   . HOH B 2 .   ? -0.809  -12.219 -9.590  1.00 45.37 ? 220 HOH A O   1 
HETATM 1292 O O   . HOH B 2 .   ? 10.772  -11.622 0.133   1.00 48.03 ? 221 HOH A O   1 
HETATM 1293 O O   . HOH B 2 .   ? -9.255  -11.783 -7.209  1.00 48.95 ? 222 HOH A O   1 
HETATM 1294 O O   . HOH B 2 .   ? 5.822   -18.421 9.459   1.00 51.51 ? 223 HOH A O   1 
HETATM 1295 O O   . HOH B 2 .   ? 11.199  5.193   -10.399 1.00 50.06 ? 224 HOH A O   1 
HETATM 1296 O O   . HOH B 2 .   ? 16.942  -2.451  -3.074  1.00 48.74 ? 225 HOH A O   1 
HETATM 1297 O O   . HOH B 2 .   ? -13.129 -23.835 1.255   1.00 50.35 ? 226 HOH A O   1 
HETATM 1298 O O   . HOH B 2 .   ? -5.008  8.573   -3.034  1.00 46.63 ? 227 HOH A O   1 
HETATM 1299 O O   . HOH B 2 .   ? 5.785   -19.381 4.426   1.00 46.81 ? 228 HOH A O   1 
HETATM 1300 O O   . HOH B 2 .   ? 13.888  -9.288  -3.748  1.00 52.34 ? 229 HOH A O   1 
HETATM 1301 O O   . HOH B 2 .   ? 6.246   -17.376 -1.479  1.00 50.24 ? 230 HOH A O   1 
HETATM 1302 O O   . HOH B 2 .   ? 18.569  7.399   -9.256  1.00 51.40 ? 231 HOH A O   1 
HETATM 1303 O O   . HOH B 2 .   ? -17.449 5.318   9.001   1.00 49.72 ? 232 HOH A O   1 
HETATM 1304 O O   . HOH B 2 .   ? -10.388 -19.227 -6.838  1.00 48.97 ? 233 HOH A O   1 
HETATM 1305 O O   . HOH B 2 .   ? -6.425  3.663   -10.280 1.00 52.46 ? 234 HOH A O   1 
HETATM 1306 O O   . HOH B 2 .   ? -0.242  8.560   -12.351 1.00 53.00 ? 235 HOH A O   1 
HETATM 1307 O O   . HOH B 2 .   ? -18.014 4.237   15.905  1.00 49.32 ? 236 HOH A O   1 
HETATM 1308 O O   . HOH B 2 .   ? 8.479   21.428  -1.524  1.00 54.62 ? 237 HOH A O   1 
HETATM 1309 O O   . HOH B 2 .   ? -15.650 -12.094 3.284   1.00 51.18 ? 238 HOH A O   1 
HETATM 1310 O O   . HOH B 2 .   ? 13.476  3.862   -11.777 1.00 56.04 ? 239 HOH A O   1 
HETATM 1311 O O   . HOH B 2 .   ? -14.560 3.845   1.770   1.00 55.29 ? 240 HOH A O   1 
HETATM 1312 O O   . HOH B 2 .   ? 12.884  -8.785  1.257   1.00 53.42 ? 241 HOH A O   1 
HETATM 1313 O O   . HOH B 2 .   ? -15.564 1.470   1.754   1.00 57.43 ? 242 HOH A O   1 
HETATM 1314 O O   . HOH B 2 .   ? -9.778  -19.322 6.830   1.00 53.88 ? 243 HOH A O   1 
HETATM 1315 O O   . HOH B 2 .   ? 5.145   14.416  11.891  1.00 55.00 ? 244 HOH A O   1 
HETATM 1316 O O   . HOH B 2 .   ? -17.466 -6.596  -0.173  1.00 57.49 ? 245 HOH A O   1 
HETATM 1317 O O   . HOH B 2 .   ? -14.996 -13.411 8.352   1.00 55.60 ? 246 HOH A O   1 
HETATM 1318 O O   . HOH B 2 .   ? -2.001  -6.824  -14.248 1.00 58.63 ? 247 HOH A O   1 
HETATM 1319 O O   . HOH B 2 .   ? 15.804  -1.675  -12.804 1.00 86.42 ? 248 HOH A O   1 
HETATM 1320 O O   . HOH B 2 .   ? -11.473 -0.662  -4.189  1.00 54.40 ? 249 HOH A O   1 
HETATM 1321 O O   . HOH B 2 .   ? -14.108 -17.129 7.088   1.00 55.95 ? 250 HOH A O   1 
HETATM 1322 O O   . HOH B 2 .   ? -7.575  -2.911  -9.361  1.00 52.91 ? 251 HOH A O   1 
HETATM 1323 O O   . HOH B 2 .   ? -2.178  -3.421  -15.384 1.00 58.75 ? 252 HOH A O   1 
HETATM 1324 O O   . HOH B 2 .   ? 3.283   -5.604  -15.637 1.00 57.46 ? 253 HOH A O   1 
HETATM 1325 O O   . HOH B 2 .   ? 1.758   11.504  -12.599 1.00 56.90 ? 254 HOH A O   1 
HETATM 1326 O O   . HOH B 2 .   ? -12.089 -19.187 0.400   1.00 52.78 ? 255 HOH A O   1 
HETATM 1327 O O   . HOH B 2 .   ? 7.219   -8.662  -12.917 1.00 54.02 ? 256 HOH A O   1 
HETATM 1328 O O   . HOH B 2 .   ? -5.717  -18.843 14.060  1.00 58.46 ? 257 HOH A O   1 
HETATM 1329 O O   . HOH B 2 .   ? 8.400   14.027  12.643  1.00 59.31 ? 258 HOH A O   1 
HETATM 1330 O O   . HOH B 2 .   ? -14.747 -16.986 -0.959  1.00 57.30 ? 259 HOH A O   1 
HETATM 1331 O O   . HOH B 2 .   ? -14.846 -16.286 9.309   1.00 61.50 ? 260 HOH A O   1 
HETATM 1332 O O   . HOH B 2 .   ? -14.065 -1.469  -4.725  1.00 70.44 ? 261 HOH A O   1 
HETATM 1333 O O   . HOH B 2 .   ? -17.450 12.365  4.549   1.00 58.39 ? 262 HOH A O   1 
HETATM 1334 O O   . HOH B 2 .   ? -16.370 -3.913  5.730   1.00 42.09 ? 263 HOH A O   1 
HETATM 1335 O O   . HOH B 2 .   ? -15.670 -6.491  5.342   1.00 44.76 ? 264 HOH A O   1 
HETATM 1336 O O   . HOH B 2 .   ? -5.267  -3.077  -10.448 1.00 47.64 ? 265 HOH A O   1 
HETATM 1337 O O   . HOH B 2 .   ? 10.825  18.679  4.775   1.00 48.59 ? 266 HOH A O   1 
HETATM 1338 O O   . HOH B 2 .   ? 12.360  17.957  -7.102  1.00 31.63 ? 267 HOH A O   1 
HETATM 1339 O O   . HOH B 2 .   ? 11.649  20.123  -8.768  1.00 44.86 ? 268 HOH A O   1 
HETATM 1340 O O   . HOH B 2 .   ? 3.804   19.091  -4.781  1.00 38.27 ? 269 HOH A O   1 
HETATM 1341 O O   . HOH B 2 .   ? 7.265   -12.352 4.702   1.00 30.52 ? 270 HOH A O   1 
HETATM 1342 O O   . HOH B 2 .   ? -15.631 -15.918 4.070   1.00 58.23 ? 271 HOH A O   1 
HETATM 1343 O O   . HOH B 2 .   ? 16.802  1.800   -9.486  1.00 47.70 ? 272 HOH A O   1 
HETATM 1344 O O   . HOH B 2 .   ? 16.702  0.285   -11.598 1.00 54.53 ? 273 HOH A O   1 
HETATM 1345 O O   . HOH B 2 .   ? 16.756  3.551   -8.040  1.00 39.21 ? 274 HOH A O   1 
HETATM 1346 O O   . HOH B 2 .   ? 16.046  1.474   -4.843  1.00 49.47 ? 275 HOH A O   1 
HETATM 1347 O O   . HOH B 2 .   ? 14.565  2.484   -4.613  1.00 15.52 ? 276 HOH A O   1 
# 
